data_4ZXC
#
_entry.id   4ZXC
#
_cell.length_a   76.837
_cell.length_b   181.743
_cell.length_c   186.863
_cell.angle_alpha   90.00
_cell.angle_beta   90.00
_cell.angle_gamma   90.00
#
_symmetry.space_group_name_H-M   'P 21 21 21'
#
loop_
_entity.id
_entity.type
_entity.pdbx_description
1 polymer 'Hydroquinone dioxygenase small subunit'
2 polymer 'Hydroquinone dioxygenase large subunit'
3 non-polymer 'FE (III) ION'
4 water water
#
loop_
_entity_poly.entity_id
_entity_poly.type
_entity_poly.pdbx_seq_one_letter_code
_entity_poly.pdbx_strand_id
1 'polypeptide(L)'
;GPGSMSNVAVNTVFASLDNFRKGTVEIISGEARHYAFSNIFEVAQNSKPYEKVVVGLNLGYVVETLRAEGQSPWFTAAHD
EFAIVMDGEVRVEFLKLDAPSKHGEGTHLAGELPVGKPMGYVLLKRGHQCLLPAGSAYRFEASRPGVILQQTIKGPLSVE
KWAEICLK
;
A,D,C,B
2 'polypeptide(L)'
;MAMLESAVDSAAFADDDVQASPPHAVTGYRSFQLGAFELSRDEYFARITWPAKGETRSHLIPADIFLRAMMRDVAWGFFY
GWVNFDHVIGTRNYYGKVDLYAGTFNGTLKAAGVNYTENFETPLIMATFKAILRDWTNATFDPFAAPEETGSAFGRKNGE
NLECIERFRIATKRMPGLQDDSPLRNDLPVNRQFADVSQDEPEVHAAEGFEGELHAFSLFKYLSRSDVTWNPSVTSVCKA
SLFCPTTEEFILPVFHGNDRVEWFIQMSDEIVWDVGDKDDGNPRARITMRAGDVCAMPADIRHQGYSTKRSMLMVWENAT
PNLPHLYESGELKPYPIEF
;
W,Z,Y,X
#
loop_
_chem_comp.id
_chem_comp.type
_chem_comp.name
_chem_comp.formula
FE non-polymer 'FE (III) ION' 'Fe 3'
#
# COMPACT_ATOMS: atom_id res chain seq x y z
N SER A 6 -26.72 -12.76 -45.77
CA SER A 6 -27.33 -14.09 -45.69
C SER A 6 -27.47 -14.55 -44.24
N ASN A 7 -26.36 -14.53 -43.49
CA ASN A 7 -26.42 -14.82 -42.06
C ASN A 7 -26.47 -13.52 -41.28
N VAL A 8 -27.45 -13.47 -40.38
CA VAL A 8 -27.75 -12.29 -39.59
C VAL A 8 -27.77 -12.70 -38.13
N ALA A 9 -27.47 -13.98 -37.90
CA ALA A 9 -27.52 -14.57 -36.57
C ALA A 9 -26.42 -14.07 -35.65
N VAL A 10 -26.83 -13.49 -34.53
CA VAL A 10 -25.91 -13.05 -33.51
C VAL A 10 -25.61 -14.24 -32.61
N ASN A 11 -24.34 -14.48 -32.35
CA ASN A 11 -23.92 -15.58 -31.50
C ASN A 11 -22.85 -15.10 -30.53
N THR A 12 -23.27 -14.85 -29.29
CA THR A 12 -22.37 -14.38 -28.26
C THR A 12 -21.77 -15.59 -27.65
N VAL A 13 -20.45 -15.65 -27.59
CA VAL A 13 -19.82 -16.87 -27.11
C VAL A 13 -19.43 -16.92 -25.65
N PHE A 14 -20.06 -17.83 -24.92
CA PHE A 14 -19.69 -18.11 -23.56
C PHE A 14 -19.09 -19.48 -23.45
N ALA A 15 -18.19 -19.65 -22.50
CA ALA A 15 -17.58 -20.93 -22.30
C ALA A 15 -18.33 -21.62 -21.16
N SER A 16 -17.90 -22.84 -20.87
CA SER A 16 -18.40 -23.61 -19.73
C SER A 16 -17.41 -24.71 -19.40
N LEU A 17 -17.68 -25.47 -18.35
CA LEU A 17 -16.80 -26.54 -17.92
C LEU A 17 -16.70 -27.65 -18.97
N ASP A 18 -17.78 -27.83 -19.74
CA ASP A 18 -17.87 -28.91 -20.72
C ASP A 18 -17.27 -28.52 -22.05
N ASN A 19 -17.06 -27.22 -22.22
CA ASN A 19 -16.82 -26.66 -23.53
C ASN A 19 -16.13 -25.33 -23.39
N PHE A 20 -14.80 -25.33 -23.39
CA PHE A 20 -14.03 -24.09 -23.28
C PHE A 20 -12.81 -24.19 -24.17
N ARG A 21 -12.33 -23.06 -24.64
CA ARG A 21 -11.11 -23.06 -25.42
C ARG A 21 -10.20 -21.98 -24.88
N LYS A 22 -9.11 -22.43 -24.28
CA LYS A 22 -8.12 -21.54 -23.70
C LYS A 22 -7.57 -20.65 -24.80
N GLY A 23 -7.28 -19.39 -24.49
CA GLY A 23 -6.73 -18.47 -25.47
C GLY A 23 -5.27 -18.79 -25.71
N THR A 24 -4.54 -17.87 -26.34
CA THR A 24 -3.12 -18.10 -26.59
C THR A 24 -2.24 -16.88 -26.33
N VAL A 25 -1.10 -17.09 -25.70
CA VAL A 25 -0.13 -16.01 -25.61
C VAL A 25 1.00 -16.25 -26.60
N GLU A 26 1.09 -15.39 -27.61
CA GLU A 26 2.22 -15.48 -28.56
C GLU A 26 3.40 -14.60 -28.12
N ILE A 27 4.51 -15.23 -27.77
CA ILE A 27 5.66 -14.47 -27.31
C ILE A 27 6.61 -14.11 -28.46
N ILE A 28 7.07 -12.86 -28.44
CA ILE A 28 7.97 -12.33 -29.48
C ILE A 28 9.34 -11.97 -28.90
N SER A 29 9.32 -11.53 -27.64
CA SER A 29 10.51 -11.37 -26.81
C SER A 29 9.98 -11.40 -25.40
N GLY A 30 10.59 -12.17 -24.51
CA GLY A 30 10.16 -12.18 -23.12
C GLY A 30 9.70 -13.53 -22.62
N GLU A 31 8.76 -13.54 -21.70
CA GLU A 31 8.32 -14.80 -21.06
C GLU A 31 6.82 -14.84 -20.76
N ALA A 32 6.16 -15.91 -21.20
CA ALA A 32 4.73 -16.08 -20.99
C ALA A 32 4.31 -16.07 -19.52
N ARG A 33 5.23 -16.44 -18.64
CA ARG A 33 4.92 -16.49 -17.21
C ARG A 33 4.64 -15.09 -16.65
N HIS A 34 5.21 -14.09 -17.29
CA HIS A 34 5.02 -12.71 -16.89
C HIS A 34 3.53 -12.24 -16.96
N TYR A 35 2.67 -13.02 -17.63
CA TYR A 35 1.27 -12.62 -17.84
C TYR A 35 0.28 -13.43 -17.03
N ALA A 36 0.77 -14.35 -16.22
CA ALA A 36 -0.10 -15.15 -15.38
C ALA A 36 -1.36 -15.55 -16.14
N PHE A 37 -1.17 -16.14 -17.32
CA PHE A 37 -2.29 -16.44 -18.19
C PHE A 37 -2.95 -17.81 -17.89
N SER A 38 -4.23 -17.79 -17.55
CA SER A 38 -4.98 -19.01 -17.24
C SER A 38 -6.44 -18.89 -17.67
N ASN A 39 -7.15 -20.00 -17.73
CA ASN A 39 -8.56 -19.95 -18.06
C ASN A 39 -9.35 -20.42 -16.84
N ILE A 40 -10.43 -19.74 -16.49
CA ILE A 40 -11.14 -20.11 -15.28
C ILE A 40 -11.74 -21.49 -15.41
N PHE A 41 -12.20 -21.81 -16.62
CA PHE A 41 -12.87 -23.08 -16.89
C PHE A 41 -11.89 -24.24 -16.93
N GLU A 42 -10.65 -23.97 -17.29
CA GLU A 42 -9.67 -25.03 -17.23
C GLU A 42 -9.28 -25.23 -15.79
N VAL A 43 -9.50 -24.20 -14.97
CA VAL A 43 -9.08 -24.26 -13.58
C VAL A 43 -10.10 -25.03 -12.75
N ALA A 44 -11.37 -24.71 -12.89
CA ALA A 44 -12.42 -25.42 -12.18
C ALA A 44 -12.52 -26.89 -12.59
N GLN A 45 -12.27 -27.17 -13.86
CA GLN A 45 -12.22 -28.54 -14.34
C GLN A 45 -11.13 -29.34 -13.66
N ASN A 46 -10.13 -28.70 -13.06
CA ASN A 46 -9.02 -29.45 -12.48
C ASN A 46 -8.81 -29.19 -10.99
N SER A 47 -9.90 -28.94 -10.25
CA SER A 47 -9.85 -28.54 -8.83
C SER A 47 -10.92 -29.25 -8.00
N LYS A 48 -10.69 -29.36 -6.68
CA LYS A 48 -11.63 -30.01 -5.78
C LYS A 48 -12.83 -29.08 -5.53
N PRO A 49 -14.00 -29.65 -5.21
CA PRO A 49 -15.18 -28.82 -4.95
C PRO A 49 -14.97 -27.71 -3.92
N TYR A 50 -15.21 -26.48 -4.35
CA TYR A 50 -15.02 -25.27 -3.53
C TYR A 50 -13.62 -25.02 -3.01
N GLU A 51 -12.61 -25.59 -3.68
CA GLU A 51 -11.25 -25.11 -3.48
C GLU A 51 -11.24 -23.72 -4.09
N LYS A 52 -10.96 -22.74 -3.26
CA LYS A 52 -10.87 -21.37 -3.72
C LYS A 52 -9.52 -21.15 -4.41
N VAL A 53 -9.47 -21.34 -5.73
CA VAL A 53 -8.22 -21.13 -6.43
C VAL A 53 -8.02 -19.66 -6.76
N VAL A 54 -6.81 -19.17 -6.55
CA VAL A 54 -6.48 -17.76 -6.78
C VAL A 54 -5.99 -17.58 -8.21
N VAL A 55 -6.68 -16.74 -8.98
CA VAL A 55 -6.29 -16.52 -10.37
C VAL A 55 -5.85 -15.09 -10.61
N GLY A 56 -6.32 -14.18 -9.77
CA GLY A 56 -5.79 -12.84 -9.75
C GLY A 56 -5.25 -12.57 -8.37
N LEU A 57 -4.01 -12.08 -8.29
CA LEU A 57 -3.47 -11.57 -7.04
C LEU A 57 -2.98 -10.17 -7.28
N ASN A 58 -3.50 -9.22 -6.52
CA ASN A 58 -3.14 -7.82 -6.75
C ASN A 58 -3.07 -7.01 -5.44
N LEU A 59 -1.87 -6.86 -4.93
CA LEU A 59 -1.64 -6.23 -3.65
C LEU A 59 -2.56 -6.80 -2.60
N GLY A 60 -2.60 -8.13 -2.49
CA GLY A 60 -3.37 -8.80 -1.46
C GLY A 60 -4.83 -9.08 -1.76
N TYR A 61 -5.41 -8.37 -2.72
CA TYR A 61 -6.75 -8.65 -3.17
C TYR A 61 -6.72 -9.79 -4.16
N VAL A 62 -7.68 -10.67 -4.11
CA VAL A 62 -7.63 -11.83 -4.96
C VAL A 62 -8.91 -11.96 -5.75
N VAL A 63 -8.80 -12.61 -6.90
CA VAL A 63 -9.95 -13.15 -7.57
C VAL A 63 -9.79 -14.65 -7.49
N GLU A 64 -10.80 -15.32 -6.95
CA GLU A 64 -10.72 -16.75 -6.77
C GLU A 64 -11.75 -17.39 -7.69
N THR A 65 -11.38 -18.56 -8.19
CA THR A 65 -12.27 -19.41 -8.96
C THR A 65 -12.67 -20.63 -8.15
N LEU A 66 -13.97 -20.78 -7.90
CA LEU A 66 -14.45 -21.97 -7.23
C LEU A 66 -15.13 -22.88 -8.23
N ARG A 67 -14.86 -24.19 -8.11
CA ARG A 67 -15.64 -25.20 -8.82
C ARG A 67 -16.85 -25.60 -7.99
N ALA A 68 -18.03 -25.26 -8.47
CA ALA A 68 -19.26 -25.51 -7.73
C ALA A 68 -19.74 -26.92 -7.98
N GLU A 69 -19.75 -27.74 -6.92
CA GLU A 69 -20.23 -29.11 -7.01
C GLU A 69 -20.68 -29.63 -5.65
N GLY A 70 -21.98 -29.84 -5.51
CA GLY A 70 -22.51 -30.27 -4.24
C GLY A 70 -22.72 -29.10 -3.30
N GLN A 71 -22.37 -29.30 -2.04
CA GLN A 71 -22.63 -28.28 -1.04
C GLN A 71 -21.35 -27.82 -0.38
N SER A 72 -21.23 -26.52 -0.21
CA SER A 72 -20.03 -25.88 0.30
C SER A 72 -20.02 -25.78 1.81
N PRO A 73 -18.86 -25.42 2.37
CA PRO A 73 -18.82 -25.03 3.77
C PRO A 73 -19.54 -23.71 3.99
N TRP A 74 -19.98 -23.43 5.22
CA TRP A 74 -20.43 -22.08 5.56
C TRP A 74 -19.22 -21.17 5.60
N PHE A 75 -19.30 -20.10 4.82
CA PHE A 75 -18.23 -19.13 4.70
C PHE A 75 -18.63 -17.81 5.34
N THR A 76 -17.64 -17.05 5.82
CA THR A 76 -17.88 -15.68 6.26
C THR A 76 -16.67 -14.77 6.07
N ALA A 77 -16.89 -13.47 6.25
CA ALA A 77 -15.80 -12.51 6.26
C ALA A 77 -16.23 -11.20 6.91
N ALA A 78 -15.26 -10.36 7.23
CA ALA A 78 -15.50 -9.08 7.88
C ALA A 78 -15.87 -7.96 6.90
N HIS A 79 -15.77 -8.24 5.61
CA HIS A 79 -15.96 -7.24 4.58
C HIS A 79 -16.76 -7.87 3.46
N ASP A 80 -17.41 -7.05 2.65
CA ASP A 80 -18.11 -7.57 1.48
C ASP A 80 -17.23 -8.47 0.61
N GLU A 81 -17.83 -9.47 -0.03
CA GLU A 81 -17.20 -10.17 -1.14
C GLU A 81 -18.24 -10.33 -2.24
N PHE A 82 -17.86 -10.84 -3.40
CA PHE A 82 -18.84 -11.03 -4.46
C PHE A 82 -18.66 -12.33 -5.23
N ALA A 83 -19.75 -12.78 -5.86
CA ALA A 83 -19.69 -13.98 -6.69
C ALA A 83 -20.37 -13.74 -8.01
N ILE A 84 -19.70 -14.11 -9.11
CA ILE A 84 -20.37 -14.19 -10.41
C ILE A 84 -20.43 -15.65 -10.75
N VAL A 85 -21.62 -16.11 -11.08
CA VAL A 85 -21.76 -17.46 -11.57
C VAL A 85 -21.45 -17.46 -13.06
N MET A 86 -20.32 -18.06 -13.41
CA MET A 86 -19.82 -18.08 -14.78
C MET A 86 -20.35 -19.26 -15.64
N ASP A 87 -20.74 -20.34 -14.97
CA ASP A 87 -21.34 -21.51 -15.60
C ASP A 87 -21.99 -22.33 -14.51
N GLY A 88 -23.16 -22.87 -14.82
CA GLY A 88 -23.85 -23.73 -13.88
C GLY A 88 -25.08 -23.07 -13.31
N GLU A 89 -25.60 -23.67 -12.24
CA GLU A 89 -26.77 -23.16 -11.54
C GLU A 89 -26.42 -23.27 -10.07
N VAL A 90 -26.44 -22.15 -9.33
CA VAL A 90 -25.99 -22.16 -7.93
C VAL A 90 -26.93 -21.50 -6.93
N ARG A 91 -27.31 -22.25 -5.90
CA ARG A 91 -28.16 -21.72 -4.83
C ARG A 91 -27.33 -21.23 -3.64
N VAL A 92 -27.47 -19.96 -3.30
CA VAL A 92 -26.71 -19.36 -2.22
C VAL A 92 -27.64 -19.14 -1.03
N GLU A 93 -27.20 -19.57 0.15
CA GLU A 93 -28.00 -19.54 1.36
C GLU A 93 -27.35 -18.58 2.33
N PHE A 94 -28.16 -17.77 2.99
CA PHE A 94 -27.65 -16.66 3.80
C PHE A 94 -28.11 -16.69 5.25
N LEU A 95 -27.21 -16.31 6.14
CA LEU A 95 -27.44 -16.32 7.59
C LEU A 95 -26.87 -15.07 8.24
N LYS A 96 -27.70 -14.26 8.90
CA LYS A 96 -27.16 -13.09 9.61
C LYS A 96 -26.61 -13.44 10.97
N LEU A 97 -25.27 -13.48 11.07
CA LEU A 97 -24.61 -13.92 12.28
C LEU A 97 -24.92 -13.00 13.45
N ASP A 98 -25.16 -13.62 14.62
CA ASP A 98 -25.42 -12.91 15.87
C ASP A 98 -24.14 -12.24 16.35
N ALA A 99 -23.02 -12.85 16.00
CA ALA A 99 -21.70 -12.34 16.38
C ALA A 99 -20.74 -12.46 15.20
N PRO A 100 -20.77 -11.47 14.29
CA PRO A 100 -19.96 -11.53 13.06
C PRO A 100 -18.54 -11.11 13.39
N SER A 101 -17.55 -11.70 12.75
CA SER A 101 -16.20 -11.14 12.83
C SER A 101 -16.28 -9.68 12.40
N LYS A 102 -15.71 -8.79 13.19
CA LYS A 102 -15.72 -7.37 12.86
C LYS A 102 -14.35 -6.95 12.37
N HIS A 103 -13.38 -7.85 12.49
CA HIS A 103 -12.02 -7.55 12.13
C HIS A 103 -11.43 -8.63 11.24
N GLY A 104 -10.30 -8.32 10.63
CA GLY A 104 -9.61 -9.24 9.74
C GLY A 104 -9.95 -9.04 8.29
N GLU A 105 -9.38 -9.88 7.45
CA GLU A 105 -9.64 -9.80 6.03
C GLU A 105 -9.44 -11.14 5.36
N GLY A 106 -10.24 -11.40 4.34
CA GLY A 106 -10.24 -12.67 3.67
C GLY A 106 -11.51 -13.43 3.99
N THR A 107 -11.83 -14.40 3.15
CA THR A 107 -12.95 -15.29 3.41
C THR A 107 -12.53 -16.43 4.36
N HIS A 108 -13.33 -16.65 5.41
CA HIS A 108 -13.02 -17.61 6.48
C HIS A 108 -14.13 -18.64 6.64
N LEU A 109 -13.80 -19.80 7.18
CA LEU A 109 -14.81 -20.80 7.51
C LEU A 109 -15.67 -20.34 8.70
N ALA A 110 -16.98 -20.37 8.54
CA ALA A 110 -17.89 -19.82 9.54
C ALA A 110 -18.19 -20.77 10.70
N GLY A 111 -17.86 -22.04 10.52
CA GLY A 111 -18.21 -23.07 11.48
C GLY A 111 -19.09 -24.14 10.89
N GLU A 112 -19.36 -25.18 11.68
CA GLU A 112 -20.22 -26.26 11.22
C GLU A 112 -21.65 -25.85 11.45
N LEU A 113 -21.88 -25.19 12.58
CA LEU A 113 -23.22 -24.79 12.95
C LEU A 113 -23.23 -23.34 13.41
N PRO A 114 -23.13 -22.43 12.43
CA PRO A 114 -23.21 -20.99 12.59
C PRO A 114 -24.46 -20.57 13.33
N VAL A 115 -24.32 -19.53 14.14
CA VAL A 115 -25.41 -18.99 14.95
C VAL A 115 -25.96 -17.69 14.37
N GLY A 116 -27.22 -17.70 13.94
CA GLY A 116 -27.84 -16.48 13.44
C GLY A 116 -29.20 -16.70 12.80
N LYS A 117 -29.87 -15.64 12.39
CA LYS A 117 -31.19 -15.79 11.81
C LYS A 117 -31.07 -15.99 10.31
N PRO A 118 -31.87 -16.91 9.74
CA PRO A 118 -31.97 -17.13 8.30
C PRO A 118 -32.45 -15.92 7.53
N MET A 119 -31.67 -15.48 6.53
CA MET A 119 -32.04 -14.35 5.69
C MET A 119 -32.64 -14.81 4.37
N GLY A 120 -32.44 -16.07 4.03
CA GLY A 120 -33.06 -16.59 2.83
C GLY A 120 -32.02 -16.97 1.80
N TYR A 121 -32.44 -17.06 0.55
CA TYR A 121 -31.54 -17.59 -0.46
C TYR A 121 -31.69 -16.91 -1.80
N VAL A 122 -30.68 -17.08 -2.63
CA VAL A 122 -30.64 -16.48 -3.94
C VAL A 122 -30.33 -17.57 -4.94
N LEU A 123 -30.97 -17.48 -6.10
CA LEU A 123 -30.86 -18.50 -7.12
C LEU A 123 -30.11 -18.01 -8.33
N LEU A 124 -28.82 -18.35 -8.41
CA LEU A 124 -27.96 -17.80 -9.47
C LEU A 124 -27.73 -18.75 -10.64
N LYS A 125 -28.06 -18.29 -11.85
CA LYS A 125 -27.66 -19.02 -13.05
C LYS A 125 -26.47 -18.25 -13.65
N ARG A 126 -25.94 -18.74 -14.76
CA ARG A 126 -24.73 -18.15 -15.35
C ARG A 126 -24.92 -16.71 -15.87
N GLY A 127 -24.00 -15.84 -15.48
CA GLY A 127 -24.10 -14.41 -15.78
C GLY A 127 -24.55 -13.56 -14.60
N HIS A 128 -24.92 -14.22 -13.51
CA HIS A 128 -25.52 -13.53 -12.38
C HIS A 128 -24.53 -13.28 -11.28
N GLN A 129 -24.66 -12.11 -10.68
CA GLN A 129 -23.74 -11.67 -9.64
C GLN A 129 -24.55 -11.46 -8.40
N CYS A 130 -23.94 -11.76 -7.26
CA CYS A 130 -24.64 -11.49 -6.02
C CYS A 130 -23.70 -11.01 -4.95
N LEU A 131 -24.27 -10.24 -4.03
CA LEU A 131 -23.56 -9.64 -2.94
C LEU A 131 -23.45 -10.59 -1.76
N LEU A 132 -22.23 -10.75 -1.25
CA LEU A 132 -21.99 -11.59 -0.08
C LEU A 132 -21.63 -10.71 1.11
N PRO A 133 -22.65 -10.12 1.74
CA PRO A 133 -22.52 -9.01 2.69
C PRO A 133 -21.64 -9.37 3.87
N ALA A 134 -20.92 -8.36 4.38
CA ALA A 134 -20.04 -8.58 5.50
C ALA A 134 -20.85 -8.93 6.74
N GLY A 135 -20.28 -9.80 7.57
CA GLY A 135 -20.98 -10.23 8.77
C GLY A 135 -22.25 -10.99 8.45
N SER A 136 -22.20 -11.82 7.43
CA SER A 136 -23.20 -12.84 7.24
C SER A 136 -22.41 -14.10 6.96
N ALA A 137 -23.07 -15.25 7.01
CA ALA A 137 -22.43 -16.47 6.59
C ALA A 137 -23.24 -16.99 5.42
N TYR A 138 -22.55 -17.50 4.40
CA TYR A 138 -23.22 -17.84 3.16
C TYR A 138 -22.78 -19.22 2.76
N ARG A 139 -23.66 -19.95 2.06
CA ARG A 139 -23.33 -21.30 1.66
C ARG A 139 -23.80 -21.60 0.25
N PHE A 140 -23.02 -22.41 -0.44
CA PHE A 140 -23.21 -22.70 -1.84
C PHE A 140 -23.73 -24.12 -2.03
N GLU A 141 -24.78 -24.27 -2.85
CA GLU A 141 -25.24 -25.59 -3.27
C GLU A 141 -25.39 -25.70 -4.79
N ALA A 142 -24.76 -26.70 -5.38
CA ALA A 142 -24.85 -26.91 -6.81
C ALA A 142 -25.37 -28.30 -7.18
N SER A 143 -26.45 -28.34 -7.97
CA SER A 143 -27.02 -29.61 -8.41
C SER A 143 -26.32 -30.06 -9.68
N ARG A 144 -25.65 -29.12 -10.32
CA ARG A 144 -24.96 -29.37 -11.58
C ARG A 144 -23.64 -28.62 -11.56
N PRO A 145 -22.53 -29.34 -11.66
CA PRO A 145 -21.20 -28.71 -11.73
C PRO A 145 -21.15 -27.35 -12.43
N GLY A 146 -20.62 -26.35 -11.73
CA GLY A 146 -20.48 -25.00 -12.25
C GLY A 146 -19.18 -24.29 -11.87
N VAL A 147 -19.08 -23.02 -12.28
CA VAL A 147 -17.89 -22.21 -11.98
C VAL A 147 -18.27 -20.92 -11.28
N ILE A 148 -17.71 -20.68 -10.11
CA ILE A 148 -17.95 -19.42 -9.41
C ILE A 148 -16.73 -18.48 -9.33
N LEU A 149 -16.90 -17.23 -9.80
CA LEU A 149 -15.88 -16.18 -9.63
C LEU A 149 -16.11 -15.39 -8.38
N GLN A 150 -15.12 -15.40 -7.49
CA GLN A 150 -15.30 -14.71 -6.25
C GLN A 150 -14.25 -13.63 -6.05
N GLN A 151 -14.72 -12.43 -5.74
CA GLN A 151 -13.90 -11.24 -5.58
C GLN A 151 -13.76 -11.00 -4.11
N THR A 152 -12.53 -10.81 -3.65
CA THR A 152 -12.29 -10.81 -2.22
C THR A 152 -10.82 -10.50 -1.91
N ILE A 153 -10.42 -10.77 -0.66
CA ILE A 153 -9.05 -10.54 -0.18
C ILE A 153 -8.40 -11.86 0.28
N LYS A 154 -7.13 -12.04 -0.07
CA LYS A 154 -6.43 -13.26 0.29
C LYS A 154 -6.56 -13.61 1.76
N GLY A 155 -6.80 -14.90 2.02
CA GLY A 155 -6.93 -15.41 3.37
C GLY A 155 -6.54 -16.88 3.45
N PRO A 156 -6.97 -17.55 4.55
CA PRO A 156 -6.69 -18.94 4.95
C PRO A 156 -7.12 -19.98 3.91
N LEU A 157 -8.28 -19.73 3.30
CA LEU A 157 -8.87 -20.65 2.35
C LEU A 157 -8.40 -20.40 0.92
N SER A 158 -7.59 -19.36 0.72
CA SER A 158 -7.11 -19.04 -0.60
C SER A 158 -5.92 -19.91 -0.98
N VAL A 159 -6.01 -20.56 -2.14
CA VAL A 159 -4.98 -21.47 -2.59
C VAL A 159 -4.28 -20.93 -3.83
N GLU A 160 -2.96 -20.94 -3.82
CA GLU A 160 -2.17 -20.48 -4.97
C GLU A 160 -1.44 -21.64 -5.62
N LYS A 161 -1.77 -21.91 -6.88
CA LYS A 161 -1.07 -22.95 -7.61
C LYS A 161 -0.52 -22.45 -8.93
N TRP A 162 0.19 -21.33 -8.89
CA TRP A 162 0.53 -20.62 -10.11
C TRP A 162 1.13 -21.50 -11.21
N ALA A 163 2.18 -22.23 -10.88
CA ALA A 163 2.78 -23.17 -11.83
C ALA A 163 1.79 -24.14 -12.46
N GLU A 164 0.78 -24.52 -11.70
CA GLU A 164 -0.16 -25.51 -12.19
C GLU A 164 -1.21 -24.94 -13.17
N ILE A 165 -1.52 -23.65 -13.07
CA ILE A 165 -2.63 -23.08 -13.85
C ILE A 165 -2.26 -22.15 -15.02
N CYS A 166 -1.05 -21.58 -15.01
CA CYS A 166 -0.66 -20.54 -15.96
C CYS A 166 0.36 -21.01 -16.98
N LEU A 167 0.28 -20.47 -18.19
CA LEU A 167 1.29 -20.75 -19.21
C LEU A 167 2.66 -20.42 -18.68
N LYS A 168 3.65 -21.15 -19.17
CA LYS A 168 5.01 -21.02 -18.68
C LYS A 168 5.95 -20.91 -19.86
N SER B 6 34.39 9.10 44.73
CA SER B 6 34.00 10.49 44.47
C SER B 6 32.70 10.60 43.69
N ASN B 7 32.37 9.56 42.91
CA ASN B 7 31.16 9.53 42.06
C ASN B 7 31.40 10.02 40.64
N VAL B 8 31.53 9.08 39.70
CA VAL B 8 31.83 9.43 38.31
C VAL B 8 30.68 10.28 37.71
N ALA B 9 31.03 11.28 36.91
CA ALA B 9 30.03 12.22 36.41
C ALA B 9 29.26 11.67 35.20
N VAL B 10 28.14 12.31 34.86
CA VAL B 10 27.27 11.85 33.77
C VAL B 10 28.04 11.59 32.50
N ASN B 11 27.79 10.43 31.89
CA ASN B 11 28.56 10.03 30.73
C ASN B 11 27.69 9.40 29.65
N THR B 12 27.16 10.23 28.74
CA THR B 12 26.40 9.74 27.60
C THR B 12 27.33 9.11 26.58
N VAL B 13 27.12 7.83 26.30
CA VAL B 13 28.03 7.07 25.47
C VAL B 13 27.61 7.05 24.01
N PHE B 14 28.39 7.68 23.15
CA PHE B 14 28.11 7.65 21.73
C PHE B 14 29.19 6.79 21.07
N ALA B 15 28.87 6.19 19.93
CA ALA B 15 29.89 5.45 19.19
C ALA B 15 30.57 6.28 18.10
N SER B 16 31.69 5.77 17.63
CA SER B 16 32.32 6.31 16.45
C SER B 16 32.82 5.19 15.54
N LEU B 17 33.34 5.59 14.39
CA LEU B 17 33.85 4.66 13.41
C LEU B 17 35.07 3.91 13.95
N ASP B 18 35.73 4.54 14.93
CA ASP B 18 37.03 4.12 15.40
C ASP B 18 36.89 3.32 16.67
N ASN B 19 35.80 3.56 17.37
CA ASN B 19 35.45 2.83 18.58
C ASN B 19 33.93 2.65 18.69
N PHE B 20 33.47 1.40 18.71
CA PHE B 20 32.04 1.10 18.90
C PHE B 20 31.88 -0.29 19.45
N ARG B 21 30.70 -0.54 20.02
CA ARG B 21 30.41 -1.86 20.58
C ARG B 21 29.11 -2.45 20.00
N LYS B 22 29.24 -3.49 19.20
CA LYS B 22 28.07 -4.16 18.67
C LYS B 22 27.21 -4.73 19.81
N GLY B 23 25.91 -4.46 19.71
CA GLY B 23 24.95 -5.08 20.61
C GLY B 23 24.92 -6.58 20.39
N THR B 24 24.05 -7.24 21.15
CA THR B 24 23.94 -8.68 21.09
C THR B 24 22.50 -9.05 20.85
N VAL B 25 22.28 -10.17 20.16
CA VAL B 25 20.97 -10.78 20.08
C VAL B 25 20.96 -12.17 20.72
N GLU B 26 20.47 -12.27 21.95
CA GLU B 26 20.34 -13.56 22.62
C GLU B 26 19.08 -14.28 22.11
N ILE B 27 19.27 -15.24 21.20
CA ILE B 27 18.12 -16.02 20.72
C ILE B 27 17.75 -17.17 21.66
N ILE B 28 16.49 -17.16 22.07
CA ILE B 28 15.93 -18.20 22.93
C ILE B 28 15.16 -19.20 22.06
N SER B 29 14.38 -18.67 21.11
CA SER B 29 13.56 -19.46 20.20
C SER B 29 13.31 -18.68 18.89
N GLY B 30 13.85 -19.17 17.79
CA GLY B 30 13.67 -18.49 16.52
C GLY B 30 14.98 -18.32 15.80
N GLU B 31 15.03 -17.39 14.85
CA GLU B 31 16.27 -17.11 14.12
C GLU B 31 16.74 -15.66 14.21
N ALA B 32 18.05 -15.44 14.20
CA ALA B 32 18.58 -14.08 14.28
C ALA B 32 18.26 -13.25 13.05
N ARG B 33 18.08 -13.90 11.90
CA ARG B 33 17.84 -13.20 10.65
C ARG B 33 16.62 -12.32 10.78
N HIS B 34 15.66 -12.76 11.60
CA HIS B 34 14.36 -12.09 11.66
C HIS B 34 14.45 -10.68 12.21
N TYR B 35 15.60 -10.29 12.73
CA TYR B 35 15.73 -8.99 13.37
C TYR B 35 16.57 -8.01 12.55
N ALA B 36 17.28 -8.54 11.56
CA ALA B 36 18.02 -7.70 10.63
C ALA B 36 18.94 -6.81 11.43
N PHE B 37 19.81 -7.46 12.19
CA PHE B 37 20.57 -6.76 13.20
C PHE B 37 21.94 -6.34 12.69
N SER B 38 22.20 -5.04 12.75
CA SER B 38 23.45 -4.46 12.28
C SER B 38 23.79 -3.27 13.13
N ASN B 39 25.01 -2.77 12.96
CA ASN B 39 25.48 -1.56 13.61
C ASN B 39 26.04 -0.60 12.55
N ILE B 40 25.44 0.58 12.43
CA ILE B 40 25.81 1.47 11.35
C ILE B 40 27.29 1.78 11.30
N PHE B 41 27.98 1.64 12.43
CA PHE B 41 29.42 1.91 12.51
C PHE B 41 30.21 0.71 12.01
N GLU B 42 29.74 -0.49 12.29
CA GLU B 42 30.37 -1.64 11.68
C GLU B 42 30.20 -1.55 10.17
N VAL B 43 29.01 -1.15 9.72
CA VAL B 43 28.75 -1.14 8.29
C VAL B 43 29.57 -0.10 7.55
N ALA B 44 29.61 1.10 8.12
CA ALA B 44 30.38 2.19 7.52
C ALA B 44 31.85 1.79 7.47
N GLN B 45 32.33 1.15 8.52
CA GLN B 45 33.70 0.67 8.56
C GLN B 45 34.03 -0.26 7.39
N ASN B 46 33.05 -0.98 6.89
CA ASN B 46 33.31 -2.03 5.92
C ASN B 46 32.83 -1.73 4.50
N SER B 47 32.56 -0.47 4.23
CA SER B 47 32.02 -0.13 2.93
C SER B 47 32.90 0.88 2.20
N LYS B 48 32.54 1.18 0.97
CA LYS B 48 33.22 2.20 0.18
C LYS B 48 32.59 3.54 0.51
N PRO B 49 33.35 4.63 0.28
CA PRO B 49 32.91 5.99 0.60
C PRO B 49 31.66 6.40 -0.16
N TYR B 50 30.61 6.76 0.58
CA TYR B 50 29.32 7.18 0.05
C TYR B 50 28.56 6.11 -0.73
N GLU B 51 28.98 4.86 -0.59
CA GLU B 51 28.12 3.74 -0.92
C GLU B 51 26.92 3.92 0.01
N LYS B 52 25.71 4.00 -0.55
CA LYS B 52 24.50 4.21 0.26
C LYS B 52 23.92 2.88 0.66
N VAL B 53 24.47 2.30 1.71
CA VAL B 53 24.11 0.98 2.18
C VAL B 53 22.77 1.01 2.92
N VAL B 54 21.89 0.08 2.56
CA VAL B 54 20.56 0.02 3.13
C VAL B 54 20.60 -0.75 4.46
N VAL B 55 20.18 -0.13 5.55
CA VAL B 55 20.17 -0.88 6.82
C VAL B 55 18.79 -1.00 7.43
N GLY B 56 17.78 -0.46 6.77
CA GLY B 56 16.42 -0.59 7.22
C GLY B 56 15.51 -0.34 6.05
N LEU B 57 14.61 -1.28 5.79
CA LEU B 57 13.76 -1.23 4.60
C LEU B 57 12.34 -1.44 4.99
N ASN B 58 11.46 -0.53 4.58
CA ASN B 58 10.09 -0.62 5.08
C ASN B 58 9.06 -0.10 4.07
N LEU B 59 8.50 -1.02 3.29
CA LEU B 59 7.57 -0.70 2.21
C LEU B 59 8.19 0.29 1.23
N GLY B 60 9.49 0.13 0.97
CA GLY B 60 10.14 0.93 -0.05
C GLY B 60 10.88 2.10 0.52
N TYR B 61 10.49 2.56 1.70
CA TYR B 61 11.28 3.55 2.39
C TYR B 61 12.57 2.95 2.96
N VAL B 62 13.65 3.71 2.87
CA VAL B 62 14.93 3.20 3.31
C VAL B 62 15.56 4.11 4.34
N VAL B 63 16.47 3.51 5.10
CA VAL B 63 17.43 4.22 5.89
C VAL B 63 18.78 3.75 5.36
N GLU B 64 19.66 4.68 5.02
CA GLU B 64 20.91 4.31 4.38
C GLU B 64 22.07 4.77 5.23
N THR B 65 23.13 3.96 5.24
CA THR B 65 24.32 4.30 5.99
C THR B 65 25.45 4.60 5.01
N LEU B 66 25.94 5.83 5.04
CA LEU B 66 27.04 6.23 4.19
C LEU B 66 28.28 6.59 5.01
N ARG B 67 29.38 5.89 4.71
CA ARG B 67 30.68 6.26 5.20
C ARG B 67 31.17 7.51 4.50
N ALA B 68 31.08 8.66 5.15
CA ALA B 68 31.55 9.90 4.52
C ALA B 68 33.07 10.13 4.61
N GLU B 69 33.82 9.63 3.63
CA GLU B 69 35.26 9.90 3.56
C GLU B 69 35.67 10.46 2.20
N GLY B 70 35.93 11.77 2.15
CA GLY B 70 36.31 12.42 0.91
C GLY B 70 35.18 13.27 0.38
N GLN B 71 35.03 13.31 -0.95
CA GLN B 71 33.94 14.08 -1.50
C GLN B 71 32.96 13.24 -2.30
N SER B 72 31.67 13.46 -2.02
CA SER B 72 30.60 12.70 -2.62
C SER B 72 30.28 13.22 -4.01
N PRO B 73 29.65 12.37 -4.81
CA PRO B 73 28.98 12.78 -6.05
C PRO B 73 27.90 13.81 -5.77
N TRP B 74 27.42 14.47 -6.81
CA TRP B 74 26.28 15.36 -6.66
C TRP B 74 25.01 14.52 -6.63
N PHE B 75 24.24 14.63 -5.54
CA PHE B 75 23.02 13.84 -5.39
C PHE B 75 21.78 14.71 -5.55
N THR B 76 20.65 14.09 -5.92
CA THR B 76 19.38 14.82 -5.99
C THR B 76 18.17 13.89 -5.98
N ALA B 77 17.03 14.40 -5.50
CA ALA B 77 15.78 13.63 -5.42
C ALA B 77 14.58 14.47 -5.83
N ALA B 78 13.43 13.82 -6.01
CA ALA B 78 12.21 14.52 -6.37
C ALA B 78 11.42 14.92 -5.13
N HIS B 79 11.93 14.48 -3.98
CA HIS B 79 11.25 14.62 -2.70
C HIS B 79 12.29 14.93 -1.64
N ASP B 80 11.83 15.40 -0.49
CA ASP B 80 12.72 15.73 0.62
C ASP B 80 13.49 14.48 1.09
N GLU B 81 14.72 14.68 1.56
CA GLU B 81 15.44 13.65 2.31
C GLU B 81 16.00 14.23 3.60
N PHE B 82 16.74 13.44 4.36
CA PHE B 82 17.38 13.95 5.56
C PHE B 82 18.69 13.26 5.80
N ALA B 83 19.61 13.97 6.42
CA ALA B 83 20.85 13.37 6.86
C ALA B 83 21.07 13.68 8.32
N ILE B 84 21.61 12.69 9.04
CA ILE B 84 22.02 12.85 10.41
C ILE B 84 23.46 12.45 10.41
N VAL B 85 24.30 13.22 11.06
CA VAL B 85 25.70 12.83 11.13
C VAL B 85 25.96 12.10 12.43
N MET B 86 26.64 10.97 12.32
CA MET B 86 26.78 10.07 13.45
C MET B 86 28.18 10.10 14.02
N ASP B 87 29.16 10.31 13.17
CA ASP B 87 30.54 10.43 13.59
C ASP B 87 31.16 11.36 12.59
N GLY B 88 32.18 12.10 13.01
CA GLY B 88 32.94 12.96 12.13
C GLY B 88 32.29 14.31 11.90
N GLU B 89 32.75 15.00 10.87
CA GLU B 89 32.06 16.22 10.46
C GLU B 89 32.04 16.34 8.95
N VAL B 90 30.90 16.80 8.45
CA VAL B 90 30.62 16.80 7.04
C VAL B 90 30.02 18.12 6.66
N ARG B 91 30.49 18.62 5.52
CA ARG B 91 30.03 19.87 4.91
C ARG B 91 29.11 19.54 3.75
N VAL B 92 27.89 20.09 3.76
CA VAL B 92 26.92 19.81 2.72
C VAL B 92 26.66 21.02 1.83
N GLU B 93 26.87 20.82 0.53
CA GLU B 93 26.79 21.89 -0.46
C GLU B 93 25.42 21.86 -1.16
N PHE B 94 24.78 23.01 -1.27
CA PHE B 94 23.43 23.08 -1.83
C PHE B 94 23.25 23.91 -3.11
N LEU B 95 22.75 23.26 -4.16
CA LEU B 95 22.37 23.91 -5.42
C LEU B 95 20.88 23.83 -5.66
N LYS B 96 20.22 24.96 -5.89
CA LYS B 96 18.84 24.93 -6.38
C LYS B 96 18.76 24.75 -7.91
N LEU B 97 18.55 23.51 -8.36
CA LEU B 97 18.53 23.18 -9.80
C LEU B 97 17.55 24.00 -10.66
N ASP B 98 18.06 24.48 -11.80
CA ASP B 98 17.23 25.13 -12.79
C ASP B 98 16.09 24.19 -13.20
N ALA B 99 16.46 23.06 -13.79
CA ALA B 99 15.53 21.99 -14.18
C ALA B 99 15.50 20.80 -13.20
N PRO B 100 14.65 20.87 -12.16
CA PRO B 100 14.64 19.86 -11.08
C PRO B 100 13.84 18.62 -11.43
N SER B 101 14.14 17.49 -10.78
CA SER B 101 13.31 16.28 -10.95
C SER B 101 11.92 16.51 -10.36
N LYS B 102 10.90 16.40 -11.20
CA LYS B 102 9.55 16.70 -10.76
C LYS B 102 8.80 15.41 -10.48
N HIS B 103 9.35 14.30 -10.95
CA HIS B 103 8.71 12.99 -10.84
C HIS B 103 9.72 11.92 -10.50
N GLY B 104 9.23 10.84 -9.90
CA GLY B 104 10.08 9.70 -9.62
C GLY B 104 10.42 9.67 -8.14
N GLU B 105 11.23 8.71 -7.75
CA GLU B 105 11.53 8.54 -6.34
C GLU B 105 12.84 7.86 -6.14
N GLY B 106 13.54 8.30 -5.10
CA GLY B 106 14.85 7.79 -4.80
C GLY B 106 15.88 8.84 -5.07
N THR B 107 17.03 8.70 -4.45
CA THR B 107 18.12 9.62 -4.66
C THR B 107 18.87 9.16 -5.91
N HIS B 108 18.97 10.08 -6.87
CA HIS B 108 19.67 9.87 -8.16
C HIS B 108 20.94 10.73 -8.26
N LEU B 109 21.83 10.33 -9.15
CA LEU B 109 22.98 11.17 -9.50
C LEU B 109 22.52 12.43 -10.23
N ALA B 110 23.19 13.54 -10.00
CA ALA B 110 22.81 14.78 -10.65
C ALA B 110 23.86 15.18 -11.65
N GLY B 111 25.02 14.52 -11.58
CA GLY B 111 26.07 14.65 -12.58
C GLY B 111 27.26 15.52 -12.21
N GLU B 112 28.25 15.54 -13.10
CA GLU B 112 29.49 16.30 -12.89
C GLU B 112 29.25 17.81 -12.67
N LEU B 113 28.56 18.43 -13.63
CA LEU B 113 28.36 19.88 -13.62
C LEU B 113 26.88 20.21 -13.54
N PRO B 114 26.36 20.22 -12.33
CA PRO B 114 24.94 20.52 -12.15
C PRO B 114 24.70 21.95 -12.51
N VAL B 115 23.50 22.23 -13.00
CA VAL B 115 23.14 23.55 -13.48
C VAL B 115 22.09 24.21 -12.59
N GLY B 116 22.48 25.30 -11.95
CA GLY B 116 21.58 26.07 -11.11
C GLY B 116 22.32 27.01 -10.18
N LYS B 117 21.58 27.70 -9.32
CA LYS B 117 22.14 28.71 -8.43
C LYS B 117 22.66 28.12 -7.12
N PRO B 118 23.86 28.53 -6.69
CA PRO B 118 24.33 28.05 -5.38
C PRO B 118 23.35 28.45 -4.28
N MET B 119 23.32 27.72 -3.18
CA MET B 119 22.36 27.96 -2.09
C MET B 119 23.09 28.23 -0.78
N GLY B 120 24.37 27.88 -0.73
CA GLY B 120 25.14 27.98 0.48
C GLY B 120 25.52 26.61 0.97
N TYR B 121 26.20 26.53 2.10
CA TYR B 121 26.60 25.22 2.62
C TYR B 121 26.21 25.09 4.07
N VAL B 122 26.32 23.87 4.58
CA VAL B 122 26.00 23.60 5.95
C VAL B 122 27.12 22.73 6.51
N LEU B 123 27.59 23.08 7.69
CA LEU B 123 28.66 22.33 8.35
C LEU B 123 28.09 21.50 9.49
N LEU B 124 28.18 20.18 9.35
CA LEU B 124 27.57 19.24 10.31
C LEU B 124 28.60 18.47 11.14
N LYS B 125 28.32 18.36 12.44
CA LYS B 125 29.14 17.54 13.34
C LYS B 125 28.27 16.45 13.97
N ARG B 126 28.86 15.65 14.85
CA ARG B 126 28.13 14.53 15.42
C ARG B 126 26.85 15.00 16.11
N GLY B 127 25.73 14.40 15.73
CA GLY B 127 24.46 14.70 16.36
C GLY B 127 23.61 15.71 15.63
N HIS B 128 24.06 16.10 14.45
CA HIS B 128 23.40 17.15 13.69
C HIS B 128 22.63 16.59 12.49
N GLN B 129 21.44 17.13 12.27
CA GLN B 129 20.56 16.67 11.19
C GLN B 129 20.20 17.85 10.30
N CYS B 130 20.03 17.60 9.01
CA CYS B 130 19.67 18.67 8.08
C CYS B 130 18.76 18.24 6.95
N LEU B 131 17.90 19.15 6.54
CA LEU B 131 17.04 18.99 5.38
C LEU B 131 17.85 18.92 4.07
N LEU B 132 17.56 17.91 3.26
CA LEU B 132 18.05 17.84 1.87
C LEU B 132 16.84 18.10 0.99
N PRO B 133 16.56 19.37 0.73
CA PRO B 133 15.27 19.83 0.20
C PRO B 133 14.95 19.34 -1.22
N ALA B 134 13.67 19.12 -1.47
CA ALA B 134 13.22 18.60 -2.76
C ALA B 134 13.56 19.56 -3.88
N GLY B 135 14.13 19.02 -4.95
CA GLY B 135 14.49 19.81 -6.10
C GLY B 135 15.72 20.63 -5.81
N SER B 136 16.82 19.94 -5.57
CA SER B 136 18.08 20.58 -5.28
C SER B 136 19.14 19.52 -5.30
N ALA B 137 20.31 19.86 -5.83
CA ALA B 137 21.42 18.92 -5.77
C ALA B 137 22.19 19.25 -4.51
N TYR B 138 22.81 18.24 -3.90
CA TYR B 138 23.60 18.45 -2.70
C TYR B 138 24.89 17.62 -2.73
N ARG B 139 25.93 18.09 -2.05
CA ARG B 139 27.22 17.43 -2.05
C ARG B 139 27.76 17.22 -0.63
N PHE B 140 28.50 16.13 -0.42
CA PHE B 140 29.11 15.87 0.87
C PHE B 140 30.63 16.08 0.83
N GLU B 141 31.12 16.91 1.74
CA GLU B 141 32.56 17.03 1.99
C GLU B 141 32.90 16.57 3.40
N ALA B 142 33.85 15.65 3.52
CA ALA B 142 34.29 15.17 4.83
C ALA B 142 35.76 14.76 4.85
N SER B 143 36.61 15.62 5.39
CA SER B 143 38.05 15.36 5.46
C SER B 143 38.29 14.02 6.14
N ARG B 144 37.84 13.93 7.39
CA ARG B 144 38.04 12.72 8.18
C ARG B 144 36.82 11.82 8.13
N PRO B 145 37.06 10.52 7.90
CA PRO B 145 36.06 9.44 7.86
C PRO B 145 34.96 9.64 8.90
N GLY B 146 33.70 9.60 8.46
CA GLY B 146 32.58 9.84 9.33
C GLY B 146 31.43 8.96 8.89
N VAL B 147 30.23 9.23 9.42
CA VAL B 147 29.07 8.41 9.10
C VAL B 147 27.82 9.24 8.98
N ILE B 148 27.12 9.08 7.87
CA ILE B 148 25.85 9.75 7.66
C ILE B 148 24.72 8.75 7.56
N LEU B 149 23.64 9.04 8.28
CA LEU B 149 22.39 8.31 8.15
C LEU B 149 21.46 9.09 7.24
N GLN B 150 20.98 8.44 6.19
CA GLN B 150 20.08 9.12 5.29
C GLN B 150 18.70 8.51 5.35
N GLN B 151 17.69 9.32 5.57
CA GLN B 151 16.32 8.87 5.53
C GLN B 151 15.68 9.25 4.19
N THR B 152 15.43 8.27 3.34
CA THR B 152 14.97 8.49 1.97
C THR B 152 14.12 7.33 1.40
N ILE B 153 14.02 7.21 0.07
CA ILE B 153 13.27 6.13 -0.57
C ILE B 153 14.21 5.25 -1.39
N LYS B 154 13.93 3.95 -1.49
CA LYS B 154 14.85 3.08 -2.24
C LYS B 154 14.93 3.56 -3.68
N GLY B 155 16.18 3.80 -4.13
CA GLY B 155 16.47 4.26 -5.48
C GLY B 155 17.61 3.49 -6.12
N PRO B 156 18.01 3.91 -7.34
CA PRO B 156 19.04 3.26 -8.16
C PRO B 156 20.42 3.28 -7.51
N LEU B 157 20.60 4.17 -6.53
CA LEU B 157 21.87 4.28 -5.82
C LEU B 157 21.94 3.38 -4.59
N SER B 158 20.76 2.97 -4.11
CA SER B 158 20.61 2.17 -2.87
C SER B 158 21.21 0.78 -2.99
N VAL B 159 22.08 0.41 -2.05
CA VAL B 159 22.70 -0.91 -2.08
C VAL B 159 22.18 -1.83 -0.99
N GLU B 160 21.68 -3.00 -1.39
CA GLU B 160 21.26 -4.05 -0.44
C GLU B 160 22.32 -5.14 -0.30
N LYS B 161 22.74 -5.41 0.92
CA LYS B 161 23.68 -6.51 1.18
C LYS B 161 23.38 -7.06 2.56
N TRP B 162 22.23 -7.70 2.72
CA TRP B 162 21.78 -8.05 4.08
C TRP B 162 22.62 -9.15 4.71
N ALA B 163 22.85 -10.20 3.93
CA ALA B 163 23.65 -11.33 4.38
C ALA B 163 25.05 -10.90 4.79
N GLU B 164 25.46 -9.70 4.43
CA GLU B 164 26.79 -9.25 4.77
C GLU B 164 26.84 -8.47 6.07
N ILE B 165 25.82 -7.62 6.28
CA ILE B 165 25.84 -6.70 7.40
C ILE B 165 24.98 -7.13 8.58
N CYS B 166 24.13 -8.14 8.38
CA CYS B 166 23.19 -8.54 9.43
C CYS B 166 23.59 -9.79 10.19
N LEU B 167 23.09 -9.90 11.41
CA LEU B 167 23.30 -11.11 12.21
C LEU B 167 22.50 -12.23 11.64
N LYS B 168 23.15 -13.38 11.48
CA LYS B 168 22.50 -14.58 11.01
C LYS B 168 22.93 -15.73 11.93
N SER C 6 -8.30 17.40 52.23
CA SER C 6 -9.72 17.33 52.61
C SER C 6 -9.92 16.40 53.81
N ASN C 7 -9.83 15.09 53.59
CA ASN C 7 -9.92 14.14 54.69
C ASN C 7 -8.55 13.62 55.14
N VAL C 8 -8.42 13.41 56.45
CA VAL C 8 -7.18 12.93 57.07
C VAL C 8 -7.48 11.87 58.13
N ALA C 9 -8.77 11.56 58.27
CA ALA C 9 -9.24 10.61 59.28
C ALA C 9 -8.70 9.21 59.05
N VAL C 10 -8.45 8.48 60.12
CA VAL C 10 -8.04 7.09 60.01
C VAL C 10 -9.13 6.24 60.59
N ASN C 11 -9.53 5.20 59.86
CA ASN C 11 -10.56 4.30 60.34
C ASN C 11 -10.20 2.85 60.15
N THR C 12 -9.74 2.22 61.23
CA THR C 12 -9.47 0.80 61.22
C THR C 12 -10.80 0.06 61.44
N VAL C 13 -11.10 -0.89 60.57
CA VAL C 13 -12.40 -1.56 60.59
C VAL C 13 -12.39 -2.92 61.28
N PHE C 14 -13.02 -3.01 62.46
CA PHE C 14 -13.18 -4.29 63.13
C PHE C 14 -14.65 -4.73 63.08
N ALA C 15 -14.92 -5.97 62.67
CA ALA C 15 -16.29 -6.52 62.73
C ALA C 15 -16.73 -6.83 64.17
N SER C 16 -18.03 -7.09 64.36
CA SER C 16 -18.55 -7.55 65.65
C SER C 16 -19.65 -8.56 65.42
N LEU C 17 -20.23 -9.14 66.48
CA LEU C 17 -21.37 -10.03 66.35
C LEU C 17 -22.54 -9.32 65.65
N ASP C 18 -22.67 -8.02 65.89
CA ASP C 18 -23.78 -7.21 65.39
C ASP C 18 -23.50 -6.54 64.05
N ASN C 19 -22.23 -6.45 63.67
CA ASN C 19 -21.84 -5.80 62.43
C ASN C 19 -20.66 -6.51 61.73
N PHE C 20 -20.97 -7.47 60.88
CA PHE C 20 -19.94 -8.11 60.09
C PHE C 20 -20.32 -8.18 58.61
N ARG C 21 -19.31 -8.38 57.76
CA ARG C 21 -19.52 -8.48 56.32
C ARG C 21 -18.59 -9.55 55.81
N LYS C 22 -19.13 -10.71 55.48
CA LYS C 22 -18.29 -11.82 54.99
C LYS C 22 -17.71 -11.53 53.62
N GLY C 23 -16.43 -11.82 53.45
CA GLY C 23 -15.76 -11.67 52.18
C GLY C 23 -16.26 -12.60 51.11
N THR C 24 -15.45 -12.77 50.07
CA THR C 24 -15.89 -13.45 48.86
C THR C 24 -14.79 -14.35 48.27
N VAL C 25 -15.21 -15.43 47.63
CA VAL C 25 -14.27 -16.31 46.92
C VAL C 25 -14.75 -16.42 45.47
N GLU C 26 -14.13 -15.61 44.61
CA GLU C 26 -14.36 -15.63 43.16
C GLU C 26 -13.47 -16.68 42.53
N ILE C 27 -13.97 -17.90 42.36
CA ILE C 27 -13.18 -18.94 41.73
C ILE C 27 -13.01 -18.74 40.21
N ILE C 28 -11.81 -19.03 39.73
CA ILE C 28 -11.49 -18.95 38.30
C ILE C 28 -11.34 -20.36 37.74
N SER C 29 -11.10 -21.32 38.63
CA SER C 29 -10.76 -22.68 38.26
C SER C 29 -10.64 -23.51 39.53
N GLY C 30 -11.45 -24.56 39.65
CA GLY C 30 -11.47 -25.37 40.86
C GLY C 30 -12.73 -25.14 41.67
N GLU C 31 -12.64 -25.29 43.01
CA GLU C 31 -13.82 -25.20 43.87
C GLU C 31 -13.63 -24.40 45.12
N ALA C 32 -14.58 -23.52 45.42
CA ALA C 32 -14.53 -22.76 46.66
C ALA C 32 -14.43 -23.59 47.97
N ARG C 33 -14.93 -24.81 47.97
CA ARG C 33 -14.86 -25.59 49.20
C ARG C 33 -13.44 -26.05 49.49
N HIS C 34 -12.51 -25.73 48.60
CA HIS C 34 -11.12 -26.14 48.82
C HIS C 34 -10.47 -25.17 49.77
N TYR C 35 -11.11 -24.03 49.98
CA TYR C 35 -10.51 -22.97 50.77
C TYR C 35 -11.21 -22.81 52.12
N ALA C 36 -12.11 -23.74 52.44
CA ALA C 36 -12.78 -23.78 53.74
C ALA C 36 -13.19 -22.39 54.26
N PHE C 37 -13.79 -21.58 53.40
CA PHE C 37 -14.03 -20.17 53.71
C PHE C 37 -15.24 -19.87 54.62
N SER C 38 -14.95 -19.22 55.76
CA SER C 38 -15.93 -18.98 56.82
C SER C 38 -15.70 -17.63 57.47
N ASN C 39 -16.65 -17.16 58.26
CA ASN C 39 -16.46 -15.92 58.98
C ASN C 39 -16.81 -16.06 60.46
N ILE C 40 -15.83 -15.82 61.32
CA ILE C 40 -15.96 -16.18 62.73
C ILE C 40 -17.17 -15.56 63.42
N PHE C 41 -17.56 -14.37 62.98
CA PHE C 41 -18.74 -13.74 63.56
C PHE C 41 -20.01 -14.45 63.11
N GLU C 42 -20.09 -14.72 61.82
CA GLU C 42 -21.20 -15.51 61.31
C GLU C 42 -21.31 -16.81 62.09
N VAL C 43 -20.20 -17.51 62.26
CA VAL C 43 -20.20 -18.78 62.98
C VAL C 43 -20.67 -18.58 64.41
N ALA C 44 -20.15 -17.57 65.09
CA ALA C 44 -20.54 -17.35 66.48
C ALA C 44 -21.99 -16.89 66.59
N GLN C 45 -22.48 -16.17 65.59
CA GLN C 45 -23.88 -15.75 65.59
C GLN C 45 -24.84 -16.94 65.45
N ASN C 46 -24.33 -18.08 65.01
CA ASN C 46 -25.18 -19.24 64.71
C ASN C 46 -24.81 -20.50 65.49
N SER C 47 -24.16 -20.30 66.63
CA SER C 47 -23.73 -21.42 67.47
C SER C 47 -24.26 -21.23 68.88
N LYS C 48 -24.08 -22.27 69.70
CA LYS C 48 -24.51 -22.23 71.10
C LYS C 48 -23.36 -21.69 71.94
N PRO C 49 -23.69 -20.98 73.05
CA PRO C 49 -22.70 -20.45 74.00
C PRO C 49 -21.58 -21.43 74.41
N TYR C 50 -20.37 -21.15 73.95
CA TYR C 50 -19.15 -21.87 74.33
C TYR C 50 -18.99 -23.23 73.67
N GLU C 51 -19.70 -23.41 72.56
CA GLU C 51 -19.54 -24.58 71.71
C GLU C 51 -18.26 -24.31 70.94
N LYS C 52 -17.34 -25.27 70.94
CA LYS C 52 -16.04 -25.08 70.31
C LYS C 52 -16.07 -25.48 68.83
N VAL C 53 -16.47 -24.53 68.00
CA VAL C 53 -16.62 -24.76 66.57
C VAL C 53 -15.31 -24.59 65.83
N VAL C 54 -14.79 -25.70 65.34
CA VAL C 54 -13.55 -25.69 64.60
C VAL C 54 -13.74 -24.89 63.31
N VAL C 55 -12.94 -23.82 63.16
CA VAL C 55 -12.96 -22.98 61.95
C VAL C 55 -11.68 -23.10 61.12
N GLY C 56 -10.65 -23.67 61.71
CA GLY C 56 -9.41 -23.97 61.02
C GLY C 56 -8.83 -25.25 61.57
N LEU C 57 -8.41 -26.14 60.67
CA LEU C 57 -7.85 -27.41 61.08
C LEU C 57 -6.60 -27.70 60.26
N ASN C 58 -5.58 -28.23 60.91
CA ASN C 58 -4.31 -28.43 60.25
C ASN C 58 -3.63 -29.64 60.88
N LEU C 59 -4.04 -30.83 60.49
CA LEU C 59 -3.41 -32.06 60.97
C LEU C 59 -3.42 -32.15 62.49
N GLY C 60 -4.60 -32.06 63.12
CA GLY C 60 -4.64 -32.15 64.57
C GLY C 60 -4.79 -30.83 65.29
N TYR C 61 -4.01 -29.83 64.89
CA TYR C 61 -4.18 -28.52 65.49
C TYR C 61 -5.46 -27.88 65.00
N VAL C 62 -6.07 -27.04 65.83
CA VAL C 62 -7.30 -26.39 65.44
C VAL C 62 -7.28 -24.96 65.86
N VAL C 63 -8.19 -24.20 65.29
CA VAL C 63 -8.58 -22.91 65.83
C VAL C 63 -10.09 -22.96 65.99
N GLU C 64 -10.54 -22.74 67.22
CA GLU C 64 -11.94 -22.90 67.58
C GLU C 64 -12.55 -21.53 67.72
N THR C 65 -13.80 -21.37 67.31
CA THR C 65 -14.53 -20.16 67.62
C THR C 65 -15.60 -20.45 68.66
N LEU C 66 -15.61 -19.67 69.73
CA LEU C 66 -16.62 -19.82 70.78
C LEU C 66 -17.45 -18.57 70.83
N ARG C 67 -18.76 -18.73 70.82
CA ARG C 67 -19.65 -17.62 71.06
C ARG C 67 -19.72 -17.45 72.58
N ALA C 68 -19.08 -16.42 73.12
CA ALA C 68 -19.03 -16.29 74.56
C ALA C 68 -20.29 -15.61 75.03
N GLU C 69 -21.16 -16.39 75.68
CA GLU C 69 -22.40 -15.90 76.26
C GLU C 69 -22.54 -16.50 77.64
N GLY C 70 -22.73 -15.66 78.64
CA GLY C 70 -22.87 -16.14 80.00
C GLY C 70 -21.63 -16.83 80.57
N GLN C 71 -21.87 -17.85 81.40
CA GLN C 71 -20.78 -18.52 82.12
C GLN C 71 -20.45 -19.88 81.50
N SER C 72 -19.17 -20.19 81.39
CA SER C 72 -18.75 -21.42 80.75
C SER C 72 -18.44 -22.53 81.75
N PRO C 73 -18.42 -23.78 81.28
CA PRO C 73 -17.86 -24.91 82.01
C PRO C 73 -16.38 -24.70 82.37
N TRP C 74 -15.82 -25.56 83.22
CA TRP C 74 -14.39 -25.52 83.53
C TRP C 74 -13.61 -26.34 82.48
N PHE C 75 -12.65 -25.71 81.80
CA PHE C 75 -11.82 -26.39 80.81
C PHE C 75 -10.42 -26.54 81.33
N THR C 76 -9.77 -27.62 80.95
CA THR C 76 -8.39 -27.87 81.32
C THR C 76 -7.76 -28.63 80.17
N ALA C 77 -6.43 -28.57 80.06
CA ALA C 77 -5.74 -29.42 79.08
C ALA C 77 -4.31 -29.71 79.52
N ALA C 78 -3.66 -30.61 78.81
CA ALA C 78 -2.33 -31.08 79.16
C ALA C 78 -1.20 -30.29 78.49
N HIS C 79 -1.55 -29.20 77.83
CA HIS C 79 -0.59 -28.33 77.15
C HIS C 79 -1.10 -26.90 77.14
N ASP C 80 -0.29 -25.98 76.65
CA ASP C 80 -0.74 -24.61 76.60
C ASP C 80 -1.87 -24.45 75.58
N GLU C 81 -2.63 -23.37 75.72
CA GLU C 81 -3.56 -22.92 74.71
C GLU C 81 -3.63 -21.40 74.85
N PHE C 82 -4.34 -20.73 73.95
CA PHE C 82 -4.43 -19.28 74.03
C PHE C 82 -5.76 -18.84 73.53
N ALA C 83 -6.22 -17.70 74.00
CA ALA C 83 -7.50 -17.18 73.58
C ALA C 83 -7.38 -15.71 73.20
N ILE C 84 -7.99 -15.36 72.06
CA ILE C 84 -8.11 -13.96 71.70
C ILE C 84 -9.58 -13.60 71.72
N VAL C 85 -9.91 -12.54 72.45
CA VAL C 85 -11.27 -12.08 72.44
C VAL C 85 -11.40 -11.19 71.21
N MET C 86 -12.32 -11.54 70.33
CA MET C 86 -12.49 -10.82 69.08
C MET C 86 -13.59 -9.79 69.17
N ASP C 87 -14.45 -9.95 70.17
CA ASP C 87 -15.56 -9.03 70.38
C ASP C 87 -16.08 -9.27 71.79
N GLY C 88 -16.48 -8.20 72.45
CA GLY C 88 -17.07 -8.29 73.77
C GLY C 88 -16.09 -8.04 74.89
N GLU C 89 -16.49 -8.41 76.10
CA GLU C 89 -15.62 -8.38 77.26
C GLU C 89 -15.82 -9.71 77.94
N VAL C 90 -14.73 -10.36 78.27
CA VAL C 90 -14.78 -11.69 78.82
C VAL C 90 -13.75 -11.81 79.92
N ARG C 91 -14.20 -12.24 81.09
CA ARG C 91 -13.32 -12.42 82.22
C ARG C 91 -13.01 -13.90 82.36
N VAL C 92 -11.72 -14.21 82.38
CA VAL C 92 -11.28 -15.60 82.47
C VAL C 92 -10.76 -15.88 83.86
N GLU C 93 -11.32 -16.91 84.49
CA GLU C 93 -10.96 -17.21 85.87
C GLU C 93 -10.11 -18.46 85.91
N PHE C 94 -9.05 -18.43 86.72
CA PHE C 94 -8.01 -19.45 86.73
C PHE C 94 -7.84 -20.14 88.07
N LEU C 95 -7.71 -21.45 88.01
CA LEU C 95 -7.62 -22.25 89.22
C LEU C 95 -6.54 -23.31 88.98
N LYS C 96 -5.54 -23.36 89.85
CA LYS C 96 -4.44 -24.30 89.63
C LYS C 96 -4.72 -25.68 90.22
N LEU C 97 -4.82 -26.71 89.37
CA LEU C 97 -5.20 -28.06 89.83
C LEU C 97 -4.18 -28.69 90.77
N ASP C 98 -4.65 -29.26 91.87
CA ASP C 98 -3.74 -29.92 92.79
C ASP C 98 -3.17 -31.15 92.09
N ALA C 99 -3.96 -31.77 91.23
CA ALA C 99 -3.48 -32.92 90.46
C ALA C 99 -3.92 -32.86 89.00
N PRO C 100 -3.09 -32.23 88.14
CA PRO C 100 -3.44 -32.03 86.74
C PRO C 100 -3.22 -33.29 85.94
N SER C 101 -3.76 -33.36 84.73
CA SER C 101 -3.46 -34.49 83.84
C SER C 101 -2.20 -34.21 83.03
N LYS C 102 -1.26 -35.16 83.06
CA LYS C 102 0.02 -34.99 82.40
C LYS C 102 0.00 -35.56 81.00
N HIS C 103 -1.11 -36.21 80.63
CA HIS C 103 -1.19 -36.92 79.36
C HIS C 103 -2.38 -36.48 78.51
N GLY C 104 -2.49 -37.01 77.30
CA GLY C 104 -3.59 -36.66 76.43
C GLY C 104 -3.36 -35.39 75.62
N GLU C 105 -4.37 -34.99 74.86
CA GLU C 105 -4.27 -33.87 73.95
C GLU C 105 -5.68 -33.35 73.69
N GLY C 106 -5.80 -32.04 73.59
CA GLY C 106 -7.09 -31.42 73.36
C GLY C 106 -7.49 -30.73 74.63
N THR C 107 -8.56 -29.96 74.57
CA THR C 107 -9.10 -29.33 75.75
C THR C 107 -10.23 -30.19 76.34
N HIS C 108 -10.18 -30.40 77.65
CA HIS C 108 -11.13 -31.29 78.35
C HIS C 108 -11.87 -30.54 79.44
N LEU C 109 -12.99 -31.11 79.89
CA LEU C 109 -13.75 -30.54 81.00
C LEU C 109 -13.06 -30.89 82.31
N ALA C 110 -13.02 -29.94 83.24
CA ALA C 110 -12.32 -30.15 84.51
C ALA C 110 -13.27 -30.59 85.62
N GLY C 111 -14.57 -30.63 85.31
CA GLY C 111 -15.58 -30.99 86.29
C GLY C 111 -16.35 -29.78 86.80
N GLU C 112 -17.36 -30.03 87.63
CA GLU C 112 -18.21 -28.93 88.12
C GLU C 112 -17.57 -28.32 89.38
N LEU C 113 -16.73 -29.12 90.02
CA LEU C 113 -15.92 -28.62 91.11
C LEU C 113 -14.54 -29.21 90.97
N PRO C 114 -13.59 -28.43 90.46
CA PRO C 114 -12.23 -28.93 90.41
C PRO C 114 -11.47 -28.61 91.69
N VAL C 115 -10.39 -29.36 91.94
CA VAL C 115 -9.61 -29.25 93.16
C VAL C 115 -8.27 -28.54 92.96
N GLY C 116 -8.13 -27.35 93.54
CA GLY C 116 -6.88 -26.59 93.46
C GLY C 116 -6.95 -25.17 93.99
N LYS C 117 -5.82 -24.48 93.93
CA LYS C 117 -5.72 -23.11 94.44
C LYS C 117 -6.07 -22.04 93.40
N PRO C 118 -7.00 -21.14 93.74
CA PRO C 118 -7.34 -20.00 92.89
C PRO C 118 -6.13 -19.12 92.58
N MET C 119 -5.86 -18.91 91.28
CA MET C 119 -4.74 -18.09 90.82
C MET C 119 -5.18 -16.69 90.46
N GLY C 120 -6.50 -16.48 90.36
CA GLY C 120 -7.01 -15.17 89.98
C GLY C 120 -7.75 -15.18 88.65
N TYR C 121 -8.12 -14.00 88.17
CA TYR C 121 -8.92 -13.88 86.95
C TYR C 121 -8.28 -12.88 86.01
N VAL C 122 -8.70 -12.86 84.74
CA VAL C 122 -8.20 -11.89 83.77
C VAL C 122 -9.34 -11.22 83.03
N LEU C 123 -9.24 -9.91 82.79
CA LEU C 123 -10.27 -9.18 82.07
C LEU C 123 -9.81 -8.77 80.68
N LEU C 124 -10.28 -9.50 79.67
CA LEU C 124 -10.00 -9.22 78.27
C LEU C 124 -11.18 -8.53 77.57
N LYS C 125 -10.89 -7.42 76.89
CA LYS C 125 -11.86 -6.80 76.00
C LYS C 125 -11.46 -7.15 74.58
N ARG C 126 -12.05 -6.53 73.57
CA ARG C 126 -11.68 -6.85 72.19
C ARG C 126 -10.19 -6.73 71.89
N GLY C 127 -9.68 -7.68 71.12
CA GLY C 127 -8.31 -7.59 70.66
C GLY C 127 -7.28 -7.97 71.70
N HIS C 128 -7.73 -8.49 72.84
CA HIS C 128 -6.82 -8.94 73.89
C HIS C 128 -6.54 -10.42 73.79
N GLN C 129 -5.41 -10.84 74.33
CA GLN C 129 -4.96 -12.22 74.23
C GLN C 129 -4.37 -12.62 75.58
N CYS C 130 -4.72 -13.83 76.02
CA CYS C 130 -4.16 -14.34 77.27
C CYS C 130 -3.74 -15.78 77.11
N LEU C 131 -2.86 -16.22 78.01
CA LEU C 131 -2.37 -17.59 78.03
C LEU C 131 -3.27 -18.45 78.92
N LEU C 132 -3.53 -19.67 78.49
CA LEU C 132 -4.22 -20.67 79.30
C LEU C 132 -3.20 -21.73 79.62
N PRO C 133 -2.54 -21.59 80.79
CA PRO C 133 -1.41 -22.41 81.22
C PRO C 133 -1.78 -23.89 81.27
N ALA C 134 -0.81 -24.76 80.99
CA ALA C 134 -1.06 -26.19 81.08
C ALA C 134 -1.16 -26.53 82.55
N GLY C 135 -2.07 -27.43 82.89
CA GLY C 135 -2.26 -27.85 84.27
C GLY C 135 -3.01 -26.83 85.11
N SER C 136 -3.73 -25.94 84.45
CA SER C 136 -4.66 -25.06 85.12
C SER C 136 -6.04 -25.38 84.59
N ALA C 137 -7.06 -25.00 85.35
CA ALA C 137 -8.43 -25.03 84.87
C ALA C 137 -8.86 -23.59 84.69
N TYR C 138 -9.52 -23.28 83.58
CA TYR C 138 -9.99 -21.94 83.35
C TYR C 138 -11.49 -21.92 83.05
N ARG C 139 -12.10 -20.77 83.24
CA ARG C 139 -13.53 -20.64 83.09
C ARG C 139 -13.78 -19.25 82.50
N PHE C 140 -14.71 -19.17 81.55
CA PHE C 140 -15.04 -17.90 80.91
C PHE C 140 -16.36 -17.36 81.43
N GLU C 141 -16.41 -16.06 81.65
CA GLU C 141 -17.65 -15.42 82.01
C GLU C 141 -17.80 -14.19 81.12
N ALA C 142 -18.91 -14.10 80.40
CA ALA C 142 -19.07 -13.04 79.44
C ALA C 142 -20.04 -11.98 79.93
N SER C 143 -19.59 -10.73 79.87
CA SER C 143 -20.47 -9.61 80.18
C SER C 143 -21.67 -9.58 79.24
N ARG C 144 -21.42 -9.37 77.96
CA ARG C 144 -22.44 -9.48 76.93
C ARG C 144 -21.92 -10.48 75.92
N PRO C 145 -22.79 -10.97 75.01
CA PRO C 145 -22.31 -11.95 74.04
C PRO C 145 -21.07 -11.47 73.30
N GLY C 146 -20.01 -12.26 73.34
CA GLY C 146 -18.79 -11.94 72.61
C GLY C 146 -18.31 -13.06 71.69
N VAL C 147 -17.13 -12.87 71.09
CA VAL C 147 -16.48 -13.91 70.31
C VAL C 147 -15.07 -14.18 70.81
N ILE C 148 -14.75 -15.46 71.00
CA ILE C 148 -13.42 -15.87 71.41
C ILE C 148 -12.78 -16.78 70.36
N LEU C 149 -11.51 -16.51 70.06
CA LEU C 149 -10.71 -17.43 69.25
C LEU C 149 -9.81 -18.25 70.18
N GLN C 150 -9.91 -19.57 70.06
CA GLN C 150 -9.09 -20.42 70.88
C GLN C 150 -8.12 -21.18 69.98
N GLN C 151 -6.83 -21.15 70.32
CA GLN C 151 -5.81 -21.91 69.60
C GLN C 151 -5.37 -23.07 70.46
N THR C 152 -5.60 -24.28 69.96
CA THR C 152 -5.37 -25.48 70.75
C THR C 152 -5.22 -26.72 69.85
N ILE C 153 -5.54 -27.87 70.41
CA ILE C 153 -5.51 -29.12 69.67
C ILE C 153 -6.89 -29.76 69.72
N LYS C 154 -7.22 -30.52 68.68
CA LYS C 154 -8.54 -31.06 68.47
C LYS C 154 -8.87 -32.08 69.55
N GLY C 155 -9.91 -31.81 70.33
CA GLY C 155 -10.26 -32.66 71.44
C GLY C 155 -11.66 -33.22 71.33
N PRO C 156 -12.20 -33.69 72.46
CA PRO C 156 -13.54 -34.25 72.56
C PRO C 156 -14.58 -33.13 72.63
N LEU C 157 -14.17 -31.94 73.06
CA LEU C 157 -15.05 -30.81 72.99
C LEU C 157 -15.10 -30.21 71.56
N SER C 158 -14.18 -30.63 70.71
CA SER C 158 -14.10 -30.09 69.36
C SER C 158 -15.23 -30.54 68.46
N VAL C 159 -15.85 -29.56 67.82
CA VAL C 159 -17.08 -29.75 67.05
C VAL C 159 -16.87 -29.33 65.60
N GLU C 160 -17.00 -30.28 64.68
CA GLU C 160 -16.86 -29.94 63.27
C GLU C 160 -18.22 -29.82 62.61
N LYS C 161 -18.46 -28.70 61.93
CA LYS C 161 -19.64 -28.56 61.09
C LYS C 161 -19.35 -27.75 59.84
N TRP C 162 -18.32 -28.20 59.12
CA TRP C 162 -17.80 -27.51 57.94
C TRP C 162 -18.86 -27.09 56.95
N ALA C 163 -19.70 -28.02 56.54
CA ALA C 163 -20.66 -27.75 55.47
C ALA C 163 -21.74 -26.73 55.84
N GLU C 164 -21.93 -26.47 57.13
CA GLU C 164 -22.84 -25.42 57.54
C GLU C 164 -22.16 -24.05 57.39
N ILE C 165 -20.85 -23.99 57.63
CA ILE C 165 -20.14 -22.70 57.77
C ILE C 165 -19.22 -22.25 56.63
N CYS C 166 -18.93 -23.12 55.67
CA CYS C 166 -17.98 -22.77 54.61
C CYS C 166 -18.64 -22.63 53.25
N LEU C 167 -18.13 -21.70 52.43
CA LEU C 167 -18.65 -21.51 51.08
C LEU C 167 -18.41 -22.77 50.24
N LYS C 168 -19.48 -23.26 49.61
CA LYS C 168 -19.36 -24.44 48.75
C LYS C 168 -19.39 -24.10 47.23
N SER D 6 -24.13 25.06 -42.17
CA SER D 6 -24.69 26.31 -42.66
C SER D 6 -23.78 27.00 -43.68
N ASN D 7 -23.08 26.18 -44.47
CA ASN D 7 -22.17 26.69 -45.49
C ASN D 7 -21.86 25.60 -46.51
N VAL D 8 -22.32 25.80 -47.75
CA VAL D 8 -22.04 24.84 -48.82
C VAL D 8 -20.95 25.36 -49.76
N ALA D 9 -20.38 26.50 -49.39
CA ALA D 9 -19.36 27.19 -50.19
C ALA D 9 -18.27 26.26 -50.76
N VAL D 10 -18.33 25.96 -52.05
CA VAL D 10 -17.28 25.18 -52.67
C VAL D 10 -16.32 26.08 -53.39
N ASN D 11 -15.16 26.30 -52.79
CA ASN D 11 -14.12 27.09 -53.42
C ASN D 11 -12.84 26.31 -53.71
N THR D 12 -12.71 25.90 -54.96
CA THR D 12 -11.46 25.33 -55.44
C THR D 12 -10.46 26.46 -55.65
N VAL D 13 -9.36 26.43 -54.90
CA VAL D 13 -8.31 27.44 -55.03
C VAL D 13 -7.28 27.17 -56.16
N PHE D 14 -7.20 28.12 -57.10
CA PHE D 14 -6.12 28.16 -58.07
C PHE D 14 -5.28 29.40 -57.82
N ALA D 15 -4.06 29.38 -58.31
CA ALA D 15 -3.17 30.52 -58.11
C ALA D 15 -2.94 31.33 -59.40
N SER D 16 -2.57 32.60 -59.24
CA SER D 16 -2.27 33.50 -60.35
C SER D 16 -0.86 34.08 -60.24
N LEU D 17 -0.55 35.06 -61.10
CA LEU D 17 0.73 35.74 -61.05
C LEU D 17 0.68 36.87 -60.03
N ASP D 18 -0.51 37.41 -59.87
CA ASP D 18 -0.74 38.56 -59.02
C ASP D 18 -1.18 38.11 -57.64
N ASN D 19 -1.41 36.81 -57.50
CA ASN D 19 -1.90 36.23 -56.25
C ASN D 19 -1.55 34.74 -56.01
N PHE D 20 -0.39 34.49 -55.41
CA PHE D 20 0.05 33.14 -55.04
C PHE D 20 0.64 33.03 -53.62
N ARG D 21 0.50 31.85 -53.02
CA ARG D 21 0.98 31.60 -51.67
C ARG D 21 1.92 30.43 -51.70
N LYS D 22 3.20 30.70 -51.89
CA LYS D 22 4.22 29.65 -51.91
C LYS D 22 4.08 28.78 -50.67
N GLY D 23 4.25 27.47 -50.85
CA GLY D 23 4.10 26.49 -49.77
C GLY D 23 5.26 26.52 -48.79
N THR D 24 5.48 25.43 -48.06
CA THR D 24 6.60 25.39 -47.11
C THR D 24 7.19 24.01 -46.90
N VAL D 25 8.52 23.94 -46.83
CA VAL D 25 9.19 22.72 -46.46
C VAL D 25 9.84 22.82 -45.08
N GLU D 26 9.22 22.18 -44.09
CA GLU D 26 9.83 22.09 -42.76
C GLU D 26 10.60 20.77 -42.66
N ILE D 27 11.91 20.89 -42.51
CA ILE D 27 12.77 19.72 -42.39
C ILE D 27 12.94 19.31 -40.93
N ILE D 28 12.99 18.00 -40.70
CA ILE D 28 13.34 17.46 -39.40
C ILE D 28 14.83 17.11 -39.40
N SER D 29 15.21 16.19 -40.29
CA SER D 29 16.60 15.88 -40.58
C SER D 29 16.82 15.97 -42.09
N GLY D 30 17.94 16.54 -42.50
CA GLY D 30 18.26 16.65 -43.92
C GLY D 30 18.25 18.09 -44.45
N GLU D 31 18.25 18.23 -45.78
CA GLU D 31 18.35 19.55 -46.37
C GLU D 31 17.20 19.84 -47.32
N ALA D 32 16.66 21.05 -47.23
CA ALA D 32 15.57 21.45 -48.10
C ALA D 32 15.98 21.39 -49.57
N ARG D 33 17.27 21.51 -49.84
CA ARG D 33 17.75 21.54 -51.22
C ARG D 33 17.40 20.25 -51.98
N HIS D 34 17.45 19.13 -51.27
CA HIS D 34 17.14 17.85 -51.91
C HIS D 34 15.77 17.82 -52.59
N TYR D 35 14.90 18.78 -52.26
CA TYR D 35 13.53 18.78 -52.74
C TYR D 35 13.28 19.68 -53.95
N ALA D 36 14.26 20.48 -54.33
CA ALA D 36 14.13 21.31 -55.53
C ALA D 36 12.78 22.02 -55.52
N PHE D 37 12.46 22.59 -54.35
CA PHE D 37 11.15 23.15 -54.09
C PHE D 37 11.08 24.59 -54.55
N SER D 38 10.13 24.88 -55.43
CA SER D 38 9.95 26.21 -56.01
C SER D 38 8.45 26.37 -56.25
N ASN D 39 8.03 27.53 -56.75
CA ASN D 39 6.64 27.73 -57.17
C ASN D 39 6.66 28.26 -58.61
N ILE D 40 5.67 27.90 -59.42
CA ILE D 40 5.72 28.26 -60.84
C ILE D 40 5.22 29.68 -61.09
N PHE D 41 4.44 30.20 -60.15
CA PHE D 41 3.96 31.56 -60.25
C PHE D 41 5.02 32.50 -59.76
N GLU D 42 5.83 32.02 -58.81
CA GLU D 42 6.98 32.77 -58.34
C GLU D 42 7.98 32.87 -59.48
N VAL D 43 8.31 31.73 -60.08
CA VAL D 43 9.32 31.67 -61.14
C VAL D 43 8.93 32.51 -62.37
N ALA D 44 7.64 32.66 -62.61
CA ALA D 44 7.17 33.43 -63.76
C ALA D 44 7.28 34.91 -63.50
N GLN D 45 6.95 35.31 -62.28
CA GLN D 45 6.93 36.70 -61.91
C GLN D 45 8.33 37.30 -61.92
N ASN D 46 9.34 36.43 -61.90
CA ASN D 46 10.75 36.84 -61.88
C ASN D 46 11.59 36.30 -63.03
N SER D 47 11.04 36.33 -64.24
CA SER D 47 11.75 35.84 -65.43
C SER D 47 11.35 36.64 -66.65
N LYS D 48 12.21 36.61 -67.66
CA LYS D 48 11.89 37.26 -68.93
C LYS D 48 10.71 36.55 -69.60
N PRO D 49 10.02 37.27 -70.50
CA PRO D 49 8.96 36.72 -71.35
C PRO D 49 9.45 35.56 -72.20
N TYR D 50 8.90 34.38 -71.95
CA TYR D 50 9.20 33.15 -72.70
C TYR D 50 10.61 32.60 -72.45
N GLU D 51 11.23 33.01 -71.34
CA GLU D 51 12.42 32.34 -70.81
C GLU D 51 12.00 30.94 -70.34
N LYS D 52 12.52 29.91 -71.00
CA LYS D 52 12.18 28.53 -70.66
C LYS D 52 12.91 28.10 -69.38
N VAL D 53 12.29 28.34 -68.23
CA VAL D 53 12.91 28.05 -66.93
C VAL D 53 12.64 26.64 -66.43
N VAL D 54 13.70 25.86 -66.26
CA VAL D 54 13.53 24.48 -65.80
C VAL D 54 13.15 24.43 -64.31
N VAL D 55 11.92 23.98 -64.04
CA VAL D 55 11.42 23.78 -62.67
C VAL D 55 11.37 22.29 -62.33
N GLY D 56 11.72 21.46 -63.30
CA GLY D 56 11.76 20.03 -63.13
C GLY D 56 12.74 19.42 -64.11
N LEU D 57 13.50 18.44 -63.65
CA LEU D 57 14.48 17.78 -64.50
C LEU D 57 14.63 16.33 -64.07
N ASN D 58 14.45 15.40 -64.99
CA ASN D 58 14.48 13.99 -64.66
C ASN D 58 15.19 13.24 -65.75
N LEU D 59 16.51 13.15 -65.67
CA LEU D 59 17.31 12.51 -66.72
C LEU D 59 17.07 13.09 -68.13
N GLY D 60 17.24 14.39 -68.28
CA GLY D 60 17.11 15.02 -69.57
C GLY D 60 15.71 15.54 -69.82
N TYR D 61 14.72 14.71 -69.56
CA TYR D 61 13.35 15.16 -69.70
C TYR D 61 13.16 16.28 -68.69
N VAL D 62 12.45 17.32 -69.11
CA VAL D 62 12.27 18.48 -68.27
C VAL D 62 10.84 18.98 -68.24
N VAL D 63 10.49 19.62 -67.15
CA VAL D 63 9.32 20.48 -67.10
C VAL D 63 9.82 21.93 -67.13
N GLU D 64 9.24 22.76 -67.99
CA GLU D 64 9.65 24.16 -68.10
C GLU D 64 8.50 25.10 -67.72
N THR D 65 8.86 26.25 -67.15
CA THR D 65 7.87 27.31 -66.92
C THR D 65 8.22 28.59 -67.65
N LEU D 66 7.27 29.05 -68.45
CA LEU D 66 7.45 30.24 -69.25
C LEU D 66 6.49 31.30 -68.75
N ARG D 67 6.96 32.54 -68.69
CA ARG D 67 6.10 33.68 -68.43
C ARG D 67 5.47 34.13 -69.74
N ALA D 68 4.15 34.23 -69.77
CA ALA D 68 3.44 34.55 -71.02
C ALA D 68 3.24 36.06 -71.19
N GLU D 69 3.87 36.60 -72.23
CA GLU D 69 3.83 38.05 -72.45
C GLU D 69 4.13 38.36 -73.92
N GLY D 70 3.16 38.96 -74.60
CA GLY D 70 3.35 39.38 -75.98
C GLY D 70 3.61 38.23 -76.93
N GLN D 71 4.45 38.45 -77.96
CA GLN D 71 4.75 37.40 -78.92
C GLN D 71 6.03 36.60 -78.62
N SER D 72 5.93 35.32 -78.93
CA SER D 72 7.04 34.38 -78.81
C SER D 72 7.76 34.30 -80.15
N PRO D 73 9.03 33.89 -80.11
CA PRO D 73 9.73 33.47 -81.33
C PRO D 73 9.03 32.27 -81.96
N TRP D 74 9.71 31.62 -82.89
CA TRP D 74 9.21 30.38 -83.45
C TRP D 74 9.96 29.19 -82.86
N PHE D 75 9.20 28.26 -82.27
CA PHE D 75 9.77 27.06 -81.66
C PHE D 75 9.38 25.80 -82.42
N THR D 76 10.31 24.86 -82.50
CA THR D 76 10.06 23.56 -83.13
C THR D 76 11.00 22.48 -82.61
N ALA D 77 10.53 21.22 -82.62
CA ALA D 77 11.37 20.11 -82.20
C ALA D 77 11.17 18.79 -82.94
N ALA D 78 12.05 17.83 -82.59
CA ALA D 78 12.12 16.54 -83.25
C ALA D 78 11.15 15.52 -82.64
N HIS D 79 10.52 15.90 -81.53
CA HIS D 79 9.53 15.05 -80.86
C HIS D 79 8.32 15.85 -80.39
N ASP D 80 7.32 15.13 -79.88
CA ASP D 80 6.14 15.78 -79.33
C ASP D 80 6.47 16.60 -78.09
N GLU D 81 5.62 17.59 -77.82
CA GLU D 81 5.76 18.47 -76.66
C GLU D 81 4.42 19.08 -76.30
N PHE D 82 4.08 19.17 -75.02
CA PHE D 82 2.81 19.75 -74.64
C PHE D 82 2.97 21.01 -73.79
N ALA D 83 1.88 21.75 -73.66
CA ALA D 83 1.87 22.93 -72.83
C ALA D 83 0.56 23.00 -72.07
N ILE D 84 0.63 23.48 -70.83
CA ILE D 84 -0.57 23.76 -70.05
C ILE D 84 -0.63 25.24 -69.70
N VAL D 85 -1.82 25.81 -69.74
CA VAL D 85 -1.97 27.18 -69.32
C VAL D 85 -2.45 27.24 -67.89
N MET D 86 -1.53 27.60 -66.99
CA MET D 86 -1.84 27.72 -65.58
C MET D 86 -2.47 29.08 -65.22
N ASP D 87 -2.36 30.07 -66.12
CA ASP D 87 -2.95 31.38 -65.88
C ASP D 87 -3.13 32.18 -67.16
N GLY D 88 -4.23 32.94 -67.22
CA GLY D 88 -4.48 33.86 -68.32
C GLY D 88 -4.91 33.22 -69.63
N GLU D 89 -4.73 33.96 -70.72
CA GLU D 89 -5.01 33.43 -72.06
C GLU D 89 -3.82 33.52 -72.97
N VAL D 90 -3.49 32.39 -73.59
CA VAL D 90 -2.41 32.34 -74.57
C VAL D 90 -2.95 31.81 -75.89
N ARG D 91 -2.64 32.51 -76.99
CA ARG D 91 -3.05 32.03 -78.30
C ARG D 91 -1.87 31.34 -78.99
N VAL D 92 -2.11 30.13 -79.52
CA VAL D 92 -1.04 29.33 -80.07
C VAL D 92 -1.18 29.13 -81.57
N GLU D 93 -0.21 29.66 -82.31
CA GLU D 93 -0.21 29.59 -83.77
C GLU D 93 0.75 28.50 -84.29
N PHE D 94 0.23 27.64 -85.17
CA PHE D 94 0.96 26.48 -85.69
C PHE D 94 1.28 26.55 -87.18
N LEU D 95 2.50 26.13 -87.54
CA LEU D 95 2.90 26.02 -88.95
C LEU D 95 3.53 24.63 -89.21
N LYS D 96 3.14 24.01 -90.31
CA LYS D 96 3.66 22.67 -90.66
C LYS D 96 4.92 22.77 -91.50
N LEU D 97 6.08 22.61 -90.87
CA LEU D 97 7.36 22.68 -91.60
C LEU D 97 7.39 21.67 -92.75
N ASP D 98 7.91 22.12 -93.90
CA ASP D 98 8.01 21.27 -95.08
C ASP D 98 9.25 20.41 -94.93
N ALA D 99 10.27 21.03 -94.31
CA ALA D 99 11.52 20.33 -94.02
C ALA D 99 11.92 20.49 -92.55
N PRO D 100 11.37 19.62 -91.65
CA PRO D 100 11.64 19.72 -90.21
C PRO D 100 12.85 18.90 -89.76
N SER D 101 13.26 19.09 -88.49
CA SER D 101 14.38 18.32 -87.93
C SER D 101 14.00 16.87 -87.66
N LYS D 102 14.85 15.95 -88.10
CA LYS D 102 14.61 14.53 -87.90
C LYS D 102 15.42 14.02 -86.71
N HIS D 103 16.54 14.68 -86.44
CA HIS D 103 17.39 14.27 -85.34
C HIS D 103 17.37 15.31 -84.24
N GLY D 104 18.02 14.98 -83.13
CA GLY D 104 18.14 15.86 -81.99
C GLY D 104 16.91 15.93 -81.10
N GLU D 105 17.09 16.49 -79.91
CA GLU D 105 15.97 16.71 -79.00
C GLU D 105 16.06 18.04 -78.25
N GLY D 106 14.98 18.38 -77.57
CA GLY D 106 14.87 19.67 -76.93
C GLY D 106 14.16 20.59 -77.89
N THR D 107 13.68 21.71 -77.38
CA THR D 107 13.03 22.70 -78.19
C THR D 107 14.06 23.65 -78.84
N HIS D 108 13.84 23.93 -80.13
CA HIS D 108 14.75 24.71 -80.96
C HIS D 108 14.04 25.91 -81.55
N LEU D 109 14.81 26.95 -81.87
CA LEU D 109 14.27 28.09 -82.60
C LEU D 109 14.10 27.71 -84.06
N ALA D 110 12.94 28.03 -84.62
CA ALA D 110 12.65 27.76 -86.03
C ALA D 110 13.02 28.95 -86.95
N GLY D 111 13.45 30.06 -86.35
CA GLY D 111 13.86 31.24 -87.08
C GLY D 111 12.81 32.32 -87.17
N GLU D 112 13.15 33.41 -87.84
CA GLU D 112 12.25 34.55 -88.03
C GLU D 112 11.13 34.23 -89.00
N LEU D 113 11.48 33.46 -90.01
CA LEU D 113 10.58 33.16 -91.12
C LEU D 113 10.78 31.71 -91.54
N PRO D 114 10.10 30.78 -90.85
CA PRO D 114 10.12 29.35 -91.15
C PRO D 114 9.29 29.12 -92.38
N VAL D 115 9.59 28.05 -93.10
CA VAL D 115 8.93 27.80 -94.37
C VAL D 115 7.96 26.64 -94.21
N GLY D 116 6.68 26.95 -94.13
CA GLY D 116 5.65 25.94 -94.03
C GLY D 116 4.23 26.46 -94.17
N LYS D 117 3.30 25.50 -94.27
CA LYS D 117 1.88 25.78 -94.46
C LYS D 117 1.13 25.97 -93.13
N PRO D 118 0.50 27.14 -92.94
CA PRO D 118 -0.32 27.44 -91.75
C PRO D 118 -1.29 26.32 -91.33
N MET D 119 -1.33 26.02 -90.03
CA MET D 119 -2.21 24.98 -89.48
C MET D 119 -3.39 25.57 -88.71
N GLY D 120 -3.37 26.90 -88.55
CA GLY D 120 -4.40 27.60 -87.83
C GLY D 120 -3.93 27.95 -86.43
N TYR D 121 -4.86 28.08 -85.50
CA TYR D 121 -4.47 28.38 -84.13
C TYR D 121 -5.34 27.72 -83.06
N VAL D 122 -4.87 27.77 -81.82
CA VAL D 122 -5.65 27.34 -80.67
C VAL D 122 -5.74 28.51 -79.69
N LEU D 123 -6.85 28.57 -78.94
CA LEU D 123 -7.06 29.66 -78.00
C LEU D 123 -7.28 29.16 -76.56
N LEU D 124 -6.17 28.86 -75.88
CA LEU D 124 -6.18 28.27 -74.54
C LEU D 124 -6.51 29.27 -73.43
N LYS D 125 -7.27 28.81 -72.44
CA LYS D 125 -7.48 29.58 -71.21
C LYS D 125 -6.89 28.83 -70.01
N ARG D 126 -7.09 29.38 -68.81
CA ARG D 126 -6.59 28.71 -67.61
C ARG D 126 -7.07 27.27 -67.55
N GLY D 127 -6.12 26.37 -67.38
CA GLY D 127 -6.43 24.96 -67.24
C GLY D 127 -6.65 24.21 -68.53
N HIS D 128 -6.25 24.79 -69.67
CA HIS D 128 -6.34 24.06 -70.96
C HIS D 128 -4.98 23.52 -71.40
N GLN D 129 -4.99 22.37 -72.09
CA GLN D 129 -3.74 21.75 -72.54
C GLN D 129 -3.82 21.37 -74.03
N CYS D 130 -2.71 21.59 -74.74
CA CYS D 130 -2.65 21.32 -76.18
C CYS D 130 -1.38 20.54 -76.59
N LEU D 131 -1.41 19.96 -77.80
CA LEU D 131 -0.28 19.21 -78.33
C LEU D 131 0.53 20.03 -79.34
N LEU D 132 1.81 20.22 -79.04
CA LEU D 132 2.75 20.87 -79.95
C LEU D 132 3.49 19.80 -80.74
N PRO D 133 2.91 19.40 -81.88
CA PRO D 133 3.26 18.18 -82.59
C PRO D 133 4.66 18.18 -83.21
N ALA D 134 5.20 16.97 -83.40
CA ALA D 134 6.55 16.79 -83.93
C ALA D 134 6.64 17.20 -85.40
N GLY D 135 7.64 18.02 -85.72
CA GLY D 135 7.84 18.46 -87.08
C GLY D 135 6.91 19.59 -87.45
N SER D 136 6.51 20.37 -86.44
CA SER D 136 5.75 21.59 -86.67
C SER D 136 6.42 22.69 -85.85
N ALA D 137 6.14 23.94 -86.21
CA ALA D 137 6.66 25.07 -85.44
C ALA D 137 5.51 25.92 -84.91
N TYR D 138 5.56 26.20 -83.61
CA TYR D 138 4.47 26.88 -82.94
C TYR D 138 4.93 28.20 -82.35
N ARG D 139 3.97 29.09 -82.11
CA ARG D 139 4.27 30.42 -81.60
C ARG D 139 3.17 30.88 -80.63
N PHE D 140 3.58 31.60 -79.59
CA PHE D 140 2.67 32.07 -78.53
C PHE D 140 2.42 33.57 -78.62
N GLU D 141 1.22 34.00 -78.25
CA GLU D 141 0.93 35.44 -78.18
C GLU D 141 -0.05 35.70 -77.03
N ALA D 142 0.43 36.42 -76.03
CA ALA D 142 -0.33 36.66 -74.81
C ALA D 142 -0.69 38.12 -74.61
N SER D 143 -2.00 38.40 -74.54
CA SER D 143 -2.47 39.76 -74.33
C SER D 143 -2.04 40.29 -72.96
N ARG D 144 -2.34 39.51 -71.92
CA ARG D 144 -1.92 39.84 -70.56
C ARG D 144 -0.93 38.81 -70.03
N PRO D 145 -0.22 39.15 -68.95
CA PRO D 145 0.69 38.18 -68.34
C PRO D 145 -0.03 36.92 -67.85
N GLY D 146 0.51 35.76 -68.24
CA GLY D 146 0.03 34.48 -67.75
C GLY D 146 1.18 33.49 -67.66
N VAL D 147 0.88 32.24 -67.26
CA VAL D 147 1.94 31.24 -67.13
C VAL D 147 1.72 30.04 -68.04
N ILE D 148 2.82 29.48 -68.53
CA ILE D 148 2.78 28.28 -69.35
C ILE D 148 3.62 27.20 -68.72
N LEU D 149 3.15 25.97 -68.85
CA LEU D 149 3.95 24.82 -68.44
C LEU D 149 4.28 23.97 -69.64
N GLN D 150 5.56 23.78 -69.87
CA GLN D 150 5.99 23.03 -71.04
C GLN D 150 6.58 21.67 -70.66
N GLN D 151 5.93 20.59 -71.07
CA GLN D 151 6.54 19.28 -70.91
C GLN D 151 7.43 19.00 -72.12
N THR D 152 8.71 18.72 -71.86
CA THR D 152 9.63 18.48 -72.97
C THR D 152 10.96 17.88 -72.52
N ILE D 153 11.93 17.94 -73.42
CA ILE D 153 13.29 17.54 -73.11
C ILE D 153 14.19 18.77 -73.04
N LYS D 154 15.31 18.60 -72.33
CA LYS D 154 16.36 19.61 -72.19
C LYS D 154 17.04 19.90 -73.53
N GLY D 155 16.85 21.13 -74.01
CA GLY D 155 17.51 21.62 -75.21
C GLY D 155 18.46 22.77 -74.92
N PRO D 156 18.86 23.50 -75.97
CA PRO D 156 19.76 24.65 -75.85
C PRO D 156 19.01 25.91 -75.42
N LEU D 157 17.68 25.85 -75.41
CA LEU D 157 16.84 26.93 -74.92
C LEU D 157 16.42 26.74 -73.46
N SER D 158 16.73 25.56 -72.90
CA SER D 158 16.40 25.25 -71.51
C SER D 158 17.34 25.97 -70.54
N VAL D 159 16.76 26.83 -69.70
CA VAL D 159 17.50 27.61 -68.71
C VAL D 159 17.46 26.98 -67.30
N GLU D 160 18.64 26.78 -66.72
CA GLU D 160 18.71 26.21 -65.38
C GLU D 160 19.17 27.26 -64.36
N LYS D 161 18.25 27.69 -63.50
CA LYS D 161 18.62 28.57 -62.42
C LYS D 161 18.12 28.08 -61.06
N TRP D 162 18.49 26.86 -60.72
CA TRP D 162 18.05 26.23 -59.46
C TRP D 162 18.38 27.13 -58.28
N ALA D 163 19.67 27.41 -58.12
CA ALA D 163 20.15 28.35 -57.12
C ALA D 163 19.13 29.45 -56.78
N GLU D 164 18.46 29.98 -57.79
CA GLU D 164 17.56 31.12 -57.61
C GLU D 164 16.11 30.76 -57.25
N ILE D 165 15.59 29.66 -57.80
CA ILE D 165 14.16 29.30 -57.67
C ILE D 165 13.77 28.44 -56.45
N CYS D 166 14.63 27.49 -56.11
CA CYS D 166 14.32 26.54 -55.04
C CYS D 166 14.51 27.10 -53.64
N LEU D 167 14.27 26.24 -52.65
CA LEU D 167 14.57 26.60 -51.28
C LEU D 167 15.95 26.07 -50.96
N LYS D 168 16.50 26.50 -49.82
CA LYS D 168 17.73 25.93 -49.29
C LYS D 168 17.67 25.91 -47.74
N ASP E 16 -9.38 27.13 -15.61
CA ASP E 16 -10.74 26.76 -16.03
C ASP E 16 -11.33 27.73 -17.09
N ASP E 17 -10.55 28.72 -17.53
CA ASP E 17 -11.05 29.64 -18.56
C ASP E 17 -10.49 29.35 -19.96
N VAL E 18 -11.36 28.85 -20.83
CA VAL E 18 -10.89 28.21 -22.06
C VAL E 18 -10.69 29.18 -23.21
N GLN E 19 -9.43 29.40 -23.60
CA GLN E 19 -9.12 30.19 -24.78
C GLN E 19 -9.63 29.44 -26.01
N ALA E 20 -10.72 29.92 -26.59
CA ALA E 20 -11.20 29.42 -27.88
C ALA E 20 -11.46 30.58 -28.82
N SER E 21 -11.41 30.32 -30.12
CA SER E 21 -11.54 31.36 -31.14
C SER E 21 -13.01 31.53 -31.54
N PRO E 22 -13.29 32.43 -32.49
CA PRO E 22 -14.66 32.41 -33.03
C PRO E 22 -14.80 31.27 -34.06
N PRO E 23 -16.05 30.89 -34.37
CA PRO E 23 -16.32 29.84 -35.36
C PRO E 23 -15.73 30.21 -36.73
N HIS E 24 -14.97 29.29 -37.32
CA HIS E 24 -14.29 29.51 -38.60
C HIS E 24 -15.29 29.77 -39.71
N ALA E 25 -14.95 30.74 -40.56
CA ALA E 25 -15.83 31.25 -41.61
C ALA E 25 -16.46 30.17 -42.51
N VAL E 26 -15.66 29.19 -42.87
CA VAL E 26 -16.06 28.11 -43.77
C VAL E 26 -16.36 26.85 -42.98
N THR E 27 -15.42 26.51 -42.11
CA THR E 27 -15.41 25.25 -41.40
C THR E 27 -16.55 25.15 -40.39
N GLY E 28 -16.65 26.16 -39.54
CA GLY E 28 -17.73 26.25 -38.58
C GLY E 28 -17.26 25.95 -37.18
N TYR E 29 -16.05 25.43 -37.09
CA TYR E 29 -15.52 24.92 -35.84
C TYR E 29 -14.66 25.96 -35.19
N ARG E 30 -14.65 25.96 -33.87
CA ARG E 30 -13.70 26.79 -33.15
C ARG E 30 -12.35 26.11 -33.04
N SER E 31 -11.29 26.91 -32.94
CA SER E 31 -9.97 26.39 -32.69
C SER E 31 -9.66 26.76 -31.23
N PHE E 32 -8.70 26.07 -30.61
CA PHE E 32 -8.47 26.25 -29.19
C PHE E 32 -6.99 26.42 -28.83
N GLN E 33 -6.73 27.11 -27.73
CA GLN E 33 -5.38 27.25 -27.25
C GLN E 33 -5.25 26.59 -25.89
N LEU E 34 -4.14 25.91 -25.70
CA LEU E 34 -3.84 25.28 -24.43
C LEU E 34 -2.35 25.43 -24.28
N GLY E 35 -1.93 26.38 -23.44
CA GLY E 35 -0.52 26.66 -23.31
C GLY E 35 0.05 26.96 -24.68
N ALA E 36 1.12 26.28 -25.04
CA ALA E 36 1.67 26.45 -26.38
C ALA E 36 0.78 25.79 -27.45
N PHE E 37 0.12 24.71 -27.05
CA PHE E 37 -0.60 23.87 -27.98
C PHE E 37 -1.78 24.56 -28.66
N GLU E 38 -1.81 24.48 -29.97
CA GLU E 38 -2.97 24.97 -30.71
C GLU E 38 -3.74 23.78 -31.28
N LEU E 39 -5.05 23.79 -31.06
CA LEU E 39 -5.89 22.71 -31.53
C LEU E 39 -7.04 23.22 -32.37
N SER E 40 -7.03 22.85 -33.64
CA SER E 40 -8.04 23.25 -34.59
C SER E 40 -8.43 22.01 -35.39
N ARG E 41 -9.63 22.02 -35.98
CA ARG E 41 -9.98 20.93 -36.87
C ARG E 41 -10.76 21.42 -38.12
N ASP E 42 -10.79 20.59 -39.16
CA ASP E 42 -11.54 20.90 -40.37
C ASP E 42 -12.42 19.73 -40.76
N GLU E 43 -12.65 19.54 -42.05
CA GLU E 43 -13.57 18.51 -42.54
C GLU E 43 -13.12 17.06 -42.31
N TYR E 44 -11.82 16.83 -42.20
CA TYR E 44 -11.31 15.47 -42.05
C TYR E 44 -10.35 15.27 -40.90
N PHE E 45 -9.58 16.29 -40.55
CA PHE E 45 -8.52 16.14 -39.56
C PHE E 45 -8.61 17.07 -38.38
N ALA E 46 -8.20 16.58 -37.22
CA ALA E 46 -7.85 17.46 -36.12
C ALA E 46 -6.40 17.81 -36.38
N ARG E 47 -5.97 19.00 -35.97
CA ARG E 47 -4.62 19.44 -36.25
C ARG E 47 -4.03 20.09 -35.01
N ILE E 48 -3.00 19.47 -34.42
CA ILE E 48 -2.31 19.98 -33.21
C ILE E 48 -0.99 20.67 -33.51
N THR E 49 -0.80 21.81 -32.87
CA THR E 49 0.33 22.69 -33.13
C THR E 49 1.14 22.95 -31.86
N TRP E 50 2.46 22.81 -31.95
CA TRP E 50 3.32 23.14 -30.80
C TRP E 50 4.64 23.71 -31.29
N PRO E 51 5.35 24.39 -30.39
CA PRO E 51 6.65 24.98 -30.75
C PRO E 51 7.79 24.09 -30.30
N ALA E 52 8.73 23.83 -31.20
CA ALA E 52 10.00 23.18 -30.85
C ALA E 52 11.07 23.54 -31.89
N LYS E 53 12.26 23.89 -31.41
CA LYS E 53 13.37 24.39 -32.26
C LYS E 53 13.03 25.63 -33.10
N GLY E 54 12.36 26.59 -32.47
CA GLY E 54 12.11 27.87 -33.10
C GLY E 54 11.02 27.93 -34.15
N GLU E 55 10.59 26.76 -34.64
CA GLU E 55 9.47 26.70 -35.58
C GLU E 55 8.23 26.05 -34.96
N THR E 56 7.09 26.19 -35.63
CA THR E 56 5.85 25.61 -35.17
C THR E 56 5.64 24.25 -35.79
N ARG E 57 5.55 23.20 -34.96
CA ARG E 57 5.36 21.87 -35.53
C ARG E 57 3.88 21.51 -35.57
N SER E 58 3.51 20.68 -36.54
CA SER E 58 2.11 20.32 -36.76
C SER E 58 1.92 18.82 -36.75
N HIS E 59 0.69 18.41 -36.56
CA HIS E 59 0.35 17.02 -36.73
C HIS E 59 -1.15 16.81 -36.98
N LEU E 60 -1.45 15.86 -37.84
CA LEU E 60 -2.82 15.64 -38.31
C LEU E 60 -3.32 14.27 -37.89
N ILE E 61 -4.52 14.22 -37.33
CA ILE E 61 -5.16 12.95 -37.01
C ILE E 61 -6.58 12.95 -37.53
N PRO E 62 -6.98 11.88 -38.22
CA PRO E 62 -8.38 11.76 -38.65
C PRO E 62 -9.36 12.14 -37.52
N ALA E 63 -10.35 12.97 -37.83
CA ALA E 63 -11.28 13.48 -36.82
C ALA E 63 -11.84 12.36 -35.94
N ASP E 64 -12.27 11.28 -36.58
CA ASP E 64 -12.84 10.16 -35.82
C ASP E 64 -11.87 9.57 -34.74
N ILE E 65 -10.70 9.12 -35.17
CA ILE E 65 -9.65 8.67 -34.25
C ILE E 65 -9.48 9.66 -33.12
N PHE E 66 -9.42 10.94 -33.48
CA PHE E 66 -9.12 11.98 -32.50
C PHE E 66 -10.20 12.09 -31.45
N LEU E 67 -11.42 12.32 -31.90
CA LEU E 67 -12.53 12.47 -30.96
C LEU E 67 -12.72 11.24 -30.09
N ARG E 68 -12.67 10.05 -30.69
CA ARG E 68 -12.85 8.84 -29.89
C ARG E 68 -11.89 8.80 -28.70
N ALA E 69 -10.64 9.21 -28.95
CA ALA E 69 -9.59 9.17 -27.93
C ALA E 69 -9.81 10.23 -26.88
N MET E 70 -10.05 11.47 -27.33
CA MET E 70 -10.34 12.54 -26.40
C MET E 70 -11.52 12.20 -25.50
N MET E 71 -12.48 11.45 -26.05
CA MET E 71 -13.65 11.14 -25.28
C MET E 71 -13.25 10.23 -24.14
N ARG E 72 -12.46 9.20 -24.42
CA ARG E 72 -11.98 8.32 -23.35
C ARG E 72 -11.11 9.11 -22.37
N ASP E 73 -10.29 10.01 -22.88
CA ASP E 73 -9.47 10.84 -21.99
C ASP E 73 -10.32 11.61 -20.99
N VAL E 74 -11.29 12.38 -21.46
CA VAL E 74 -12.27 13.03 -20.58
C VAL E 74 -12.97 12.02 -19.63
N ALA E 75 -13.65 11.03 -20.20
CA ALA E 75 -14.41 10.07 -19.39
C ALA E 75 -13.64 9.45 -18.23
N TRP E 76 -12.36 9.13 -18.43
CA TRP E 76 -11.59 8.41 -17.42
C TRP E 76 -10.86 9.33 -16.47
N GLY E 77 -11.02 10.64 -16.69
CA GLY E 77 -10.29 11.65 -15.95
C GLY E 77 -8.79 11.53 -16.18
N PHE E 78 -8.41 11.23 -17.40
CA PHE E 78 -7.01 11.13 -17.75
C PHE E 78 -6.32 9.85 -17.26
N PHE E 79 -7.11 8.99 -16.61
CA PHE E 79 -6.69 7.61 -16.36
C PHE E 79 -5.38 7.61 -15.60
N TYR E 80 -4.66 6.51 -15.69
CA TYR E 80 -3.33 6.41 -15.14
C TYR E 80 -2.36 6.10 -16.26
N GLY E 81 -1.08 6.28 -15.97
CA GLY E 81 -0.07 6.04 -16.97
C GLY E 81 -0.25 6.95 -18.16
N TRP E 82 0.32 6.50 -19.26
CA TRP E 82 0.30 7.22 -20.53
C TRP E 82 -0.86 6.87 -21.48
N VAL E 83 -1.71 7.86 -21.76
CA VAL E 83 -2.79 7.73 -22.74
C VAL E 83 -2.37 8.36 -24.07
N ASN E 84 -2.16 7.52 -25.09
CA ASN E 84 -1.74 8.01 -26.39
C ASN E 84 -2.87 7.99 -27.41
N PHE E 85 -3.17 9.16 -28.00
CA PHE E 85 -4.13 9.25 -29.09
C PHE E 85 -3.52 8.57 -30.30
N ASP E 86 -2.20 8.68 -30.42
CA ASP E 86 -1.45 7.98 -31.47
C ASP E 86 0.06 8.04 -31.23
N HIS E 87 0.85 7.72 -32.24
CA HIS E 87 2.29 7.62 -32.03
C HIS E 87 2.97 8.96 -31.73
N VAL E 88 2.18 10.03 -31.70
CA VAL E 88 2.71 11.38 -31.49
C VAL E 88 2.09 12.09 -30.28
N ILE E 89 0.77 12.16 -30.25
CA ILE E 89 0.05 12.89 -29.21
C ILE E 89 -0.38 11.97 -28.06
N GLY E 90 -0.33 12.48 -26.83
CA GLY E 90 -0.80 11.74 -25.67
C GLY E 90 -0.82 12.54 -24.39
N THR E 91 -1.40 11.98 -23.33
CA THR E 91 -1.39 12.65 -22.03
C THR E 91 -0.88 11.72 -20.94
N ARG E 92 -0.55 12.30 -19.79
CA ARG E 92 0.09 11.58 -18.68
C ARG E 92 -0.40 12.22 -17.41
N ASN E 93 -1.22 11.50 -16.65
CA ASN E 93 -1.81 12.08 -15.45
C ASN E 93 -0.91 11.95 -14.23
N TYR E 94 -0.42 13.08 -13.76
CA TYR E 94 0.38 13.14 -12.55
C TYR E 94 -0.51 13.60 -11.40
N TYR E 95 -1.79 13.27 -11.55
CA TYR E 95 -2.83 13.40 -10.50
C TYR E 95 -2.93 14.81 -9.89
N GLY E 96 -3.95 15.55 -10.33
CA GLY E 96 -4.07 16.97 -10.04
C GLY E 96 -3.37 17.81 -11.11
N LYS E 97 -2.35 17.24 -11.73
CA LYS E 97 -1.64 17.88 -12.82
C LYS E 97 -1.54 16.90 -13.98
N VAL E 98 -1.66 17.39 -15.22
CA VAL E 98 -1.58 16.52 -16.40
C VAL E 98 -0.58 17.02 -17.44
N ASP E 99 0.20 16.12 -18.01
CA ASP E 99 1.11 16.49 -19.10
C ASP E 99 0.42 16.26 -20.45
N LEU E 100 0.58 17.22 -21.36
CA LEU E 100 0.14 17.06 -22.74
C LEU E 100 1.35 17.07 -23.62
N TYR E 101 1.58 15.99 -24.35
CA TYR E 101 2.85 15.86 -25.02
C TYR E 101 2.74 15.51 -26.51
N ALA E 102 3.78 15.89 -27.24
CA ALA E 102 3.84 15.67 -28.66
C ALA E 102 5.17 15.04 -29.00
N GLY E 103 5.15 13.75 -29.31
CA GLY E 103 6.32 13.08 -29.82
C GLY E 103 7.37 12.80 -28.76
N THR E 104 7.11 13.27 -27.54
CA THR E 104 8.06 13.09 -26.46
C THR E 104 8.36 11.59 -26.21
N PHE E 105 7.40 10.74 -26.57
CA PHE E 105 7.55 9.31 -26.37
C PHE E 105 7.44 8.58 -27.69
N ASN E 106 7.91 9.28 -28.70
CA ASN E 106 8.10 8.74 -30.02
C ASN E 106 9.59 8.85 -30.25
N GLY E 107 10.26 7.70 -30.32
CA GLY E 107 11.70 7.67 -30.45
C GLY E 107 12.25 8.71 -31.41
N THR E 108 11.80 8.66 -32.67
CA THR E 108 12.40 9.48 -33.73
C THR E 108 12.25 11.01 -33.54
N LEU E 109 11.15 11.43 -32.92
CA LEU E 109 10.92 12.86 -32.69
C LEU E 109 11.75 13.36 -31.52
N LYS E 110 11.74 12.60 -30.43
CA LYS E 110 12.54 12.90 -29.24
C LYS E 110 13.97 13.16 -29.70
N ALA E 111 14.46 12.28 -30.58
CA ALA E 111 15.83 12.34 -31.08
C ALA E 111 16.07 13.44 -32.13
N ALA E 112 15.00 13.98 -32.70
CA ALA E 112 15.15 15.08 -33.65
C ALA E 112 15.09 16.41 -32.91
N GLY E 113 14.64 16.38 -31.66
CA GLY E 113 14.58 17.58 -30.85
C GLY E 113 13.40 18.47 -31.21
N VAL E 114 12.38 17.81 -31.77
CA VAL E 114 11.22 18.47 -32.36
C VAL E 114 10.00 18.33 -31.45
N ASN E 115 10.19 17.59 -30.38
CA ASN E 115 9.11 17.26 -29.45
C ASN E 115 8.87 18.36 -28.42
N TYR E 116 7.71 18.31 -27.79
CA TYR E 116 7.36 19.30 -26.77
C TYR E 116 6.37 18.74 -25.75
N THR E 117 6.56 19.10 -24.49
CA THR E 117 5.61 18.73 -23.42
C THR E 117 5.27 19.97 -22.63
N GLU E 118 4.10 19.97 -21.99
CA GLU E 118 3.79 21.03 -21.07
C GLU E 118 2.78 20.60 -20.01
N ASN E 119 3.08 20.89 -18.76
CA ASN E 119 2.17 20.57 -17.67
C ASN E 119 0.95 21.48 -17.63
N PHE E 120 -0.14 21.00 -17.03
CA PHE E 120 -1.35 21.79 -16.80
C PHE E 120 -2.07 21.31 -15.55
N GLU E 121 -2.79 22.19 -14.89
CA GLU E 121 -3.60 21.81 -13.74
C GLU E 121 -4.77 21.02 -14.30
N THR E 122 -5.16 19.93 -13.64
CA THR E 122 -6.22 19.10 -14.20
C THR E 122 -7.46 19.91 -14.63
N PRO E 123 -7.98 20.79 -13.76
CA PRO E 123 -9.26 21.44 -14.03
C PRO E 123 -9.31 22.29 -15.29
N LEU E 124 -8.16 22.61 -15.86
CA LEU E 124 -8.10 23.53 -17.00
C LEU E 124 -8.05 22.77 -18.31
N ILE E 125 -7.25 21.71 -18.33
CA ILE E 125 -7.13 20.87 -19.50
C ILE E 125 -8.42 20.10 -19.66
N MET E 126 -9.09 19.80 -18.55
CA MET E 126 -10.38 19.14 -18.62
C MET E 126 -11.40 20.07 -19.24
N ALA E 127 -11.40 21.32 -18.77
CA ALA E 127 -12.36 22.29 -19.26
C ALA E 127 -12.20 22.46 -20.76
N THR E 128 -10.95 22.47 -21.19
CA THR E 128 -10.59 22.65 -22.60
C THR E 128 -10.96 21.45 -23.45
N PHE E 129 -10.60 20.24 -22.99
CA PHE E 129 -10.97 19.00 -23.70
C PHE E 129 -12.49 18.83 -23.81
N LYS E 130 -13.19 18.97 -22.70
CA LYS E 130 -14.65 18.96 -22.70
C LYS E 130 -15.21 19.97 -23.69
N ALA E 131 -14.52 21.11 -23.80
CA ALA E 131 -14.98 22.16 -24.70
C ALA E 131 -14.72 21.76 -26.14
N ILE E 132 -13.55 21.21 -26.40
CA ILE E 132 -13.21 20.80 -27.75
C ILE E 132 -14.18 19.75 -28.26
N LEU E 133 -14.64 18.87 -27.37
CA LEU E 133 -15.60 17.84 -27.76
C LEU E 133 -16.93 18.46 -28.09
N ARG E 134 -17.40 19.35 -27.22
CA ARG E 134 -18.72 19.96 -27.39
C ARG E 134 -18.83 20.64 -28.75
N ASP E 135 -17.71 21.19 -29.21
CA ASP E 135 -17.71 21.92 -30.44
C ASP E 135 -17.45 21.05 -31.67
N TRP E 136 -16.62 20.02 -31.57
CA TRP E 136 -16.27 19.20 -32.77
C TRP E 136 -17.15 17.94 -33.02
N THR E 137 -17.93 17.55 -32.02
CA THR E 137 -18.79 16.41 -32.19
C THR E 137 -20.12 16.84 -32.78
N ASN E 138 -20.27 16.62 -34.09
CA ASN E 138 -21.53 16.94 -34.77
C ASN E 138 -22.66 16.11 -34.23
N ALA E 139 -23.87 16.53 -34.53
CA ALA E 139 -25.06 15.81 -34.09
C ALA E 139 -25.17 14.44 -34.75
N THR E 140 -24.25 14.17 -35.67
CA THR E 140 -24.32 12.94 -36.44
C THR E 140 -23.37 11.83 -35.92
N PHE E 141 -22.50 12.19 -34.97
CA PHE E 141 -21.41 11.32 -34.50
C PHE E 141 -21.51 11.05 -33.01
N ASP E 142 -21.16 9.83 -32.62
CA ASP E 142 -21.09 9.44 -31.21
C ASP E 142 -19.70 8.84 -30.92
N PRO E 143 -18.85 9.60 -30.22
CA PRO E 143 -17.46 9.25 -29.95
C PRO E 143 -17.32 7.96 -29.15
N PHE E 144 -18.38 7.59 -28.44
CA PHE E 144 -18.35 6.47 -27.50
C PHE E 144 -18.69 5.13 -28.14
N ALA E 145 -19.35 5.21 -29.30
CA ALA E 145 -19.83 4.04 -30.05
C ALA E 145 -18.77 3.40 -30.96
N ALA E 146 -19.08 2.21 -31.45
CA ALA E 146 -18.29 1.58 -32.47
C ALA E 146 -18.64 2.26 -33.80
N PRO E 147 -17.87 2.02 -34.86
CA PRO E 147 -18.27 2.63 -36.12
C PRO E 147 -19.66 2.21 -36.59
N GLU E 148 -19.92 0.91 -36.73
CA GLU E 148 -21.19 0.45 -37.27
C GLU E 148 -22.41 1.07 -36.60
N GLU E 149 -22.26 1.45 -35.33
CA GLU E 149 -23.37 2.02 -34.55
C GLU E 149 -23.67 3.50 -34.80
N THR E 150 -22.82 4.20 -35.56
CA THR E 150 -22.91 5.65 -35.59
C THR E 150 -22.54 6.29 -36.94
N GLY E 151 -22.91 7.55 -37.08
CA GLY E 151 -22.66 8.26 -38.32
C GLY E 151 -21.21 8.73 -38.43
N SER E 152 -20.99 9.71 -39.30
CA SER E 152 -19.65 10.20 -39.58
C SER E 152 -19.27 11.41 -38.74
N ALA E 153 -17.96 11.54 -38.48
CA ALA E 153 -17.44 12.68 -37.73
C ALA E 153 -16.95 13.74 -38.71
N PHE E 154 -17.09 13.45 -39.99
CA PHE E 154 -16.48 14.28 -41.02
C PHE E 154 -17.33 15.49 -41.47
N GLY E 155 -16.76 16.36 -42.30
CA GLY E 155 -17.50 17.48 -42.86
C GLY E 155 -17.45 18.76 -42.04
N ARG E 156 -18.37 19.68 -42.33
CA ARG E 156 -18.43 20.96 -41.64
C ARG E 156 -19.25 20.83 -40.36
N LYS E 157 -19.15 21.82 -39.48
CA LYS E 157 -19.87 21.74 -38.21
C LYS E 157 -21.35 21.60 -38.46
N ASN E 158 -22.02 20.76 -37.67
CA ASN E 158 -23.42 20.44 -37.88
C ASN E 158 -24.16 20.03 -36.60
N GLY E 159 -24.59 21.00 -35.80
CA GLY E 159 -25.25 20.71 -34.54
C GLY E 159 -24.32 20.14 -33.48
N GLU E 160 -24.88 19.68 -32.36
CA GLU E 160 -24.10 19.13 -31.25
C GLU E 160 -24.60 17.73 -30.94
N ASN E 161 -23.90 17.04 -30.04
CA ASN E 161 -24.38 15.77 -29.49
C ASN E 161 -24.11 15.74 -28.00
N LEU E 162 -24.64 16.72 -27.30
CA LEU E 162 -24.47 16.82 -25.86
C LEU E 162 -24.82 15.50 -25.19
N GLU E 163 -25.88 14.86 -25.66
CA GLU E 163 -26.37 13.65 -25.02
C GLU E 163 -25.34 12.54 -24.98
N CYS E 164 -24.38 12.57 -25.89
CA CYS E 164 -23.43 11.46 -26.02
C CYS E 164 -22.08 11.71 -25.36
N ILE E 165 -21.67 12.98 -25.32
CA ILE E 165 -20.37 13.34 -24.78
C ILE E 165 -20.48 13.79 -23.33
N GLU E 166 -21.71 13.86 -22.83
CA GLU E 166 -21.97 14.30 -21.46
C GLU E 166 -22.87 13.32 -20.72
N ARG E 167 -22.44 12.06 -20.59
CA ARG E 167 -23.27 11.06 -19.94
C ARG E 167 -23.27 11.23 -18.41
N PHE E 168 -24.47 11.36 -17.85
CA PHE E 168 -24.61 11.42 -16.41
C PHE E 168 -24.68 10.03 -15.80
N ARG E 169 -23.80 9.75 -14.85
CA ARG E 169 -23.75 8.46 -14.16
C ARG E 169 -23.79 8.67 -12.65
N ILE E 170 -24.48 7.80 -11.94
CA ILE E 170 -24.36 7.76 -10.49
C ILE E 170 -23.20 6.85 -10.12
N ALA E 171 -22.22 7.38 -9.42
CA ALA E 171 -21.12 6.55 -8.97
C ALA E 171 -21.63 5.33 -8.22
N THR E 172 -20.99 4.18 -8.46
CA THR E 172 -21.34 2.95 -7.78
C THR E 172 -20.60 2.88 -6.46
N LYS E 173 -21.33 2.68 -5.36
CA LYS E 173 -20.73 2.68 -4.03
C LYS E 173 -20.36 1.28 -3.57
N ARG E 174 -21.26 0.34 -3.83
CA ARG E 174 -21.13 -1.04 -3.38
C ARG E 174 -21.42 -1.98 -4.55
N MET E 175 -22.61 -1.83 -5.12
CA MET E 175 -23.02 -2.67 -6.24
C MET E 175 -24.27 -2.08 -6.89
N PRO E 176 -24.37 -2.16 -8.21
CA PRO E 176 -25.59 -1.62 -8.80
C PRO E 176 -26.85 -2.36 -8.32
N GLY E 177 -27.99 -1.69 -8.34
CA GLY E 177 -29.22 -2.34 -7.99
C GLY E 177 -29.63 -2.20 -6.53
N LEU E 178 -28.68 -1.82 -5.67
CA LEU E 178 -29.02 -1.51 -4.29
C LEU E 178 -29.71 -0.15 -4.27
N GLN E 179 -30.46 0.12 -3.21
CA GLN E 179 -31.32 1.30 -3.17
C GLN E 179 -30.57 2.63 -3.34
N ASP E 180 -29.64 2.91 -2.44
CA ASP E 180 -28.91 4.17 -2.48
C ASP E 180 -27.74 4.12 -3.46
N ASP E 181 -27.79 3.20 -4.40
CA ASP E 181 -26.63 3.00 -5.27
C ASP E 181 -27.00 3.30 -6.70
N SER E 182 -26.10 2.91 -7.60
CA SER E 182 -26.28 3.12 -9.02
C SER E 182 -27.37 2.22 -9.56
N PRO E 183 -28.05 2.66 -10.61
CA PRO E 183 -29.20 1.91 -11.08
C PRO E 183 -28.82 0.76 -12.01
N LEU E 184 -29.74 -0.19 -12.11
CA LEU E 184 -29.70 -1.21 -13.16
C LEU E 184 -30.16 -0.57 -14.46
N ARG E 185 -30.26 -1.36 -15.52
CA ARG E 185 -30.44 -0.81 -16.86
C ARG E 185 -31.66 -1.36 -17.55
N ASN E 186 -32.67 -1.73 -16.78
CA ASN E 186 -33.83 -2.36 -17.39
C ASN E 186 -34.54 -1.44 -18.39
N ASP E 187 -34.28 -0.15 -18.31
CA ASP E 187 -34.97 0.79 -19.18
C ASP E 187 -34.20 1.10 -20.50
N LEU E 188 -33.04 0.47 -20.68
CA LEU E 188 -32.25 0.59 -21.92
C LEU E 188 -32.31 -0.65 -22.83
N PRO E 189 -32.32 -0.43 -24.15
CA PRO E 189 -32.33 -1.50 -25.15
C PRO E 189 -31.14 -2.44 -25.08
N VAL E 190 -31.39 -3.72 -25.33
CA VAL E 190 -30.30 -4.67 -25.55
C VAL E 190 -29.58 -4.36 -26.87
N ASN E 191 -28.25 -4.28 -26.81
CA ASN E 191 -27.44 -3.92 -27.96
C ASN E 191 -27.53 -4.93 -29.10
N ARG E 192 -27.60 -4.45 -30.32
CA ARG E 192 -27.81 -5.33 -31.47
C ARG E 192 -26.85 -6.53 -31.48
N GLN E 193 -25.64 -6.36 -30.98
CA GLN E 193 -24.67 -7.44 -31.05
C GLN E 193 -24.71 -8.36 -29.83
N PHE E 194 -25.58 -8.04 -28.87
CA PHE E 194 -25.78 -8.89 -27.70
C PHE E 194 -27.22 -9.35 -27.67
N ALA E 195 -27.80 -9.48 -28.85
CA ALA E 195 -29.22 -9.77 -28.96
C ALA E 195 -29.63 -11.16 -28.46
N ASP E 196 -28.67 -12.06 -28.25
CA ASP E 196 -29.02 -13.43 -27.81
C ASP E 196 -28.66 -13.74 -26.34
N VAL E 197 -28.20 -12.72 -25.61
CA VAL E 197 -27.86 -12.91 -24.20
C VAL E 197 -29.14 -12.96 -23.38
N SER E 198 -29.34 -14.05 -22.66
CA SER E 198 -30.49 -14.20 -21.80
C SER E 198 -30.74 -12.96 -20.96
N GLN E 199 -31.98 -12.52 -20.87
CA GLN E 199 -32.29 -11.35 -20.06
C GLN E 199 -32.95 -11.71 -18.73
N ASP E 200 -32.74 -12.95 -18.30
CA ASP E 200 -33.27 -13.42 -17.03
C ASP E 200 -32.50 -12.86 -15.87
N GLU E 201 -33.22 -12.54 -14.80
CA GLU E 201 -32.60 -12.05 -13.59
C GLU E 201 -32.50 -13.20 -12.61
N PRO E 202 -31.54 -13.13 -11.68
CA PRO E 202 -31.45 -14.10 -10.58
C PRO E 202 -32.74 -14.04 -9.76
N GLU E 203 -33.13 -15.17 -9.15
CA GLU E 203 -34.28 -15.16 -8.25
C GLU E 203 -33.78 -14.87 -6.85
N VAL E 204 -34.38 -13.88 -6.20
CA VAL E 204 -33.99 -13.56 -4.84
C VAL E 204 -35.18 -13.74 -3.89
N HIS E 205 -35.10 -14.77 -3.07
CA HIS E 205 -36.14 -15.08 -2.10
C HIS E 205 -35.67 -14.69 -0.72
N ALA E 206 -36.05 -13.50 -0.28
CA ALA E 206 -35.71 -13.03 1.06
C ALA E 206 -36.64 -13.65 2.09
N ALA E 207 -36.08 -14.01 3.25
CA ALA E 207 -36.87 -14.52 4.37
C ALA E 207 -37.61 -13.35 5.01
N GLU E 208 -38.68 -13.67 5.73
CA GLU E 208 -39.52 -12.64 6.29
C GLU E 208 -38.79 -11.78 7.34
N GLY E 209 -38.88 -10.46 7.17
CA GLY E 209 -38.16 -9.53 8.03
C GLY E 209 -36.85 -9.09 7.38
N PHE E 210 -36.57 -9.65 6.21
CA PHE E 210 -35.32 -9.37 5.51
C PHE E 210 -35.51 -8.93 4.07
N GLU E 211 -36.75 -8.67 3.67
CA GLU E 211 -36.99 -8.19 2.33
C GLU E 211 -35.94 -7.11 2.05
N GLY E 212 -35.31 -7.18 0.87
CA GLY E 212 -34.31 -6.21 0.45
C GLY E 212 -33.08 -6.16 1.35
N GLU E 213 -32.59 -7.33 1.76
CA GLU E 213 -31.39 -7.40 2.57
C GLU E 213 -30.36 -8.25 1.85
N LEU E 214 -30.84 -8.91 0.81
CA LEU E 214 -30.00 -9.66 -0.11
C LEU E 214 -30.15 -9.08 -1.51
N HIS E 215 -29.08 -9.14 -2.31
CA HIS E 215 -29.15 -8.61 -3.66
C HIS E 215 -28.30 -9.41 -4.63
N ALA E 216 -28.86 -9.63 -5.80
CA ALA E 216 -28.11 -10.14 -6.92
C ALA E 216 -28.80 -9.62 -8.18
N PHE E 217 -27.99 -9.31 -9.19
CA PHE E 217 -28.54 -8.98 -10.50
C PHE E 217 -27.85 -9.79 -11.60
N SER E 218 -28.30 -9.60 -12.84
CA SER E 218 -27.61 -10.22 -13.96
C SER E 218 -26.56 -9.32 -14.56
N LEU E 219 -25.31 -9.68 -14.37
CA LEU E 219 -24.23 -8.94 -14.94
C LEU E 219 -24.32 -8.98 -16.47
N PHE E 220 -24.68 -10.13 -17.02
CA PHE E 220 -24.71 -10.26 -18.48
C PHE E 220 -25.84 -9.43 -19.06
N LYS E 221 -27.02 -9.49 -18.45
CA LYS E 221 -28.10 -8.61 -18.86
C LYS E 221 -27.63 -7.16 -18.80
N TYR E 222 -26.89 -6.85 -17.75
CA TYR E 222 -26.36 -5.51 -17.53
C TYR E 222 -25.53 -5.09 -18.72
N LEU E 223 -24.46 -5.84 -19.00
CA LEU E 223 -23.52 -5.45 -20.05
C LEU E 223 -24.17 -5.51 -21.42
N SER E 224 -25.15 -6.40 -21.57
CA SER E 224 -25.85 -6.53 -22.83
C SER E 224 -26.48 -5.20 -23.20
N ARG E 225 -26.76 -4.38 -22.21
CA ARG E 225 -27.46 -3.12 -22.44
C ARG E 225 -26.53 -1.90 -22.38
N SER E 226 -25.22 -2.14 -22.45
CA SER E 226 -24.25 -1.06 -22.43
C SER E 226 -24.29 -0.28 -23.74
N ASP E 227 -24.54 1.02 -23.63
CA ASP E 227 -24.60 1.91 -24.79
C ASP E 227 -23.24 2.53 -25.12
N VAL E 228 -22.22 2.28 -24.30
CA VAL E 228 -20.88 2.77 -24.60
C VAL E 228 -19.87 1.64 -24.75
N THR E 229 -18.75 1.99 -25.34
CA THR E 229 -17.76 1.03 -25.82
C THR E 229 -16.35 1.39 -25.28
N TRP E 230 -15.57 0.39 -24.89
CA TRP E 230 -14.28 0.60 -24.22
C TRP E 230 -14.39 1.57 -23.02
N ASN E 231 -15.39 1.39 -22.18
CA ASN E 231 -15.53 2.24 -21.01
C ASN E 231 -15.80 1.43 -19.75
N PRO E 232 -14.74 1.05 -19.04
CA PRO E 232 -14.95 0.29 -17.80
C PRO E 232 -15.87 1.06 -16.88
N SER E 233 -16.84 0.38 -16.29
CA SER E 233 -17.73 0.96 -15.32
C SER E 233 -17.85 0.01 -14.13
N VAL E 234 -17.91 0.57 -12.92
CA VAL E 234 -17.82 -0.20 -11.69
C VAL E 234 -19.12 -0.95 -11.35
N THR E 235 -19.01 -2.25 -11.10
CA THR E 235 -20.16 -3.07 -10.75
C THR E 235 -20.00 -3.76 -9.39
N SER E 236 -18.84 -3.63 -8.76
CA SER E 236 -18.68 -4.16 -7.41
C SER E 236 -17.40 -3.71 -6.76
N VAL E 237 -17.55 -3.32 -5.50
CA VAL E 237 -16.48 -2.73 -4.72
C VAL E 237 -16.17 -3.62 -3.53
N CYS E 238 -14.91 -4.01 -3.41
CA CYS E 238 -14.42 -4.76 -2.27
C CYS E 238 -13.20 -4.00 -1.66
N LYS E 239 -13.49 -2.98 -0.84
CA LYS E 239 -12.46 -2.06 -0.37
C LYS E 239 -11.80 -1.33 -1.54
N ALA E 240 -10.52 -1.60 -1.79
CA ALA E 240 -9.83 -0.98 -2.92
C ALA E 240 -10.00 -1.78 -4.20
N SER E 241 -10.43 -3.03 -4.06
CA SER E 241 -10.65 -3.90 -5.19
C SER E 241 -11.96 -3.55 -5.91
N LEU E 242 -11.86 -3.13 -7.17
CA LEU E 242 -13.00 -2.73 -7.99
C LEU E 242 -13.13 -3.63 -9.19
N PHE E 243 -14.36 -4.09 -9.47
CA PHE E 243 -14.67 -4.78 -10.74
C PHE E 243 -15.31 -3.83 -11.77
N CYS E 244 -14.64 -3.60 -12.89
CA CYS E 244 -15.14 -2.59 -13.83
C CYS E 244 -15.29 -3.16 -15.20
N PRO E 245 -16.39 -3.91 -15.42
CA PRO E 245 -16.64 -4.60 -16.68
C PRO E 245 -16.91 -3.55 -17.74
N THR E 246 -16.70 -3.94 -18.98
CA THR E 246 -16.94 -3.06 -20.11
C THR E 246 -17.28 -3.95 -21.32
N THR E 247 -17.74 -3.33 -22.41
CA THR E 247 -18.07 -4.09 -23.61
C THR E 247 -17.33 -3.49 -24.79
N GLU E 248 -16.56 -4.32 -25.47
CA GLU E 248 -15.58 -3.86 -26.45
C GLU E 248 -15.98 -4.15 -27.88
N GLU E 249 -15.82 -3.14 -28.74
CA GLU E 249 -16.04 -3.36 -30.15
C GLU E 249 -15.08 -2.53 -30.98
N PHE E 250 -14.40 -3.21 -31.88
CA PHE E 250 -13.48 -2.59 -32.85
C PHE E 250 -12.07 -2.42 -32.32
N ILE E 251 -11.60 -1.19 -32.24
CA ILE E 251 -10.26 -0.97 -31.74
C ILE E 251 -10.31 -0.04 -30.55
N LEU E 252 -9.64 -0.43 -29.48
CA LEU E 252 -9.48 0.44 -28.33
C LEU E 252 -9.01 1.81 -28.85
N PRO E 253 -9.72 2.87 -28.48
CA PRO E 253 -9.49 4.19 -29.08
C PRO E 253 -8.13 4.82 -28.79
N VAL E 254 -7.32 4.23 -27.92
CA VAL E 254 -6.01 4.78 -27.55
C VAL E 254 -5.06 3.63 -27.31
N PHE E 255 -3.76 3.88 -27.41
CA PHE E 255 -2.86 2.83 -26.95
C PHE E 255 -2.26 3.24 -25.63
N HIS E 256 -2.28 2.29 -24.70
CA HIS E 256 -2.00 2.57 -23.31
C HIS E 256 -0.58 2.21 -22.91
N GLY E 257 0.12 3.15 -22.30
CA GLY E 257 1.40 2.82 -21.70
C GLY E 257 1.20 2.64 -20.22
N ASN E 258 1.45 1.43 -19.72
CA ASN E 258 1.01 1.09 -18.38
C ASN E 258 1.90 1.68 -17.28
N ASP E 259 1.33 1.75 -16.08
CA ASP E 259 1.82 2.53 -14.96
C ASP E 259 1.90 1.58 -13.77
N ARG E 260 1.03 0.58 -13.81
CA ARG E 260 0.86 -0.42 -12.77
C ARG E 260 0.36 -1.68 -13.46
N VAL E 261 0.40 -2.83 -12.80
CA VAL E 261 -0.19 -4.05 -13.34
C VAL E 261 -1.70 -3.94 -13.48
N GLU E 262 -2.23 -4.47 -14.59
CA GLU E 262 -3.68 -4.51 -14.84
C GLU E 262 -4.13 -5.94 -15.06
N TRP E 263 -5.39 -6.25 -14.75
CA TRP E 263 -5.88 -7.61 -14.89
C TRP E 263 -7.17 -7.64 -15.68
N PHE E 264 -7.24 -8.57 -16.63
CA PHE E 264 -8.41 -8.71 -17.44
C PHE E 264 -8.94 -10.11 -17.29
N ILE E 265 -10.27 -10.24 -17.25
CA ILE E 265 -10.94 -11.52 -17.28
C ILE E 265 -11.94 -11.49 -18.44
N GLN E 266 -11.68 -12.28 -19.47
CA GLN E 266 -12.52 -12.17 -20.65
C GLN E 266 -13.79 -12.96 -20.48
N MET E 267 -14.94 -12.30 -20.49
CA MET E 267 -16.17 -13.01 -20.19
C MET E 267 -16.98 -13.53 -21.36
N SER E 268 -16.86 -12.90 -22.52
CA SER E 268 -17.49 -13.46 -23.71
C SER E 268 -16.65 -13.17 -24.92
N ASP E 269 -16.73 -14.06 -25.89
CA ASP E 269 -16.10 -13.83 -27.19
C ASP E 269 -14.59 -13.75 -27.16
N GLU E 270 -14.01 -12.76 -27.85
CA GLU E 270 -12.57 -12.62 -27.83
C GLU E 270 -12.06 -11.24 -28.15
N ILE E 271 -10.89 -10.96 -27.59
CA ILE E 271 -10.17 -9.74 -27.85
C ILE E 271 -8.73 -10.08 -28.06
N VAL E 272 -8.10 -9.36 -28.97
CA VAL E 272 -6.68 -9.53 -29.21
C VAL E 272 -5.90 -8.32 -28.68
N TRP E 273 -4.80 -8.60 -27.98
CA TRP E 273 -4.04 -7.54 -27.39
C TRP E 273 -2.66 -7.48 -28.01
N ASP E 274 -2.31 -6.31 -28.55
CA ASP E 274 -0.96 -5.98 -28.97
C ASP E 274 -0.13 -5.53 -27.79
N VAL E 275 1.07 -6.05 -27.63
CA VAL E 275 1.89 -5.74 -26.46
C VAL E 275 3.35 -5.46 -26.78
N GLY E 276 3.81 -4.25 -26.50
CA GLY E 276 5.18 -3.86 -26.81
C GLY E 276 5.83 -3.00 -25.75
N ASP E 277 7.14 -2.82 -25.87
CA ASP E 277 7.90 -1.96 -24.95
C ASP E 277 7.24 -0.60 -24.88
N LYS E 278 7.24 -0.03 -23.68
CA LYS E 278 6.51 1.19 -23.42
C LYS E 278 6.97 2.37 -24.28
N ASP E 279 8.11 2.22 -24.96
CA ASP E 279 8.79 3.33 -25.62
C ASP E 279 8.77 3.33 -27.18
N ASP E 280 9.53 2.41 -27.77
CA ASP E 280 9.73 2.30 -29.22
C ASP E 280 8.80 1.28 -29.84
N GLY E 281 8.15 0.49 -28.98
CA GLY E 281 7.17 -0.49 -29.40
C GLY E 281 7.74 -1.83 -29.85
N ASN E 282 8.87 -2.26 -29.30
CA ASN E 282 9.37 -3.59 -29.68
C ASN E 282 8.30 -4.57 -29.32
N PRO E 283 7.76 -5.30 -30.32
CA PRO E 283 6.76 -6.29 -29.91
C PRO E 283 7.25 -7.12 -28.74
N ARG E 284 6.42 -7.26 -27.70
CA ARG E 284 6.74 -8.22 -26.67
C ARG E 284 5.88 -9.44 -26.90
N ALA E 285 4.57 -9.24 -26.97
CA ALA E 285 3.68 -10.36 -27.20
C ALA E 285 2.44 -10.00 -27.99
N ARG E 286 1.70 -11.02 -28.37
CA ARG E 286 0.39 -10.84 -28.95
C ARG E 286 -0.56 -11.75 -28.22
N ILE E 287 -1.49 -11.19 -27.47
CA ILE E 287 -2.37 -12.02 -26.67
C ILE E 287 -3.76 -12.13 -27.28
N THR E 288 -4.28 -13.36 -27.24
CA THR E 288 -5.65 -13.64 -27.64
C THR E 288 -6.38 -14.20 -26.44
N MET E 289 -7.43 -13.52 -26.04
CA MET E 289 -8.17 -13.96 -24.89
C MET E 289 -9.52 -14.46 -25.36
N ARG E 290 -9.81 -15.73 -25.08
CA ARG E 290 -11.11 -16.29 -25.38
C ARG E 290 -11.94 -16.35 -24.10
N ALA E 291 -13.19 -16.80 -24.20
CA ALA E 291 -14.05 -16.75 -23.04
C ALA E 291 -13.42 -17.46 -21.84
N GLY E 292 -13.41 -16.78 -20.69
CA GLY E 292 -12.94 -17.35 -19.43
C GLY E 292 -11.46 -17.18 -19.15
N ASP E 293 -10.75 -16.46 -20.01
CA ASP E 293 -9.31 -16.26 -19.85
C ASP E 293 -8.98 -15.14 -18.87
N VAL E 294 -7.92 -15.33 -18.09
CA VAL E 294 -7.50 -14.34 -17.13
C VAL E 294 -6.08 -13.92 -17.45
N CYS E 295 -5.88 -12.64 -17.65
CA CYS E 295 -4.56 -12.18 -18.03
C CYS E 295 -4.12 -10.95 -17.25
N ALA E 296 -2.86 -10.98 -16.83
CA ALA E 296 -2.23 -9.83 -16.19
C ALA E 296 -1.32 -9.07 -17.17
N MET E 297 -1.65 -7.80 -17.38
CA MET E 297 -0.83 -6.89 -18.17
C MET E 297 0.18 -6.19 -17.28
N PRO E 298 1.48 -6.37 -17.58
CA PRO E 298 2.58 -5.79 -16.82
C PRO E 298 2.60 -4.26 -16.79
N ALA E 299 3.39 -3.67 -15.92
CA ALA E 299 3.35 -2.23 -15.78
C ALA E 299 4.44 -1.58 -16.63
N ASP E 300 5.16 -2.41 -17.38
CA ASP E 300 6.31 -1.94 -18.15
C ASP E 300 6.08 -1.96 -19.66
N ILE E 301 4.83 -2.20 -20.05
CA ILE E 301 4.49 -2.29 -21.45
C ILE E 301 3.35 -1.37 -21.83
N ARG E 302 3.12 -1.27 -23.12
CA ARG E 302 1.96 -0.57 -23.62
C ARG E 302 1.12 -1.60 -24.36
N HIS E 303 -0.17 -1.32 -24.54
CA HIS E 303 -1.08 -2.29 -25.14
C HIS E 303 -2.25 -1.66 -25.89
N GLN E 304 -2.80 -2.39 -26.86
CA GLN E 304 -3.97 -1.92 -27.56
C GLN E 304 -4.86 -3.08 -27.96
N GLY E 305 -6.18 -2.89 -27.86
CA GLY E 305 -7.11 -3.99 -28.01
C GLY E 305 -7.91 -3.98 -29.29
N TYR E 306 -8.09 -5.16 -29.87
CA TYR E 306 -8.90 -5.32 -31.07
C TYR E 306 -9.99 -6.34 -30.80
N SER E 307 -11.23 -6.02 -31.14
CA SER E 307 -12.33 -6.93 -30.84
C SER E 307 -13.38 -6.88 -31.92
N THR E 308 -13.46 -7.92 -32.74
CA THR E 308 -14.37 -7.91 -33.87
C THR E 308 -15.86 -7.85 -33.51
N LYS E 309 -16.33 -8.74 -32.65
CA LYS E 309 -17.71 -8.65 -32.16
C LYS E 309 -17.73 -8.01 -30.78
N ARG E 310 -18.72 -7.16 -30.54
CA ARG E 310 -18.90 -6.55 -29.22
C ARG E 310 -18.77 -7.66 -28.19
N SER E 311 -17.75 -7.59 -27.35
CA SER E 311 -17.46 -8.65 -26.39
C SER E 311 -17.53 -8.14 -24.96
N MET E 312 -17.67 -9.06 -24.01
CA MET E 312 -17.82 -8.73 -22.60
C MET E 312 -16.54 -8.99 -21.87
N LEU E 313 -15.89 -7.92 -21.44
CA LEU E 313 -14.60 -8.03 -20.79
C LEU E 313 -14.71 -7.49 -19.38
N MET E 314 -14.02 -8.11 -18.43
CA MET E 314 -14.01 -7.61 -17.07
C MET E 314 -12.66 -7.01 -16.67
N VAL E 315 -12.62 -5.70 -16.45
CA VAL E 315 -11.40 -5.06 -16.01
C VAL E 315 -11.36 -4.91 -14.49
N TRP E 316 -10.31 -5.44 -13.88
CA TRP E 316 -10.19 -5.47 -12.42
C TRP E 316 -9.17 -4.45 -11.92
N GLU E 317 -9.66 -3.37 -11.32
CA GLU E 317 -8.78 -2.30 -10.84
C GLU E 317 -8.50 -2.35 -9.32
N ASN E 318 -7.36 -1.78 -8.93
CA ASN E 318 -6.98 -1.63 -7.55
C ASN E 318 -6.87 -0.16 -7.23
N ALA E 319 -7.83 0.38 -6.51
CA ALA E 319 -7.85 1.80 -6.18
C ALA E 319 -7.00 2.21 -4.96
N THR E 320 -6.03 1.38 -4.61
CA THR E 320 -5.08 1.72 -3.55
C THR E 320 -4.19 2.87 -4.00
N PRO E 321 -4.20 3.97 -3.22
CA PRO E 321 -3.64 5.27 -3.65
C PRO E 321 -2.12 5.35 -3.74
N ASN E 322 -1.38 4.66 -2.88
CA ASN E 322 0.07 4.79 -2.90
C ASN E 322 0.73 3.88 -3.93
N LEU E 323 -0.08 3.34 -4.82
CA LEU E 323 0.37 2.39 -5.82
C LEU E 323 1.65 2.79 -6.62
N PRO E 324 1.74 4.05 -7.06
CA PRO E 324 2.93 4.46 -7.83
C PRO E 324 4.20 4.40 -6.99
N HIS E 325 4.16 4.94 -5.78
CA HIS E 325 5.27 4.75 -4.85
C HIS E 325 5.78 3.28 -4.84
N LEU E 326 4.90 2.32 -4.60
CA LEU E 326 5.26 0.91 -4.63
C LEU E 326 6.06 0.43 -5.83
N TYR E 327 5.63 0.83 -7.04
CA TYR E 327 6.27 0.39 -8.30
C TYR E 327 7.62 1.03 -8.48
N GLU E 328 7.74 2.29 -8.07
CA GLU E 328 9.02 2.99 -8.15
C GLU E 328 10.05 2.45 -7.15
N SER E 329 9.59 2.04 -5.97
CA SER E 329 10.47 1.52 -4.93
C SER E 329 11.02 0.14 -5.27
N GLY E 330 10.31 -0.59 -6.10
CA GLY E 330 10.66 -1.97 -6.35
C GLY E 330 9.96 -2.87 -5.35
N GLU E 331 9.03 -2.29 -4.61
CA GLU E 331 8.23 -3.06 -3.67
C GLU E 331 7.32 -3.99 -4.47
N LEU E 332 6.97 -3.55 -5.67
CA LEU E 332 6.20 -4.36 -6.59
C LEU E 332 6.95 -4.47 -7.91
N LYS E 333 7.11 -5.69 -8.42
CA LYS E 333 7.81 -5.87 -9.69
C LYS E 333 6.87 -5.56 -10.85
N PRO E 334 7.44 -5.37 -12.07
CA PRO E 334 6.67 -5.11 -13.29
C PRO E 334 5.57 -6.12 -13.51
N TYR E 335 5.87 -7.40 -13.35
CA TYR E 335 4.87 -8.44 -13.51
C TYR E 335 4.47 -9.02 -12.16
N PRO E 336 3.19 -9.36 -11.98
CA PRO E 336 2.66 -9.61 -10.65
C PRO E 336 3.24 -10.86 -9.99
N ILE E 337 3.57 -11.91 -10.74
CA ILE E 337 3.87 -13.19 -10.08
C ILE E 337 5.12 -13.95 -10.49
N GLU E 338 5.93 -14.25 -9.47
CA GLU E 338 7.14 -15.05 -9.60
C GLU E 338 6.80 -16.51 -9.41
N PHE E 339 6.71 -17.25 -10.51
CA PHE E 339 6.47 -18.68 -10.45
C PHE E 339 7.26 -19.33 -11.58
N ASP F 16 -20.99 12.52 23.59
CA ASP F 16 -19.71 12.03 24.13
C ASP F 16 -19.37 12.63 25.50
N ASP F 17 -20.25 12.39 26.47
CA ASP F 17 -20.02 12.89 27.82
C ASP F 17 -19.40 11.81 28.68
N VAL F 18 -18.56 12.23 29.62
CA VAL F 18 -17.90 11.29 30.50
C VAL F 18 -18.73 11.06 31.74
N GLN F 19 -18.95 9.80 32.09
CA GLN F 19 -19.67 9.48 33.32
C GLN F 19 -18.72 9.37 34.50
N ALA F 20 -18.55 10.49 35.20
CA ALA F 20 -17.71 10.54 36.38
C ALA F 20 -18.59 10.74 37.61
N SER F 21 -18.11 10.30 38.76
CA SER F 21 -18.89 10.38 39.99
C SER F 21 -18.36 11.52 40.83
N PRO F 22 -19.09 11.85 41.90
CA PRO F 22 -18.57 12.84 42.86
C PRO F 22 -17.23 12.36 43.44
N PRO F 23 -16.40 13.30 43.92
CA PRO F 23 -15.14 12.98 44.60
C PRO F 23 -15.42 12.14 45.83
N HIS F 24 -14.66 11.05 46.03
CA HIS F 24 -14.95 10.13 47.13
C HIS F 24 -14.77 10.79 48.50
N ALA F 25 -15.65 10.43 49.43
CA ALA F 25 -15.68 10.98 50.79
C ALA F 25 -14.37 10.82 51.60
N VAL F 26 -13.69 9.69 51.42
CA VAL F 26 -12.44 9.40 52.11
C VAL F 26 -11.26 9.71 51.21
N THR F 27 -11.36 9.13 50.01
CA THR F 27 -10.25 8.99 49.09
C THR F 27 -9.91 10.30 48.37
N GLY F 28 -10.95 10.98 47.87
CA GLY F 28 -10.79 12.28 47.24
C GLY F 28 -10.91 12.22 45.74
N TYR F 29 -10.95 10.99 45.23
CA TYR F 29 -10.95 10.72 43.80
C TYR F 29 -12.34 10.43 43.31
N ARG F 30 -12.48 10.44 41.99
CA ARG F 30 -13.75 10.05 41.41
C ARG F 30 -13.58 8.70 40.77
N SER F 31 -14.66 7.97 40.61
CA SER F 31 -14.64 6.79 39.78
C SER F 31 -15.25 7.17 38.44
N PHE F 32 -15.19 6.28 37.46
CA PHE F 32 -15.73 6.56 36.14
C PHE F 32 -16.44 5.37 35.56
N GLN F 33 -17.41 5.64 34.69
CA GLN F 33 -18.09 4.56 33.99
C GLN F 33 -17.75 4.68 32.52
N LEU F 34 -17.67 3.53 31.87
CA LEU F 34 -17.25 3.48 30.48
C LEU F 34 -17.73 2.15 29.93
N GLY F 35 -18.77 2.20 29.12
CA GLY F 35 -19.45 0.97 28.77
C GLY F 35 -19.76 0.26 30.07
N ALA F 36 -19.47 -1.03 30.12
CA ALA F 36 -19.73 -1.81 31.31
C ALA F 36 -18.64 -1.61 32.38
N PHE F 37 -17.47 -1.11 31.98
CA PHE F 37 -16.34 -0.97 32.90
C PHE F 37 -16.55 0.09 33.97
N GLU F 38 -16.13 -0.22 35.18
CA GLU F 38 -16.02 0.80 36.21
C GLU F 38 -14.54 0.97 36.53
N LEU F 39 -14.10 2.20 36.74
CA LEU F 39 -12.70 2.49 37.01
C LEU F 39 -12.62 3.47 38.15
N SER F 40 -11.86 3.12 39.18
CA SER F 40 -11.68 3.96 40.38
C SER F 40 -10.26 3.79 40.92
N ARG F 41 -9.87 4.62 41.88
CA ARG F 41 -8.61 4.33 42.54
C ARG F 41 -8.65 4.68 44.02
N ASP F 42 -7.73 4.12 44.79
CA ASP F 42 -7.54 4.53 46.18
C ASP F 42 -6.14 5.05 46.40
N GLU F 43 -5.55 4.74 47.54
CA GLU F 43 -4.31 5.38 47.93
C GLU F 43 -3.12 4.69 47.30
N TYR F 44 -3.36 3.50 46.77
CA TYR F 44 -2.31 2.70 46.17
C TYR F 44 -2.72 2.14 44.80
N PHE F 45 -3.99 1.81 44.65
CA PHE F 45 -4.40 1.02 43.51
C PHE F 45 -5.45 1.66 42.65
N ALA F 46 -5.28 1.46 41.35
CA ALA F 46 -6.32 1.65 40.35
C ALA F 46 -7.09 0.35 40.26
N ARG F 47 -8.40 0.45 40.16
CA ARG F 47 -9.26 -0.71 40.11
C ARG F 47 -10.19 -0.74 38.89
N ILE F 48 -10.05 -1.79 38.06
CA ILE F 48 -10.96 -1.98 36.93
C ILE F 48 -12.02 -3.03 37.24
N THR F 49 -13.26 -2.74 36.87
CA THR F 49 -14.38 -3.61 37.17
C THR F 49 -15.16 -3.89 35.90
N TRP F 50 -15.49 -5.17 35.69
CA TRP F 50 -16.23 -5.59 34.51
C TRP F 50 -17.07 -6.82 34.80
N PRO F 51 -18.06 -7.10 33.95
CA PRO F 51 -19.00 -8.22 34.04
C PRO F 51 -18.63 -9.42 33.16
N ALA F 52 -18.67 -10.62 33.75
CA ALA F 52 -18.39 -11.84 33.01
C ALA F 52 -18.97 -13.05 33.72
N LYS F 53 -19.61 -13.96 32.98
CA LYS F 53 -20.24 -15.13 33.56
C LYS F 53 -21.10 -14.74 34.79
N GLY F 54 -21.78 -13.60 34.71
CA GLY F 54 -22.76 -13.20 35.70
C GLY F 54 -22.27 -12.70 37.06
N GLU F 55 -20.96 -12.57 37.20
CA GLU F 55 -20.39 -11.97 38.39
C GLU F 55 -19.52 -10.78 38.01
N THR F 56 -19.35 -9.84 38.94
CA THR F 56 -18.50 -8.68 38.71
C THR F 56 -17.03 -8.98 38.97
N ARG F 57 -16.24 -9.06 37.89
CA ARG F 57 -14.81 -9.35 38.04
C ARG F 57 -14.03 -8.07 38.34
N SER F 58 -12.81 -8.21 38.86
CA SER F 58 -11.99 -7.07 39.26
C SER F 58 -10.51 -7.25 38.99
N HIS F 59 -9.81 -6.14 38.78
CA HIS F 59 -8.37 -6.17 38.74
C HIS F 59 -7.76 -4.94 39.44
N LEU F 60 -6.57 -5.10 40.05
CA LEU F 60 -5.87 -3.98 40.68
C LEU F 60 -4.50 -3.72 40.08
N ILE F 61 -4.20 -2.46 39.77
CA ILE F 61 -2.85 -2.12 39.33
C ILE F 61 -2.34 -0.94 40.11
N PRO F 62 -1.12 -1.02 40.62
CA PRO F 62 -0.58 0.12 41.37
C PRO F 62 -0.74 1.40 40.55
N ALA F 63 -1.23 2.45 41.19
CA ALA F 63 -1.56 3.68 40.48
C ALA F 63 -0.38 4.28 39.73
N ASP F 64 0.84 4.08 40.20
CA ASP F 64 1.97 4.58 39.43
C ASP F 64 2.10 3.86 38.07
N ILE F 65 2.17 2.53 38.10
CA ILE F 65 2.18 1.72 36.88
C ILE F 65 1.05 2.09 35.93
N PHE F 66 -0.12 2.33 36.52
CA PHE F 66 -1.34 2.53 35.78
C PHE F 66 -1.32 3.86 35.09
N LEU F 67 -0.98 4.91 35.82
CA LEU F 67 -1.06 6.24 35.25
C LEU F 67 -0.06 6.34 34.11
N ARG F 68 1.15 5.84 34.32
CA ARG F 68 2.18 5.93 33.29
C ARG F 68 1.74 5.30 31.99
N ALA F 69 1.14 4.11 32.08
CA ALA F 69 0.68 3.42 30.90
C ALA F 69 -0.39 4.24 30.20
N MET F 70 -1.41 4.63 30.95
CA MET F 70 -2.51 5.37 30.36
C MET F 70 -2.06 6.72 29.81
N MET F 71 -1.04 7.31 30.42
CA MET F 71 -0.47 8.53 29.90
C MET F 71 0.02 8.27 28.48
N ARG F 72 0.80 7.22 28.28
CA ARG F 72 1.33 6.94 26.96
C ARG F 72 0.22 6.60 25.98
N ASP F 73 -0.78 5.85 26.43
CA ASP F 73 -1.88 5.51 25.54
C ASP F 73 -2.52 6.78 24.99
N VAL F 74 -2.69 7.76 25.85
CA VAL F 74 -3.30 9.02 25.44
C VAL F 74 -2.43 9.82 24.47
N ALA F 75 -1.16 10.01 24.80
CA ALA F 75 -0.25 10.82 23.97
C ALA F 75 -0.06 10.22 22.59
N TRP F 76 -0.33 8.93 22.46
CA TRP F 76 -0.05 8.18 21.26
C TRP F 76 -1.31 7.90 20.45
N GLY F 77 -2.39 8.61 20.76
CA GLY F 77 -3.68 8.39 20.13
C GLY F 77 -4.08 6.92 20.12
N PHE F 78 -3.67 6.20 21.16
CA PHE F 78 -3.98 4.77 21.28
C PHE F 78 -3.12 3.90 20.39
N PHE F 79 -2.29 4.54 19.58
CA PHE F 79 -1.20 3.83 18.95
C PHE F 79 -1.77 2.76 18.02
N TYR F 80 -1.07 1.64 17.91
CA TYR F 80 -1.52 0.52 17.11
C TYR F 80 -1.08 -0.80 17.73
N GLY F 81 -1.58 -1.91 17.21
CA GLY F 81 -1.32 -3.18 17.85
C GLY F 81 -1.90 -3.15 19.24
N TRP F 82 -1.41 -4.01 20.13
CA TRP F 82 -1.96 -4.09 21.48
C TRP F 82 -1.16 -3.34 22.56
N VAL F 83 -1.78 -2.34 23.16
CA VAL F 83 -1.21 -1.67 24.31
C VAL F 83 -1.69 -2.37 25.55
N ASN F 84 -0.78 -3.09 26.22
CA ASN F 84 -1.09 -3.81 27.45
C ASN F 84 -0.54 -3.05 28.64
N PHE F 85 -1.40 -2.66 29.58
CA PHE F 85 -0.93 -2.00 30.80
C PHE F 85 -0.23 -3.01 31.69
N ASP F 86 -0.78 -4.23 31.72
CA ASP F 86 -0.12 -5.35 32.39
C ASP F 86 -0.74 -6.61 31.83
N HIS F 87 -0.57 -7.71 32.55
CA HIS F 87 -0.96 -9.00 32.00
C HIS F 87 -2.47 -9.26 31.89
N VAL F 88 -3.28 -8.23 32.11
CA VAL F 88 -4.73 -8.40 32.13
C VAL F 88 -5.44 -7.35 31.32
N ILE F 89 -5.07 -6.09 31.49
CA ILE F 89 -5.75 -4.95 30.89
C ILE F 89 -5.01 -4.40 29.67
N GLY F 90 -5.75 -3.95 28.66
CA GLY F 90 -5.14 -3.32 27.50
C GLY F 90 -6.11 -2.75 26.49
N THR F 91 -5.60 -2.08 25.46
CA THR F 91 -6.44 -1.48 24.44
C THR F 91 -5.98 -1.71 23.00
N ARG F 92 -6.94 -2.03 22.14
CA ARG F 92 -6.66 -2.23 20.72
C ARG F 92 -7.23 -1.08 19.90
N ASN F 93 -6.37 -0.39 19.17
CA ASN F 93 -6.83 0.66 18.29
C ASN F 93 -7.14 0.10 16.90
N TYR F 94 -8.41 0.21 16.50
CA TYR F 94 -8.82 -0.15 15.15
C TYR F 94 -9.13 1.14 14.38
N TYR F 95 -8.58 2.25 14.88
CA TYR F 95 -8.54 3.56 14.19
C TYR F 95 -9.91 4.23 14.02
N GLY F 96 -10.26 5.07 15.01
CA GLY F 96 -11.59 5.63 15.09
C GLY F 96 -12.41 4.89 16.16
N LYS F 97 -12.09 3.61 16.35
CA LYS F 97 -12.68 2.84 17.42
C LYS F 97 -11.61 2.11 18.21
N VAL F 98 -11.85 1.95 19.50
CA VAL F 98 -10.89 1.30 20.38
C VAL F 98 -11.53 0.19 21.20
N ASP F 99 -10.81 -0.91 21.36
CA ASP F 99 -11.21 -1.97 22.27
C ASP F 99 -10.50 -1.76 23.59
N LEU F 100 -11.25 -1.83 24.68
CA LEU F 100 -10.67 -1.90 26.01
C LEU F 100 -10.96 -3.30 26.48
N TYR F 101 -9.91 -4.09 26.70
CA TYR F 101 -10.14 -5.45 27.13
C TYR F 101 -9.61 -5.74 28.53
N ALA F 102 -10.16 -6.78 29.13
CA ALA F 102 -9.70 -7.27 30.42
C ALA F 102 -9.50 -8.77 30.27
N GLY F 103 -8.23 -9.15 30.32
CA GLY F 103 -7.84 -10.54 30.32
C GLY F 103 -8.13 -11.29 29.04
N THR F 104 -8.64 -10.59 28.03
CA THR F 104 -9.08 -11.27 26.82
C THR F 104 -7.92 -11.87 26.02
N PHE F 105 -6.70 -11.45 26.33
CA PHE F 105 -5.53 -12.04 25.70
C PHE F 105 -4.61 -12.66 26.74
N ASN F 106 -5.24 -13.01 27.85
CA ASN F 106 -4.65 -13.77 28.93
C ASN F 106 -5.19 -15.17 28.81
N GLY F 107 -4.37 -16.09 28.36
CA GLY F 107 -4.83 -17.42 28.02
C GLY F 107 -5.70 -18.09 29.06
N THR F 108 -5.31 -17.94 30.31
CA THR F 108 -5.99 -18.59 31.42
C THR F 108 -7.35 -17.95 31.72
N LEU F 109 -7.38 -16.62 31.75
CA LEU F 109 -8.61 -15.88 31.97
C LEU F 109 -9.60 -16.09 30.83
N LYS F 110 -9.09 -16.11 29.61
CA LYS F 110 -9.95 -16.34 28.47
C LYS F 110 -10.57 -17.72 28.57
N ALA F 111 -9.73 -18.76 28.68
CA ALA F 111 -10.23 -20.12 28.88
C ALA F 111 -11.30 -20.24 29.98
N ALA F 112 -11.09 -19.54 31.10
CA ALA F 112 -12.06 -19.56 32.20
C ALA F 112 -13.32 -18.78 31.88
N GLY F 113 -13.28 -18.01 30.78
CA GLY F 113 -14.44 -17.27 30.31
C GLY F 113 -14.80 -16.09 31.20
N VAL F 114 -13.76 -15.52 31.78
CA VAL F 114 -13.91 -14.45 32.74
C VAL F 114 -13.49 -13.12 32.10
N ASN F 115 -12.96 -13.21 30.89
CA ASN F 115 -12.49 -12.04 30.13
C ASN F 115 -13.62 -11.20 29.55
N TYR F 116 -13.38 -9.92 29.35
CA TYR F 116 -14.40 -9.08 28.74
C TYR F 116 -13.83 -7.93 27.90
N THR F 117 -14.28 -7.87 26.64
CA THR F 117 -13.88 -6.81 25.72
C THR F 117 -15.06 -5.91 25.33
N GLU F 118 -14.78 -4.62 25.16
CA GLU F 118 -15.81 -3.71 24.66
C GLU F 118 -15.25 -2.64 23.73
N ASN F 119 -16.00 -2.34 22.68
CA ASN F 119 -15.55 -1.40 21.66
C ASN F 119 -16.15 -0.01 21.92
N PHE F 120 -15.34 1.02 21.75
CA PHE F 120 -15.80 2.38 22.01
C PHE F 120 -15.43 3.32 20.89
N GLU F 121 -16.22 4.38 20.75
CA GLU F 121 -15.92 5.41 19.76
C GLU F 121 -14.73 6.23 20.25
N THR F 122 -13.68 6.33 19.43
CA THR F 122 -12.42 6.96 19.87
C THR F 122 -12.51 8.29 20.66
N PRO F 123 -13.49 9.17 20.35
CA PRO F 123 -13.59 10.39 21.17
C PRO F 123 -14.15 10.15 22.59
N LEU F 124 -15.06 9.20 22.74
CA LEU F 124 -15.55 8.88 24.08
C LEU F 124 -14.39 8.41 24.96
N ILE F 125 -13.74 7.31 24.61
CA ILE F 125 -12.66 6.79 25.44
C ILE F 125 -11.58 7.83 25.73
N MET F 126 -11.10 8.51 24.69
CA MET F 126 -10.04 9.50 24.91
C MET F 126 -10.49 10.57 25.93
N ALA F 127 -11.76 10.98 25.84
CA ALA F 127 -12.29 11.98 26.76
C ALA F 127 -12.18 11.46 28.19
N THR F 128 -12.59 10.21 28.36
CA THR F 128 -12.58 9.57 29.67
C THR F 128 -11.18 9.38 30.22
N PHE F 129 -10.28 8.81 29.43
CA PHE F 129 -8.91 8.67 29.90
C PHE F 129 -8.34 10.01 30.29
N LYS F 130 -8.76 11.06 29.61
CA LYS F 130 -8.21 12.36 29.94
C LYS F 130 -8.78 12.82 31.29
N ALA F 131 -10.06 12.57 31.50
CA ALA F 131 -10.66 12.86 32.79
C ALA F 131 -9.88 12.18 33.89
N ILE F 132 -9.81 10.85 33.80
CA ILE F 132 -9.09 10.02 34.74
C ILE F 132 -7.67 10.55 34.94
N LEU F 133 -6.93 10.72 33.86
CA LEU F 133 -5.57 11.18 33.99
C LEU F 133 -5.53 12.42 34.86
N ARG F 134 -6.39 13.37 34.54
CA ARG F 134 -6.40 14.67 35.20
C ARG F 134 -6.75 14.54 36.66
N ASP F 135 -7.69 13.63 36.96
CA ASP F 135 -8.21 13.46 38.32
C ASP F 135 -7.46 12.52 39.27
N TRP F 136 -6.61 11.65 38.76
CA TRP F 136 -5.89 10.72 39.64
C TRP F 136 -4.45 11.14 39.75
N THR F 137 -4.07 12.16 39.00
CA THR F 137 -2.71 12.64 39.11
C THR F 137 -2.60 13.74 40.17
N ASN F 138 -1.82 13.46 41.21
CA ASN F 138 -1.57 14.48 42.23
C ASN F 138 -0.48 15.43 41.76
N ALA F 139 -0.61 16.69 42.17
CA ALA F 139 0.32 17.75 41.80
C ALA F 139 1.78 17.33 42.02
N THR F 140 1.95 16.23 42.75
CA THR F 140 3.27 15.74 43.10
C THR F 140 3.84 14.69 42.11
N PHE F 141 3.03 14.21 41.16
CA PHE F 141 3.42 13.08 40.28
C PHE F 141 3.31 13.33 38.78
N ASP F 142 4.39 13.01 38.06
CA ASP F 142 4.46 13.21 36.62
C ASP F 142 4.60 11.91 35.84
N PRO F 143 3.49 11.44 35.22
CA PRO F 143 3.39 10.18 34.47
C PRO F 143 4.46 10.01 33.39
N PHE F 144 4.77 11.10 32.69
CA PHE F 144 5.71 11.06 31.57
C PHE F 144 7.16 10.89 32.03
N ALA F 145 7.42 11.01 33.32
CA ALA F 145 8.80 11.03 33.77
C ALA F 145 9.30 9.74 34.40
N ALA F 146 10.63 9.62 34.47
CA ALA F 146 11.31 8.52 35.16
C ALA F 146 11.16 8.65 36.67
N PRO F 147 11.28 7.53 37.39
CA PRO F 147 11.04 7.58 38.83
C PRO F 147 11.95 8.55 39.62
N GLU F 148 13.23 8.62 39.31
CA GLU F 148 14.14 9.56 40.00
C GLU F 148 13.79 11.03 39.75
N GLU F 149 13.03 11.29 38.68
CA GLU F 149 12.71 12.66 38.30
C GLU F 149 11.42 13.16 38.94
N THR F 150 10.76 12.33 39.72
CA THR F 150 9.48 12.74 40.29
C THR F 150 9.07 12.11 41.64
N GLY F 151 7.94 12.59 42.14
CA GLY F 151 7.41 12.12 43.40
C GLY F 151 6.50 10.93 43.22
N SER F 152 5.80 10.60 44.31
CA SER F 152 4.98 9.42 44.30
C SER F 152 3.59 9.73 43.75
N ALA F 153 2.83 8.68 43.47
CA ALA F 153 1.48 8.81 42.94
C ALA F 153 0.47 8.41 43.98
N PHE F 154 0.95 8.07 45.18
CA PHE F 154 0.11 7.38 46.16
C PHE F 154 -0.51 8.37 47.13
N GLY F 155 -1.51 7.91 47.87
CA GLY F 155 -2.20 8.76 48.82
C GLY F 155 -3.57 9.16 48.32
N ARG F 156 -4.10 10.25 48.86
CA ARG F 156 -5.41 10.72 48.47
C ARG F 156 -5.29 11.99 47.63
N LYS F 157 -6.40 12.40 47.03
CA LYS F 157 -6.37 13.49 46.07
C LYS F 157 -5.65 14.70 46.62
N ASN F 158 -4.60 15.10 45.91
CA ASN F 158 -3.76 16.21 46.32
C ASN F 158 -3.40 17.09 45.13
N GLY F 159 -4.36 17.89 44.67
CA GLY F 159 -4.10 18.84 43.59
C GLY F 159 -4.09 18.24 42.20
N GLU F 160 -3.50 18.97 41.25
CA GLU F 160 -3.56 18.60 39.84
C GLU F 160 -2.21 18.86 39.19
N ASN F 161 -1.93 18.16 38.10
CA ASN F 161 -0.69 18.42 37.37
C ASN F 161 -0.93 18.64 35.88
N LEU F 162 -1.88 19.51 35.56
CA LEU F 162 -2.21 19.82 34.18
C LEU F 162 -0.99 20.03 33.31
N GLU F 163 -0.01 20.77 33.81
CA GLU F 163 1.21 21.07 33.04
C GLU F 163 1.98 19.86 32.52
N CYS F 164 1.88 18.74 33.24
CA CYS F 164 2.53 17.51 32.81
C CYS F 164 1.61 16.67 31.95
N ILE F 165 0.37 16.50 32.40
CA ILE F 165 -0.57 15.62 31.72
C ILE F 165 -1.12 16.28 30.47
N GLU F 166 -0.93 17.59 30.37
CA GLU F 166 -1.32 18.37 29.18
C GLU F 166 -0.16 19.17 28.59
N ARG F 167 0.87 18.50 28.11
CA ARG F 167 1.93 19.22 27.43
C ARG F 167 1.50 19.42 26.00
N PHE F 168 1.21 20.69 25.68
CA PHE F 168 0.77 21.10 24.36
C PHE F 168 1.89 20.86 23.34
N ARG F 169 1.60 20.06 22.30
CA ARG F 169 2.56 19.86 21.23
C ARG F 169 2.01 20.16 19.84
N ILE F 170 2.76 20.99 19.11
CA ILE F 170 2.50 21.24 17.71
C ILE F 170 2.91 20.00 16.90
N ALA F 171 2.14 19.69 15.87
CA ALA F 171 2.50 18.57 15.03
C ALA F 171 3.57 19.01 14.03
N THR F 172 4.59 18.17 13.88
CA THR F 172 5.56 18.34 12.80
C THR F 172 4.94 18.10 11.41
N LYS F 173 5.35 18.89 10.42
CA LYS F 173 4.84 18.79 9.06
C LYS F 173 5.98 18.37 8.13
N ARG F 174 7.18 18.79 8.47
CA ARG F 174 8.32 18.58 7.59
C ARG F 174 9.63 18.37 8.36
N MET F 175 9.95 19.29 9.25
CA MET F 175 11.13 19.20 10.08
C MET F 175 11.01 20.30 11.11
N PRO F 176 11.45 20.05 12.34
CA PRO F 176 11.36 21.11 13.34
C PRO F 176 12.39 22.18 13.06
N GLY F 177 12.08 23.42 13.42
CA GLY F 177 12.99 24.53 13.18
C GLY F 177 12.58 25.32 11.96
N LEU F 178 11.71 24.72 11.16
CA LEU F 178 11.14 25.39 10.00
C LEU F 178 10.07 26.36 10.47
N GLN F 179 9.63 27.21 9.56
CA GLN F 179 8.96 28.44 9.91
C GLN F 179 7.50 28.22 10.27
N ASP F 180 6.84 27.37 9.50
CA ASP F 180 5.43 27.10 9.72
C ASP F 180 5.23 25.96 10.72
N ASP F 181 6.33 25.47 11.28
CA ASP F 181 6.39 24.10 11.78
C ASP F 181 6.54 23.98 13.30
N SER F 182 6.94 22.78 13.75
CA SER F 182 7.12 22.50 15.16
C SER F 182 8.41 23.16 15.65
N PRO F 183 8.42 23.58 16.92
CA PRO F 183 9.49 24.38 17.53
C PRO F 183 10.69 23.54 17.88
N LEU F 184 11.84 24.19 18.03
CA LEU F 184 12.99 23.57 18.67
C LEU F 184 12.80 23.70 20.19
N ARG F 185 13.91 23.61 20.93
CA ARG F 185 13.82 23.56 22.40
C ARG F 185 14.84 24.38 23.17
N ASN F 186 15.42 25.39 22.52
CA ASN F 186 16.44 26.20 23.18
C ASN F 186 15.88 26.91 24.43
N ASP F 187 14.60 26.66 24.74
CA ASP F 187 13.94 27.22 25.92
C ASP F 187 13.68 26.21 27.04
N LEU F 188 14.13 24.97 26.86
CA LEU F 188 13.98 23.93 27.87
C LEU F 188 15.33 23.51 28.42
N PRO F 189 15.36 23.12 29.69
CA PRO F 189 16.62 22.77 30.35
C PRO F 189 17.14 21.43 29.90
N VAL F 190 18.46 21.35 29.68
CA VAL F 190 19.08 20.07 29.42
C VAL F 190 18.76 19.14 30.57
N ASN F 191 18.25 17.96 30.26
CA ASN F 191 18.00 16.96 31.29
C ASN F 191 19.26 16.39 31.90
N ARG F 192 19.26 16.27 33.22
CA ARG F 192 20.45 15.88 34.00
C ARG F 192 21.27 14.69 33.46
N GLN F 193 20.60 13.72 32.87
CA GLN F 193 21.32 12.54 32.45
C GLN F 193 21.85 12.72 31.03
N PHE F 194 21.74 13.94 30.52
CA PHE F 194 22.33 14.32 29.23
C PHE F 194 23.25 15.55 29.35
N ALA F 195 23.56 15.92 30.59
CA ALA F 195 24.40 17.09 30.89
C ALA F 195 25.68 17.22 30.06
N ASP F 196 26.31 16.09 29.76
CA ASP F 196 27.57 16.10 29.03
C ASP F 196 27.41 16.35 27.52
N VAL F 197 26.19 16.55 27.07
CA VAL F 197 25.91 16.51 25.64
C VAL F 197 26.01 17.87 24.89
N SER F 198 26.98 17.93 23.97
CA SER F 198 27.28 19.13 23.18
C SER F 198 26.04 19.93 22.80
N GLN F 199 25.96 21.20 23.24
CA GLN F 199 24.83 22.05 22.87
C GLN F 199 25.07 22.87 21.60
N ASP F 200 26.20 22.63 20.94
CA ASP F 200 26.53 23.31 19.69
C ASP F 200 25.50 23.06 18.59
N GLU F 201 24.99 24.13 18.00
CA GLU F 201 24.17 24.01 16.78
C GLU F 201 25.08 23.89 15.56
N PRO F 202 24.52 23.40 14.45
CA PRO F 202 25.17 23.32 13.13
C PRO F 202 25.26 24.68 12.47
N GLU F 203 26.41 24.99 11.90
CA GLU F 203 26.54 26.21 11.15
C GLU F 203 25.81 26.08 9.82
N VAL F 204 24.93 27.04 9.54
CA VAL F 204 24.24 27.08 8.26
C VAL F 204 24.58 28.38 7.50
N HIS F 205 25.30 28.21 6.40
CA HIS F 205 25.77 29.34 5.62
C HIS F 205 24.99 29.51 4.31
N ALA F 206 23.93 30.32 4.37
CA ALA F 206 23.05 30.57 3.24
C ALA F 206 23.51 31.74 2.34
N ALA F 207 23.86 31.44 1.09
CA ALA F 207 24.19 32.46 0.09
C ALA F 207 23.07 33.49 0.03
N GLU F 208 23.40 34.69 -0.43
CA GLU F 208 22.46 35.81 -0.36
C GLU F 208 21.15 35.53 -1.10
N GLY F 209 20.04 35.87 -0.44
CA GLY F 209 18.71 35.66 -0.98
C GLY F 209 18.11 34.33 -0.56
N PHE F 210 18.98 33.36 -0.30
CA PHE F 210 18.56 32.00 0.06
C PHE F 210 18.44 31.76 1.56
N GLU F 211 18.68 32.79 2.36
CA GLU F 211 18.41 32.72 3.79
C GLU F 211 17.02 32.10 4.02
N GLY F 212 16.95 31.07 4.85
CA GLY F 212 15.67 30.44 5.14
C GLY F 212 15.34 29.25 4.24
N GLU F 213 16.20 28.97 3.28
CA GLU F 213 15.96 27.83 2.40
C GLU F 213 16.78 26.62 2.85
N LEU F 214 17.79 26.85 3.68
CA LEU F 214 18.54 25.75 4.26
C LEU F 214 18.20 25.57 5.73
N HIS F 215 18.28 24.34 6.22
CA HIS F 215 18.03 24.07 7.64
C HIS F 215 18.87 22.95 8.20
N ALA F 216 19.36 23.14 9.43
CA ALA F 216 19.95 22.06 10.17
C ALA F 216 19.83 22.41 11.64
N PHE F 217 19.72 21.38 12.48
CA PHE F 217 19.69 21.58 13.91
C PHE F 217 20.38 20.40 14.56
N SER F 218 20.69 20.55 15.84
CA SER F 218 21.29 19.46 16.60
C SER F 218 20.14 18.61 17.04
N LEU F 219 20.11 17.36 16.56
CA LEU F 219 19.14 16.39 16.99
C LEU F 219 19.47 16.05 18.43
N PHE F 220 20.75 15.79 18.68
CA PHE F 220 21.17 15.44 20.01
C PHE F 220 20.76 16.52 20.99
N LYS F 221 21.18 17.75 20.76
CA LYS F 221 20.78 18.82 21.65
C LYS F 221 19.25 18.86 21.87
N TYR F 222 18.49 18.47 20.83
CA TYR F 222 17.03 18.50 20.86
C TYR F 222 16.47 17.42 21.81
N LEU F 223 17.07 16.24 21.78
CA LEU F 223 16.66 15.14 22.63
C LEU F 223 17.18 15.42 24.03
N SER F 224 18.44 15.84 24.08
CA SER F 224 19.08 16.45 25.25
C SER F 224 18.08 17.12 26.19
N ARG F 225 17.19 17.91 25.60
CA ARG F 225 16.26 18.70 26.38
C ARG F 225 14.88 18.15 26.30
N SER F 226 14.77 16.83 26.14
CA SER F 226 13.47 16.20 26.19
C SER F 226 13.01 16.09 27.64
N ASP F 227 11.77 16.49 27.88
CA ASP F 227 11.21 16.47 29.22
C ASP F 227 10.23 15.33 29.35
N VAL F 228 10.17 14.43 28.37
CA VAL F 228 9.36 13.22 28.49
C VAL F 228 10.09 11.92 28.18
N THR F 229 9.63 10.86 28.84
CA THR F 229 10.27 9.56 28.79
C THR F 229 9.40 8.60 27.94
N TRP F 230 10.03 7.81 27.07
CA TRP F 230 9.29 6.87 26.21
C TRP F 230 8.12 7.52 25.45
N ASN F 231 8.44 8.48 24.60
CA ASN F 231 7.41 9.20 23.86
C ASN F 231 7.97 9.63 22.52
N PRO F 232 7.84 8.80 21.49
CA PRO F 232 8.39 9.21 20.19
C PRO F 232 7.69 10.48 19.71
N SER F 233 8.46 11.40 19.15
CA SER F 233 7.93 12.61 18.50
C SER F 233 8.52 12.76 17.09
N VAL F 234 7.78 13.36 16.17
CA VAL F 234 8.28 13.49 14.80
C VAL F 234 9.35 14.58 14.61
N THR F 235 10.45 14.23 13.93
CA THR F 235 11.54 15.17 13.69
C THR F 235 11.93 15.29 12.23
N SER F 236 11.41 14.41 11.38
CA SER F 236 11.71 14.42 9.94
C SER F 236 10.74 13.57 9.12
N VAL F 237 9.94 14.24 8.30
CA VAL F 237 8.95 13.56 7.48
C VAL F 237 9.44 13.38 6.05
N CYS F 238 9.53 12.14 5.60
CA CYS F 238 9.82 11.87 4.20
C CYS F 238 8.62 11.17 3.55
N LYS F 239 7.65 11.96 3.10
CA LYS F 239 6.34 11.43 2.68
C LYS F 239 5.62 10.72 3.82
N ALA F 240 5.72 9.38 3.85
CA ALA F 240 5.04 8.58 4.89
C ALA F 240 6.01 8.06 5.97
N SER F 241 7.29 8.21 5.71
CA SER F 241 8.33 7.67 6.55
C SER F 241 8.66 8.69 7.64
N LEU F 242 8.31 8.37 8.88
CA LEU F 242 8.54 9.26 10.01
C LEU F 242 9.69 8.82 10.89
N PHE F 243 10.60 9.74 11.15
CA PHE F 243 11.64 9.51 12.13
C PHE F 243 11.19 10.04 13.47
N CYS F 244 10.96 9.15 14.43
CA CYS F 244 10.43 9.58 15.72
C CYS F 244 11.34 9.22 16.87
N PRO F 245 12.33 10.07 17.16
CA PRO F 245 13.31 9.88 18.21
C PRO F 245 12.69 10.15 19.57
N THR F 246 13.15 9.43 20.58
CA THR F 246 12.70 9.67 21.95
C THR F 246 13.82 9.38 22.96
N THR F 247 13.55 9.72 24.20
CA THR F 247 14.50 9.51 25.28
C THR F 247 13.97 8.47 26.28
N GLU F 248 14.72 7.37 26.41
CA GLU F 248 14.29 6.25 27.24
C GLU F 248 15.02 6.23 28.58
N GLU F 249 14.30 5.83 29.62
CA GLU F 249 14.82 5.78 30.97
C GLU F 249 13.88 4.97 31.84
N PHE F 250 14.42 3.88 32.38
CA PHE F 250 13.72 2.95 33.25
C PHE F 250 13.00 1.93 32.40
N ILE F 251 11.68 1.79 32.60
CA ILE F 251 10.92 0.74 31.93
C ILE F 251 9.78 1.24 31.10
N LEU F 252 9.78 0.82 29.84
CA LEU F 252 8.65 1.01 28.96
C LEU F 252 7.36 0.76 29.74
N PRO F 253 6.54 1.79 29.82
CA PRO F 253 5.33 1.87 30.67
C PRO F 253 4.21 0.90 30.33
N VAL F 254 4.35 0.16 29.22
CA VAL F 254 3.38 -0.85 28.76
C VAL F 254 4.16 -1.98 28.10
N PHE F 255 3.63 -3.21 28.11
CA PHE F 255 4.21 -4.23 27.20
C PHE F 255 3.45 -4.26 25.86
N HIS F 256 4.17 -4.09 24.75
CA HIS F 256 3.50 -3.86 23.47
C HIS F 256 3.36 -5.10 22.56
N GLY F 257 2.17 -5.32 22.04
CA GLY F 257 1.96 -6.35 21.04
C GLY F 257 2.00 -5.74 19.66
N ASN F 258 2.91 -6.24 18.82
CA ASN F 258 3.16 -5.60 17.55
C ASN F 258 2.07 -5.86 16.48
N ASP F 259 1.95 -4.89 15.57
CA ASP F 259 0.92 -4.86 14.56
C ASP F 259 1.60 -5.05 13.21
N ARG F 260 2.85 -4.59 13.20
CA ARG F 260 3.60 -4.36 11.98
C ARG F 260 5.07 -4.37 12.37
N VAL F 261 5.97 -4.33 11.39
CA VAL F 261 7.37 -4.29 11.69
C VAL F 261 7.75 -2.90 12.13
N GLU F 262 8.34 -2.79 13.32
CA GLU F 262 8.83 -1.52 13.82
C GLU F 262 10.33 -1.58 13.73
N TRP F 263 10.95 -0.43 13.48
CA TRP F 263 12.41 -0.37 13.34
C TRP F 263 13.01 0.63 14.30
N PHE F 264 14.04 0.20 15.02
CA PHE F 264 14.65 1.00 16.04
C PHE F 264 16.09 1.25 15.70
N ILE F 265 16.57 2.45 16.00
CA ILE F 265 17.98 2.74 15.92
C ILE F 265 18.45 3.32 17.24
N GLN F 266 19.49 2.71 17.82
CA GLN F 266 20.03 3.16 19.10
C GLN F 266 21.13 4.19 18.87
N MET F 267 20.97 5.36 19.44
CA MET F 267 21.90 6.46 19.21
C MET F 267 22.90 6.70 20.32
N SER F 268 22.45 6.53 21.56
CA SER F 268 23.33 6.68 22.72
C SER F 268 23.00 5.66 23.76
N ASP F 269 24.03 5.25 24.49
CA ASP F 269 23.82 4.44 25.67
C ASP F 269 23.40 3.04 25.29
N GLU F 270 22.53 2.42 26.09
CA GLU F 270 22.00 1.10 25.74
C GLU F 270 20.61 0.80 26.29
N ILE F 271 19.81 0.09 25.49
CA ILE F 271 18.52 -0.42 25.94
C ILE F 271 18.53 -1.93 25.82
N VAL F 272 17.72 -2.60 26.63
CA VAL F 272 17.53 -4.04 26.54
C VAL F 272 16.09 -4.33 26.27
N TRP F 273 15.83 -5.11 25.23
CA TRP F 273 14.46 -5.42 24.82
C TRP F 273 14.12 -6.85 25.15
N ASP F 274 12.95 -7.02 25.75
CA ASP F 274 12.42 -8.33 26.04
C ASP F 274 11.46 -8.69 24.92
N VAL F 275 11.65 -9.83 24.27
CA VAL F 275 10.82 -10.15 23.11
C VAL F 275 10.20 -11.55 23.23
N GLY F 276 8.89 -11.64 23.05
CA GLY F 276 8.19 -12.91 23.18
C GLY F 276 7.03 -13.07 22.20
N ASP F 277 6.39 -14.23 22.21
CA ASP F 277 5.22 -14.47 21.39
C ASP F 277 4.06 -13.57 21.79
N LYS F 278 3.37 -13.03 20.79
CA LYS F 278 2.24 -12.13 20.99
C LYS F 278 1.28 -12.73 22.04
N ASP F 279 0.62 -13.81 21.67
CA ASP F 279 -0.35 -14.47 22.52
C ASP F 279 0.28 -15.31 23.63
N ASP F 280 1.19 -16.20 23.23
CA ASP F 280 1.76 -17.16 24.16
C ASP F 280 2.63 -16.59 25.30
N GLY F 281 3.47 -15.62 24.98
CA GLY F 281 4.43 -15.08 25.94
C GLY F 281 5.80 -15.74 25.83
N ASN F 282 5.86 -16.88 25.12
CA ASN F 282 7.11 -17.61 24.88
C ASN F 282 8.28 -16.71 24.56
N PRO F 283 9.34 -16.80 25.36
CA PRO F 283 10.41 -15.85 25.04
C PRO F 283 10.98 -16.19 23.65
N ARG F 284 11.09 -15.20 22.77
CA ARG F 284 11.73 -15.47 21.50
C ARG F 284 13.19 -15.05 21.57
N ALA F 285 13.45 -13.86 22.10
CA ALA F 285 14.81 -13.35 22.18
C ALA F 285 14.97 -12.21 23.17
N ARG F 286 16.19 -12.04 23.65
CA ARG F 286 16.52 -10.92 24.53
C ARG F 286 17.54 -10.06 23.82
N ILE F 287 17.16 -8.83 23.49
CA ILE F 287 17.91 -8.01 22.56
C ILE F 287 18.56 -6.81 23.19
N THR F 288 19.87 -6.70 23.02
CA THR F 288 20.62 -5.62 23.60
C THR F 288 21.11 -4.68 22.55
N MET F 289 20.61 -3.45 22.58
CA MET F 289 20.99 -2.46 21.60
C MET F 289 21.94 -1.41 22.18
N ARG F 290 23.14 -1.34 21.61
CA ARG F 290 24.09 -0.32 21.97
C ARG F 290 24.08 0.76 20.89
N ALA F 291 24.82 1.84 21.13
CA ALA F 291 24.81 2.97 20.20
C ALA F 291 25.18 2.48 18.80
N GLY F 292 24.30 2.78 17.85
CA GLY F 292 24.54 2.47 16.46
C GLY F 292 23.86 1.21 15.96
N ASP F 293 23.20 0.50 16.85
CA ASP F 293 22.54 -0.74 16.47
C ASP F 293 21.27 -0.43 15.72
N VAL F 294 21.00 -1.26 14.72
CA VAL F 294 19.75 -1.16 13.99
C VAL F 294 19.03 -2.47 14.12
N CYS F 295 17.78 -2.42 14.53
CA CYS F 295 17.07 -3.64 14.78
C CYS F 295 15.65 -3.53 14.30
N ALA F 296 15.13 -4.61 13.75
CA ALA F 296 13.71 -4.68 13.38
C ALA F 296 12.94 -5.58 14.35
N MET F 297 11.88 -5.05 14.96
CA MET F 297 10.96 -5.86 15.73
C MET F 297 9.89 -6.42 14.81
N PRO F 298 9.77 -7.76 14.72
CA PRO F 298 8.79 -8.42 13.86
C PRO F 298 7.33 -8.05 14.23
N ALA F 299 6.37 -8.35 13.36
CA ALA F 299 4.97 -8.02 13.69
C ALA F 299 4.25 -9.07 14.56
N ASP F 300 4.92 -10.18 14.84
CA ASP F 300 4.29 -11.32 15.50
C ASP F 300 4.84 -11.56 16.91
N ILE F 301 5.44 -10.51 17.49
CA ILE F 301 6.03 -10.61 18.81
C ILE F 301 5.52 -9.49 19.69
N ARG F 302 5.72 -9.62 20.99
CA ARG F 302 5.47 -8.52 21.92
C ARG F 302 6.77 -8.17 22.64
N HIS F 303 6.91 -6.91 23.02
CA HIS F 303 8.15 -6.47 23.62
C HIS F 303 7.96 -5.46 24.73
N GLN F 304 9.02 -5.30 25.50
CA GLN F 304 9.09 -4.28 26.51
C GLN F 304 10.55 -3.97 26.79
N GLY F 305 10.88 -2.69 26.97
CA GLY F 305 12.25 -2.26 27.01
C GLY F 305 12.76 -1.76 28.35
N TYR F 306 14.07 -1.80 28.54
CA TYR F 306 14.67 -1.43 29.82
C TYR F 306 15.89 -0.54 29.63
N SER F 307 15.77 0.70 30.09
CA SER F 307 16.91 1.60 29.96
C SER F 307 17.37 2.03 31.33
N THR F 308 18.61 1.70 31.66
CA THR F 308 19.15 2.13 32.95
C THR F 308 19.43 3.63 32.90
N LYS F 309 20.31 4.01 31.97
CA LYS F 309 20.63 5.41 31.76
C LYS F 309 19.75 5.97 30.67
N ARG F 310 19.22 7.16 30.91
CA ARG F 310 18.41 7.85 29.90
C ARG F 310 19.15 7.86 28.55
N SER F 311 18.52 7.28 27.53
CA SER F 311 19.20 7.07 26.27
C SER F 311 18.41 7.65 25.11
N MET F 312 19.11 7.82 23.98
CA MET F 312 18.54 8.37 22.76
C MET F 312 18.19 7.29 21.76
N LEU F 313 16.90 7.14 21.53
CA LEU F 313 16.39 6.10 20.65
C LEU F 313 15.70 6.68 19.44
N MET F 314 16.02 6.13 18.26
CA MET F 314 15.30 6.45 17.03
C MET F 314 14.25 5.40 16.66
N VAL F 315 12.98 5.77 16.75
CA VAL F 315 11.91 4.92 16.22
C VAL F 315 11.54 5.40 14.84
N TRP F 316 11.58 4.48 13.89
CA TRP F 316 11.22 4.76 12.52
C TRP F 316 9.82 4.26 12.23
N GLU F 317 8.84 5.14 12.03
CA GLU F 317 7.50 4.68 11.69
C GLU F 317 7.17 4.84 10.19
N ASN F 318 6.00 4.35 9.81
CA ASN F 318 5.56 4.36 8.44
C ASN F 318 4.07 4.65 8.43
N ALA F 319 3.71 5.88 8.09
CA ALA F 319 2.34 6.35 8.20
C ALA F 319 1.43 5.89 7.05
N THR F 320 1.82 4.83 6.37
CA THR F 320 1.01 4.32 5.27
C THR F 320 -0.30 3.76 5.84
N PRO F 321 -1.44 4.25 5.31
CA PRO F 321 -2.83 3.94 5.66
C PRO F 321 -3.21 2.47 5.63
N ASN F 322 -2.69 1.69 4.69
CA ASN F 322 -3.15 0.30 4.53
C ASN F 322 -2.16 -0.76 5.02
N LEU F 323 -1.36 -0.38 6.00
CA LEU F 323 -0.38 -1.29 6.59
C LEU F 323 -1.04 -2.54 7.16
N PRO F 324 -2.12 -2.37 7.94
CA PRO F 324 -2.91 -3.49 8.45
C PRO F 324 -3.29 -4.47 7.34
N HIS F 325 -3.91 -3.92 6.29
CA HIS F 325 -4.33 -4.74 5.18
C HIS F 325 -3.16 -5.48 4.57
N LEU F 326 -2.04 -4.81 4.37
CA LEU F 326 -0.89 -5.49 3.82
C LEU F 326 -0.47 -6.70 4.66
N TYR F 327 -0.43 -6.55 5.98
CA TYR F 327 0.05 -7.63 6.83
C TYR F 327 -0.96 -8.76 6.87
N GLU F 328 -2.23 -8.38 7.00
CA GLU F 328 -3.32 -9.36 7.05
C GLU F 328 -3.45 -10.21 5.77
N SER F 329 -2.98 -9.68 4.64
CA SER F 329 -3.13 -10.34 3.35
C SER F 329 -2.00 -11.28 3.07
N GLY F 330 -0.84 -11.01 3.67
CA GLY F 330 0.35 -11.77 3.33
C GLY F 330 1.29 -10.98 2.45
N GLU F 331 0.85 -9.81 2.02
CA GLU F 331 1.68 -8.92 1.22
C GLU F 331 3.02 -8.60 1.87
N LEU F 332 3.01 -8.35 3.18
CA LEU F 332 4.23 -8.24 3.97
C LEU F 332 4.27 -9.39 4.99
N LYS F 333 5.41 -10.06 5.11
CA LYS F 333 5.64 -11.08 6.14
C LYS F 333 5.89 -10.43 7.51
N PRO F 334 5.83 -11.21 8.60
CA PRO F 334 5.97 -10.70 9.97
C PRO F 334 7.34 -10.10 10.24
N TYR F 335 8.38 -10.67 9.64
CA TYR F 335 9.69 -10.07 9.70
C TYR F 335 10.03 -9.59 8.32
N PRO F 336 10.82 -8.51 8.24
CA PRO F 336 11.03 -7.65 7.08
C PRO F 336 11.92 -8.21 5.97
N ILE F 337 13.05 -8.82 6.28
CA ILE F 337 13.92 -9.28 5.20
C ILE F 337 14.27 -10.76 5.16
N GLU F 338 14.13 -11.32 3.95
CA GLU F 338 14.53 -12.68 3.65
C GLU F 338 15.96 -12.72 3.12
N PHE F 339 16.85 -13.34 3.89
CA PHE F 339 18.26 -13.42 3.51
C PHE F 339 18.95 -14.59 4.19
N ASP G 16 30.69 -20.45 54.74
CA ASP G 16 30.02 -19.15 54.57
C ASP G 16 30.98 -17.95 54.34
N ASP G 17 31.92 -18.13 53.42
CA ASP G 17 32.71 -16.98 52.97
C ASP G 17 32.15 -16.39 51.67
N VAL G 18 31.90 -15.09 51.71
CA VAL G 18 31.13 -14.41 50.69
C VAL G 18 32.00 -13.89 49.56
N GLN G 19 31.61 -14.22 48.33
CA GLN G 19 32.30 -13.72 47.16
C GLN G 19 31.78 -12.35 46.75
N ALA G 20 32.50 -11.29 47.09
CA ALA G 20 32.09 -9.96 46.65
C ALA G 20 33.20 -9.26 45.85
N SER G 21 32.79 -8.38 44.93
CA SER G 21 33.70 -7.52 44.20
C SER G 21 33.88 -6.20 44.96
N PRO G 22 34.93 -5.44 44.63
CA PRO G 22 34.97 -4.12 45.24
C PRO G 22 33.78 -3.36 44.72
N PRO G 23 33.51 -2.16 45.26
CA PRO G 23 32.44 -1.34 44.69
C PRO G 23 32.74 -0.92 43.24
N HIS G 24 31.74 -1.01 42.37
CA HIS G 24 31.83 -0.50 41.00
C HIS G 24 32.27 0.97 41.00
N ALA G 25 32.92 1.40 39.93
CA ALA G 25 33.46 2.76 39.87
C ALA G 25 32.36 3.80 39.72
N VAL G 26 31.43 3.55 38.81
CA VAL G 26 30.39 4.51 38.54
C VAL G 26 29.32 4.38 39.60
N THR G 27 28.79 3.16 39.67
CA THR G 27 27.65 2.80 40.48
C THR G 27 27.84 2.92 42.01
N GLY G 28 28.93 2.35 42.52
CA GLY G 28 29.20 2.36 43.94
C GLY G 28 28.75 1.09 44.65
N TYR G 29 27.99 0.25 43.96
CA TYR G 29 27.51 -1.01 44.55
C TYR G 29 28.51 -2.11 44.26
N ARG G 30 28.54 -3.13 45.09
CA ARG G 30 29.38 -4.29 44.82
C ARG G 30 28.56 -5.30 44.09
N SER G 31 29.21 -6.18 43.34
CA SER G 31 28.53 -7.34 42.78
C SER G 31 28.92 -8.60 43.56
N PHE G 32 28.06 -9.61 43.52
CA PHE G 32 28.26 -10.83 44.28
C PHE G 32 28.17 -12.08 43.43
N GLN G 33 28.88 -13.12 43.84
CA GLN G 33 28.75 -14.43 43.25
C GLN G 33 28.16 -15.40 44.28
N LEU G 34 27.32 -16.32 43.82
CA LEU G 34 26.77 -17.36 44.67
C LEU G 34 26.60 -18.60 43.81
N GLY G 35 27.64 -19.42 43.74
CA GLY G 35 27.65 -20.48 42.76
C GLY G 35 27.70 -19.86 41.37
N ALA G 36 26.96 -20.47 40.45
CA ALA G 36 26.92 -19.99 39.08
C ALA G 36 26.05 -18.73 38.90
N PHE G 37 25.55 -18.18 40.00
CA PHE G 37 24.73 -16.98 39.95
C PHE G 37 25.61 -15.77 40.14
N GLU G 38 25.39 -14.73 39.34
CA GLU G 38 26.06 -13.47 39.54
C GLU G 38 24.96 -12.46 39.77
N LEU G 39 25.13 -11.62 40.78
CA LEU G 39 24.10 -10.66 41.17
C LEU G 39 24.74 -9.31 41.30
N SER G 40 24.19 -8.33 40.58
CA SER G 40 24.78 -6.98 40.52
C SER G 40 23.63 -6.02 40.45
N ARG G 41 23.88 -4.74 40.70
CA ARG G 41 22.80 -3.78 40.59
C ARG G 41 23.25 -2.40 40.08
N ASP G 42 22.33 -1.65 39.47
CA ASP G 42 22.62 -0.28 39.07
C ASP G 42 21.63 0.69 39.66
N GLU G 43 21.44 1.80 38.99
CA GLU G 43 20.60 2.86 39.53
C GLU G 43 19.18 2.38 39.57
N TYR G 44 18.82 1.52 38.64
CA TYR G 44 17.42 1.11 38.47
C TYR G 44 17.10 -0.40 38.61
N PHE G 45 18.05 -1.29 38.37
CA PHE G 45 17.72 -2.71 38.34
C PHE G 45 18.72 -3.57 39.07
N ALA G 46 18.25 -4.69 39.58
CA ALA G 46 19.13 -5.76 40.00
C ALA G 46 19.20 -6.70 38.82
N ARG G 47 20.39 -7.22 38.56
CA ARG G 47 20.58 -8.05 37.38
C ARG G 47 21.13 -9.39 37.82
N ILE G 48 20.30 -10.43 37.69
CA ILE G 48 20.71 -11.78 38.02
C ILE G 48 21.15 -12.54 36.78
N THR G 49 22.30 -13.20 36.89
CA THR G 49 22.96 -13.83 35.78
C THR G 49 23.18 -15.32 36.09
N TRP G 50 22.91 -16.19 35.12
CA TRP G 50 23.09 -17.62 35.32
C TRP G 50 23.34 -18.38 34.04
N PRO G 51 23.93 -19.58 34.12
CA PRO G 51 24.24 -20.37 32.94
C PRO G 51 23.12 -21.35 32.62
N ALA G 52 22.71 -21.41 31.36
CA ALA G 52 21.80 -22.45 30.90
C ALA G 52 21.89 -22.59 29.38
N LYS G 53 21.62 -23.78 28.86
CA LYS G 53 21.68 -24.06 27.41
C LYS G 53 22.98 -23.56 26.74
N GLY G 54 24.12 -23.76 27.40
CA GLY G 54 25.40 -23.40 26.81
C GLY G 54 25.76 -21.93 26.81
N GLU G 55 24.88 -21.08 27.32
CA GLU G 55 25.16 -19.66 27.32
C GLU G 55 24.76 -19.01 28.64
N THR G 56 25.09 -17.74 28.81
CA THR G 56 24.70 -17.03 30.02
C THR G 56 23.35 -16.34 29.83
N ARG G 57 22.39 -16.63 30.70
CA ARG G 57 21.09 -15.95 30.64
C ARG G 57 20.97 -14.92 31.76
N SER G 58 20.06 -13.96 31.58
CA SER G 58 20.02 -12.81 32.45
C SER G 58 18.60 -12.34 32.63
N HIS G 59 18.38 -11.59 33.69
CA HIS G 59 17.07 -11.10 34.01
C HIS G 59 17.19 -9.82 34.79
N LEU G 60 16.23 -8.92 34.61
CA LEU G 60 16.24 -7.67 35.34
C LEU G 60 15.04 -7.49 36.26
N ILE G 61 15.31 -7.04 37.49
CA ILE G 61 14.24 -6.71 38.44
C ILE G 61 14.43 -5.33 38.99
N PRO G 62 13.35 -4.53 38.99
CA PRO G 62 13.36 -3.19 39.59
C PRO G 62 13.95 -3.22 40.99
N ALA G 63 14.96 -2.42 41.23
CA ALA G 63 15.69 -2.49 42.47
C ALA G 63 14.80 -2.54 43.72
N ASP G 64 13.81 -1.67 43.82
CA ASP G 64 12.93 -1.75 44.99
C ASP G 64 12.19 -3.10 45.06
N ILE G 65 11.39 -3.49 44.06
CA ILE G 65 10.75 -4.81 44.07
C ILE G 65 11.69 -5.86 44.70
N PHE G 66 12.92 -5.87 44.22
CA PHE G 66 13.93 -6.86 44.60
C PHE G 66 14.38 -6.84 46.07
N LEU G 67 14.54 -5.65 46.66
CA LEU G 67 15.08 -5.59 48.01
C LEU G 67 14.03 -5.98 49.03
N ARG G 68 12.83 -5.49 48.84
CA ARG G 68 11.72 -5.87 49.67
C ARG G 68 11.56 -7.39 49.70
N ALA G 69 11.61 -8.05 48.55
CA ALA G 69 11.55 -9.51 48.53
C ALA G 69 12.72 -10.08 49.31
N MET G 70 13.93 -9.61 49.03
CA MET G 70 15.08 -10.19 49.69
C MET G 70 15.01 -9.95 51.19
N MET G 71 14.76 -8.69 51.56
CA MET G 71 14.49 -8.35 52.94
C MET G 71 13.72 -9.47 53.64
N ARG G 72 12.58 -9.86 53.07
CA ARG G 72 11.71 -10.87 53.65
C ARG G 72 12.41 -12.23 53.69
N ASP G 73 12.94 -12.67 52.56
CA ASP G 73 13.58 -13.97 52.51
C ASP G 73 14.59 -14.06 53.61
N VAL G 74 15.27 -12.94 53.85
CA VAL G 74 16.23 -12.84 54.93
C VAL G 74 15.56 -12.82 56.32
N ALA G 75 14.68 -11.84 56.56
CA ALA G 75 13.92 -11.79 57.81
C ALA G 75 13.23 -13.11 58.18
N TRP G 76 12.67 -13.81 57.20
CA TRP G 76 11.92 -15.06 57.40
C TRP G 76 12.82 -16.28 57.42
N GLY G 77 14.13 -16.07 57.36
CA GLY G 77 15.04 -17.19 57.26
C GLY G 77 14.55 -18.15 56.22
N PHE G 78 14.23 -17.60 55.05
CA PHE G 78 13.79 -18.36 53.87
C PHE G 78 12.40 -19.02 53.95
N PHE G 79 11.69 -18.78 55.06
CA PHE G 79 10.26 -19.11 55.16
C PHE G 79 9.92 -20.54 54.82
N TYR G 80 8.64 -20.79 54.52
CA TYR G 80 8.21 -22.12 54.11
C TYR G 80 8.09 -22.23 52.60
N GLY G 81 8.94 -23.07 52.03
CA GLY G 81 8.88 -23.37 50.61
C GLY G 81 9.28 -22.26 49.64
N TRP G 82 8.34 -21.94 48.76
CA TRP G 82 8.59 -21.04 47.66
C TRP G 82 8.41 -19.57 47.98
N VAL G 83 9.51 -18.84 47.95
CA VAL G 83 9.44 -17.39 47.90
C VAL G 83 9.87 -16.95 46.51
N ASN G 84 8.95 -16.34 45.77
CA ASN G 84 9.27 -15.82 44.45
C ASN G 84 9.42 -14.33 44.49
N PHE G 85 10.57 -13.85 44.04
CA PHE G 85 10.82 -12.43 44.01
C PHE G 85 9.99 -11.89 42.87
N ASP G 86 9.94 -12.65 41.79
CA ASP G 86 9.00 -12.34 40.73
C ASP G 86 8.64 -13.59 39.95
N HIS G 87 8.24 -13.43 38.69
CA HIS G 87 7.79 -14.57 37.92
C HIS G 87 8.97 -15.33 37.32
N VAL G 88 10.17 -15.10 37.82
CA VAL G 88 11.35 -15.75 37.27
C VAL G 88 12.28 -16.25 38.35
N ILE G 89 12.55 -15.37 39.32
CA ILE G 89 13.56 -15.62 40.34
C ILE G 89 12.95 -15.94 41.70
N GLY G 90 13.43 -16.99 42.34
CA GLY G 90 12.98 -17.27 43.69
C GLY G 90 13.82 -18.28 44.46
N THR G 91 13.43 -18.56 45.70
CA THR G 91 14.09 -19.56 46.54
C THR G 91 13.09 -20.61 47.03
N ARG G 92 13.63 -21.77 47.38
CA ARG G 92 12.82 -22.81 47.96
C ARG G 92 13.54 -23.30 49.17
N ASN G 93 12.91 -23.15 50.34
CA ASN G 93 13.52 -23.58 51.59
C ASN G 93 13.38 -25.05 51.83
N TYR G 94 14.47 -25.65 52.29
CA TYR G 94 14.45 -27.03 52.71
C TYR G 94 14.75 -27.15 54.19
N TYR G 95 14.97 -26.01 54.84
CA TYR G 95 15.20 -25.98 56.29
C TYR G 95 16.56 -26.55 56.65
N GLY G 96 17.61 -25.89 56.14
CA GLY G 96 18.98 -26.36 56.27
C GLY G 96 19.71 -26.24 54.93
N LYS G 97 19.01 -26.57 53.85
CA LYS G 97 19.49 -26.25 52.53
C LYS G 97 18.40 -25.47 51.79
N VAL G 98 18.79 -24.71 50.77
CA VAL G 98 17.89 -23.79 50.10
C VAL G 98 18.19 -23.82 48.62
N ASP G 99 17.19 -23.79 47.76
CA ASP G 99 17.45 -23.68 46.33
C ASP G 99 17.28 -22.24 45.86
N LEU G 100 18.23 -21.77 45.06
CA LEU G 100 18.06 -20.52 44.34
C LEU G 100 17.78 -20.85 42.88
N TYR G 101 16.72 -20.28 42.31
CA TYR G 101 16.38 -20.64 40.93
C TYR G 101 16.04 -19.46 40.00
N ALA G 102 16.37 -19.66 38.73
CA ALA G 102 16.01 -18.75 37.66
C ALA G 102 15.11 -19.45 36.66
N GLY G 103 13.85 -19.07 36.58
CA GLY G 103 12.97 -19.67 35.61
C GLY G 103 12.44 -21.06 35.90
N THR G 104 13.12 -21.81 36.76
CA THR G 104 12.71 -23.21 37.03
C THR G 104 11.22 -23.36 37.32
N PHE G 105 10.56 -22.31 37.80
CA PHE G 105 9.12 -22.42 38.08
C PHE G 105 8.28 -21.42 37.31
N ASN G 106 8.77 -21.08 36.14
CA ASN G 106 7.98 -20.35 35.17
C ASN G 106 7.82 -21.30 34.00
N GLY G 107 6.58 -21.74 33.77
CA GLY G 107 6.32 -22.75 32.74
C GLY G 107 6.99 -22.41 31.42
N THR G 108 6.77 -21.17 30.98
CA THR G 108 7.33 -20.68 29.73
C THR G 108 8.86 -20.78 29.67
N LEU G 109 9.54 -20.45 30.77
CA LEU G 109 11.00 -20.46 30.77
C LEU G 109 11.57 -21.85 30.89
N LYS G 110 10.86 -22.70 31.62
CA LYS G 110 11.32 -24.06 31.91
C LYS G 110 11.11 -24.93 30.68
N ALA G 111 10.07 -24.60 29.92
CA ALA G 111 9.78 -25.34 28.70
C ALA G 111 10.78 -24.94 27.59
N ALA G 112 11.30 -23.71 27.64
CA ALA G 112 12.33 -23.31 26.70
C ALA G 112 13.70 -23.78 27.17
N GLY G 113 13.70 -24.50 28.29
CA GLY G 113 14.89 -25.14 28.82
C GLY G 113 16.00 -24.18 29.17
N VAL G 114 15.60 -23.01 29.68
CA VAL G 114 16.54 -21.93 29.93
C VAL G 114 16.64 -21.68 31.43
N ASN G 115 15.76 -22.32 32.16
CA ASN G 115 15.78 -22.24 33.62
C ASN G 115 17.05 -22.86 34.16
N TYR G 116 17.43 -22.46 35.37
CA TYR G 116 18.52 -23.13 36.06
C TYR G 116 18.27 -23.12 37.58
N THR G 117 18.76 -24.15 38.26
CA THR G 117 18.66 -24.22 39.71
C THR G 117 19.90 -24.78 40.35
N GLU G 118 20.32 -24.16 41.43
CA GLU G 118 21.43 -24.65 42.24
C GLU G 118 21.09 -24.61 43.74
N ASN G 119 21.55 -25.62 44.48
CA ASN G 119 21.24 -25.76 45.91
C ASN G 119 22.36 -25.28 46.84
N PHE G 120 22.01 -24.64 47.94
CA PHE G 120 23.04 -24.12 48.89
C PHE G 120 22.83 -24.51 50.36
N GLU G 121 23.91 -24.54 51.14
CA GLU G 121 23.78 -24.73 52.59
C GLU G 121 23.26 -23.43 53.13
N THR G 122 22.22 -23.50 53.96
CA THR G 122 21.56 -22.29 54.45
C THR G 122 22.52 -21.17 54.84
N PRO G 123 23.57 -21.50 55.62
CA PRO G 123 24.45 -20.42 56.09
C PRO G 123 25.11 -19.63 54.95
N LEU G 124 25.48 -20.35 53.91
CA LEU G 124 26.21 -19.75 52.82
C LEU G 124 25.33 -18.74 52.11
N ILE G 125 24.15 -19.19 51.71
CA ILE G 125 23.24 -18.34 50.96
C ILE G 125 22.79 -17.19 51.81
N MET G 126 22.51 -17.48 53.07
CA MET G 126 22.03 -16.45 53.98
C MET G 126 23.06 -15.36 54.26
N ALA G 127 24.35 -15.69 54.16
CA ALA G 127 25.39 -14.70 54.44
C ALA G 127 25.40 -13.73 53.29
N THR G 128 25.42 -14.29 52.08
CA THR G 128 25.37 -13.50 50.88
C THR G 128 24.20 -12.53 50.95
N PHE G 129 22.97 -13.04 51.07
CA PHE G 129 21.78 -12.17 51.10
C PHE G 129 21.88 -11.02 52.11
N LYS G 130 22.47 -11.27 53.27
CA LYS G 130 22.66 -10.18 54.21
C LYS G 130 23.63 -9.18 53.62
N ALA G 131 24.79 -9.66 53.20
CA ALA G 131 25.80 -8.83 52.53
C ALA G 131 25.13 -7.97 51.49
N ILE G 132 24.37 -8.62 50.61
CA ILE G 132 23.68 -7.92 49.54
C ILE G 132 22.70 -6.92 50.11
N LEU G 133 21.80 -7.37 50.98
CA LEU G 133 20.85 -6.45 51.60
C LEU G 133 21.59 -5.23 52.08
N ARG G 134 22.65 -5.46 52.85
CA ARG G 134 23.46 -4.39 53.44
C ARG G 134 23.97 -3.41 52.38
N ASP G 135 24.46 -3.97 51.28
CA ASP G 135 25.17 -3.18 50.27
C ASP G 135 24.29 -2.37 49.35
N TRP G 136 23.11 -2.89 48.99
CA TRP G 136 22.29 -2.27 47.93
C TRP G 136 21.22 -1.34 48.49
N THR G 137 21.08 -1.35 49.81
CA THR G 137 20.11 -0.49 50.49
C THR G 137 20.76 0.81 50.93
N ASN G 138 20.29 1.92 50.38
CA ASN G 138 20.80 3.22 50.77
C ASN G 138 20.03 3.78 51.95
N ALA G 139 20.72 4.59 52.75
CA ALA G 139 20.14 5.30 53.88
C ALA G 139 18.73 5.86 53.63
N THR G 140 18.41 6.08 52.36
CA THR G 140 17.16 6.72 51.99
C THR G 140 15.96 5.71 51.96
N PHE G 141 16.24 4.41 52.13
CA PHE G 141 15.28 3.33 51.80
C PHE G 141 15.11 2.19 52.82
N ASP G 142 13.87 2.03 53.32
CA ASP G 142 13.48 0.98 54.23
C ASP G 142 12.71 -0.13 53.50
N PRO G 143 13.38 -1.26 53.21
CA PRO G 143 12.78 -2.36 52.44
C PRO G 143 11.62 -2.98 53.18
N PHE G 144 11.55 -2.72 54.47
CA PHE G 144 10.57 -3.39 55.32
C PHE G 144 9.31 -2.54 55.45
N ALA G 145 9.31 -1.36 54.84
CA ALA G 145 8.20 -0.44 55.05
C ALA G 145 7.30 -0.29 53.82
N ALA G 146 6.09 0.19 54.08
CA ALA G 146 5.17 0.60 53.02
C ALA G 146 5.79 1.69 52.13
N PRO G 147 5.46 1.68 50.83
CA PRO G 147 6.04 2.68 49.94
C PRO G 147 5.82 4.11 50.42
N GLU G 148 4.76 4.35 51.19
CA GLU G 148 4.52 5.69 51.70
C GLU G 148 5.30 6.09 52.96
N GLU G 149 5.86 5.13 53.68
CA GLU G 149 6.64 5.45 54.87
C GLU G 149 8.15 5.56 54.54
N THR G 150 8.49 5.60 53.26
CA THR G 150 9.90 5.52 52.92
C THR G 150 10.31 6.22 51.61
N GLY G 151 11.61 6.16 51.32
CA GLY G 151 12.17 6.83 50.16
C GLY G 151 12.54 5.87 49.04
N SER G 152 13.52 6.26 48.24
CA SER G 152 13.74 5.54 47.00
C SER G 152 14.86 4.54 47.08
N ALA G 153 14.69 3.41 46.41
CA ALA G 153 15.75 2.41 46.31
C ALA G 153 16.63 2.68 45.10
N PHE G 154 16.45 3.85 44.49
CA PHE G 154 17.13 4.10 43.23
C PHE G 154 18.29 5.03 43.43
N GLY G 155 19.09 5.20 42.38
CA GLY G 155 20.23 6.08 42.43
C GLY G 155 21.48 5.25 42.58
N ARG G 156 22.64 5.91 42.68
CA ARG G 156 23.88 5.24 43.01
C ARG G 156 23.92 5.03 44.53
N LYS G 157 24.92 4.28 45.00
CA LYS G 157 25.07 4.00 46.41
C LYS G 157 25.15 5.28 47.24
N ASN G 158 24.46 5.30 48.37
CA ASN G 158 24.39 6.46 49.24
C ASN G 158 24.30 5.97 50.69
N GLY G 159 25.41 5.51 51.24
CA GLY G 159 25.46 5.08 52.62
C GLY G 159 24.78 3.75 52.89
N GLU G 160 24.37 3.56 54.14
CA GLU G 160 23.72 2.32 54.57
C GLU G 160 22.41 2.59 55.30
N ASN G 161 21.64 1.55 55.56
CA ASN G 161 20.50 1.66 56.45
C ASN G 161 20.51 0.49 57.41
N LEU G 162 21.56 0.38 58.21
CA LEU G 162 21.74 -0.75 59.11
C LEU G 162 20.57 -0.91 60.08
N GLU G 163 19.97 0.20 60.44
CA GLU G 163 18.86 0.18 61.38
C GLU G 163 17.62 -0.54 60.86
N CYS G 164 17.35 -0.46 59.56
CA CYS G 164 16.13 -1.06 59.03
C CYS G 164 16.31 -2.47 58.48
N ILE G 165 17.51 -2.80 58.02
CA ILE G 165 17.72 -4.13 57.50
C ILE G 165 18.18 -5.08 58.58
N GLU G 166 18.49 -4.54 59.75
CA GLU G 166 19.07 -5.36 60.81
C GLU G 166 18.36 -5.23 62.17
N ARG G 167 17.04 -5.04 62.17
CA ARG G 167 16.31 -5.06 63.43
C ARG G 167 16.44 -6.45 64.05
N PHE G 168 16.97 -6.52 65.27
CA PHE G 168 17.07 -7.80 65.97
C PHE G 168 15.86 -7.98 66.90
N ARG G 169 15.21 -9.14 66.78
CA ARG G 169 14.06 -9.46 67.62
C ARG G 169 14.27 -10.81 68.26
N ILE G 170 14.02 -10.91 69.55
CA ILE G 170 14.07 -12.18 70.26
C ILE G 170 12.93 -13.07 69.77
N ALA G 171 13.26 -14.26 69.28
CA ALA G 171 12.23 -15.22 68.86
C ALA G 171 11.31 -15.51 70.05
N THR G 172 10.01 -15.62 69.79
CA THR G 172 9.06 -15.92 70.86
C THR G 172 9.16 -17.40 71.22
N LYS G 173 9.30 -17.68 72.51
CA LYS G 173 9.36 -19.05 72.99
C LYS G 173 7.97 -19.55 73.33
N ARG G 174 7.23 -18.73 74.08
CA ARG G 174 5.87 -19.06 74.49
C ARG G 174 4.87 -18.00 74.05
N MET G 175 4.91 -16.84 74.71
CA MET G 175 4.05 -15.72 74.35
C MET G 175 4.80 -14.45 74.66
N PRO G 176 4.66 -13.43 73.83
CA PRO G 176 5.29 -12.16 74.19
C PRO G 176 4.87 -11.76 75.59
N GLY G 177 5.70 -11.01 76.29
CA GLY G 177 5.37 -10.56 77.62
C GLY G 177 6.11 -11.33 78.69
N LEU G 178 6.19 -12.65 78.49
CA LEU G 178 6.85 -13.53 79.46
C LEU G 178 8.31 -13.10 79.63
N GLN G 179 8.93 -13.49 80.74
CA GLN G 179 10.24 -12.91 81.05
C GLN G 179 11.39 -13.37 80.14
N ASP G 180 11.68 -14.66 80.15
CA ASP G 180 12.61 -15.23 79.20
C ASP G 180 12.29 -14.86 77.73
N ASP G 181 11.11 -14.32 77.48
CA ASP G 181 10.54 -14.25 76.11
C ASP G 181 10.66 -12.89 75.42
N SER G 182 10.15 -12.83 74.19
CA SER G 182 10.19 -11.60 73.41
C SER G 182 9.36 -10.49 74.05
N PRO G 183 9.77 -9.24 73.83
CA PRO G 183 9.19 -8.08 74.50
C PRO G 183 7.89 -7.59 73.88
N LEU G 184 7.16 -6.78 74.66
CA LEU G 184 6.01 -6.05 74.18
C LEU G 184 6.50 -4.73 73.62
N ARG G 185 5.61 -3.98 72.97
CA ARG G 185 6.06 -2.85 72.18
C ARG G 185 5.66 -1.49 72.77
N ASN G 186 5.85 -1.34 74.08
CA ASN G 186 5.48 -0.09 74.72
C ASN G 186 6.45 1.07 74.37
N ASP G 187 7.68 0.73 73.99
CA ASP G 187 8.65 1.72 73.52
C ASP G 187 8.32 2.31 72.12
N LEU G 188 7.85 1.47 71.20
CA LEU G 188 7.54 1.89 69.82
C LEU G 188 6.27 2.76 69.71
N PRO G 189 6.24 3.62 68.69
CA PRO G 189 5.15 4.54 68.38
C PRO G 189 4.00 3.85 67.66
N VAL G 190 2.78 4.34 67.85
CA VAL G 190 1.65 3.73 67.16
C VAL G 190 1.65 4.16 65.71
N ASN G 191 1.56 3.20 64.80
CA ASN G 191 1.63 3.53 63.39
C ASN G 191 0.52 4.43 62.89
N ARG G 192 0.91 5.42 62.09
CA ARG G 192 0.00 6.42 61.55
C ARG G 192 -1.37 5.88 61.06
N GLN G 193 -1.39 4.68 60.51
CA GLN G 193 -2.61 4.17 59.90
C GLN G 193 -3.39 3.30 60.88
N PHE G 194 -3.00 3.37 62.15
CA PHE G 194 -3.70 2.67 63.21
C PHE G 194 -3.95 3.64 64.36
N ALA G 195 -3.88 4.94 64.07
CA ALA G 195 -4.02 5.96 65.10
C ALA G 195 -5.23 5.71 66.00
N ASP G 196 -6.28 5.14 65.43
CA ASP G 196 -7.55 4.98 66.11
C ASP G 196 -7.67 3.64 66.86
N VAL G 197 -6.63 2.81 66.79
CA VAL G 197 -6.65 1.55 67.52
C VAL G 197 -6.53 1.81 69.03
N SER G 198 -7.28 1.07 69.85
CA SER G 198 -7.26 1.30 71.29
C SER G 198 -6.08 0.67 72.01
N GLN G 199 -5.48 1.46 72.90
CA GLN G 199 -4.20 1.09 73.49
C GLN G 199 -4.31 0.46 74.88
N ASP G 200 -5.54 0.16 75.30
CA ASP G 200 -5.80 -0.44 76.61
C ASP G 200 -5.30 -1.88 76.67
N GLU G 201 -4.57 -2.20 77.72
CA GLU G 201 -4.16 -3.58 77.96
C GLU G 201 -5.20 -4.25 78.84
N PRO G 202 -5.15 -5.59 78.91
CA PRO G 202 -6.03 -6.33 79.81
C PRO G 202 -5.57 -6.19 81.26
N GLU G 203 -6.52 -6.07 82.19
CA GLU G 203 -6.19 -6.10 83.62
C GLU G 203 -5.99 -7.56 84.04
N VAL G 204 -4.85 -7.88 84.64
CA VAL G 204 -4.65 -9.24 85.14
C VAL G 204 -4.41 -9.26 86.66
N HIS G 205 -5.42 -9.76 87.39
CA HIS G 205 -5.42 -9.72 88.85
C HIS G 205 -5.04 -11.05 89.48
N ALA G 206 -3.74 -11.25 89.70
CA ALA G 206 -3.25 -12.49 90.27
C ALA G 206 -3.52 -12.56 91.77
N ALA G 207 -4.03 -13.70 92.21
CA ALA G 207 -4.26 -13.96 93.63
C ALA G 207 -2.91 -14.09 94.35
N GLU G 208 -2.80 -13.43 95.51
CA GLU G 208 -1.51 -13.30 96.19
C GLU G 208 -0.76 -14.64 96.25
N GLY G 209 0.58 -14.55 96.18
CA GLY G 209 1.43 -15.72 96.01
C GLY G 209 1.54 -16.18 94.55
N PHE G 210 0.71 -15.60 93.69
CA PHE G 210 0.70 -16.00 92.28
C PHE G 210 1.12 -14.90 91.29
N GLU G 211 1.51 -13.73 91.79
CA GLU G 211 1.88 -12.63 90.92
C GLU G 211 2.93 -13.09 89.90
N GLY G 212 2.70 -12.75 88.63
CA GLY G 212 3.60 -13.12 87.54
C GLY G 212 3.40 -14.52 86.99
N GLU G 213 2.19 -15.05 87.12
CA GLU G 213 1.89 -16.44 86.78
C GLU G 213 0.83 -16.58 85.68
N LEU G 214 0.00 -15.54 85.56
CA LEU G 214 -0.98 -15.43 84.49
C LEU G 214 -0.52 -14.32 83.56
N HIS G 215 -0.74 -14.49 82.26
CA HIS G 215 -0.27 -13.49 81.30
C HIS G 215 -1.30 -13.09 80.25
N ALA G 216 -1.39 -11.80 79.98
CA ALA G 216 -2.26 -11.30 78.94
C ALA G 216 -1.83 -9.92 78.49
N PHE G 217 -2.00 -9.65 77.20
CA PHE G 217 -1.70 -8.33 76.65
C PHE G 217 -2.66 -8.07 75.51
N SER G 218 -2.72 -6.82 75.08
CA SER G 218 -3.51 -6.44 73.92
C SER G 218 -2.78 -6.76 72.62
N LEU G 219 -3.23 -7.80 71.92
CA LEU G 219 -2.68 -8.14 70.62
C LEU G 219 -2.86 -7.02 69.62
N PHE G 220 -4.01 -6.37 69.61
CA PHE G 220 -4.23 -5.25 68.72
C PHE G 220 -3.25 -4.13 68.98
N LYS G 221 -3.06 -3.77 70.24
CA LYS G 221 -2.11 -2.74 70.61
C LYS G 221 -0.74 -3.09 70.04
N TYR G 222 -0.35 -4.36 70.26
CA TYR G 222 0.90 -4.90 69.75
C TYR G 222 1.06 -4.70 68.23
N LEU G 223 0.15 -5.28 67.44
CA LEU G 223 0.17 -5.10 65.99
C LEU G 223 0.14 -3.65 65.58
N SER G 224 -0.64 -2.84 66.28
CA SER G 224 -0.74 -1.43 65.95
C SER G 224 0.62 -0.73 66.05
N ARG G 225 1.60 -1.42 66.63
CA ARG G 225 2.91 -0.82 66.80
C ARG G 225 3.99 -1.47 65.94
N SER G 226 3.58 -2.23 64.95
CA SER G 226 4.53 -2.83 64.04
C SER G 226 5.13 -1.74 63.17
N ASP G 227 6.45 -1.71 63.12
CA ASP G 227 7.19 -0.84 62.22
C ASP G 227 7.54 -1.54 60.91
N VAL G 228 7.07 -2.79 60.76
CA VAL G 228 7.32 -3.54 59.54
C VAL G 228 6.02 -4.04 58.88
N THR G 229 6.15 -4.47 57.63
CA THR G 229 5.02 -4.76 56.77
C THR G 229 5.20 -6.12 56.09
N TRP G 230 4.09 -6.86 55.96
CA TRP G 230 4.13 -8.24 55.48
C TRP G 230 5.23 -9.05 56.17
N ASN G 231 5.08 -9.24 57.47
CA ASN G 231 6.09 -9.94 58.26
C ASN G 231 5.47 -10.74 59.39
N PRO G 232 5.15 -12.01 59.11
CA PRO G 232 4.49 -12.87 60.09
C PRO G 232 5.45 -13.12 61.21
N SER G 233 5.10 -12.63 62.40
CA SER G 233 5.93 -12.74 63.58
C SER G 233 5.13 -13.49 64.64
N VAL G 234 5.75 -14.45 65.31
CA VAL G 234 5.06 -15.28 66.29
C VAL G 234 4.59 -14.54 67.54
N THR G 235 3.36 -14.79 67.94
CA THR G 235 2.81 -14.25 69.18
C THR G 235 2.19 -15.33 70.03
N SER G 236 2.09 -16.54 69.50
CA SER G 236 1.75 -17.64 70.39
C SER G 236 2.18 -19.02 69.90
N VAL G 237 2.76 -19.78 70.81
CA VAL G 237 3.26 -21.09 70.50
C VAL G 237 2.52 -22.17 71.25
N CYS G 238 1.91 -23.09 70.51
CA CYS G 238 1.21 -24.21 71.10
C CYS G 238 1.74 -25.48 70.46
N LYS G 239 2.76 -26.05 71.08
CA LYS G 239 3.58 -27.05 70.41
C LYS G 239 4.10 -26.52 69.06
N ALA G 240 3.61 -27.06 67.94
CA ALA G 240 4.03 -26.63 66.59
C ALA G 240 3.09 -25.64 65.93
N SER G 241 1.92 -25.44 66.53
CA SER G 241 0.98 -24.42 66.09
C SER G 241 1.53 -23.02 66.40
N LEU G 242 1.86 -22.28 65.36
CA LEU G 242 2.34 -20.92 65.51
C LEU G 242 1.31 -19.91 65.06
N PHE G 243 0.88 -19.03 65.95
CA PHE G 243 0.14 -17.87 65.51
C PHE G 243 1.15 -16.79 65.16
N CYS G 244 1.09 -16.29 63.92
CA CYS G 244 2.03 -15.26 63.48
C CYS G 244 1.34 -14.10 62.83
N PRO G 245 0.76 -13.19 63.63
CA PRO G 245 0.07 -12.00 63.14
C PRO G 245 1.06 -11.14 62.43
N THR G 246 0.58 -10.26 61.58
CA THR G 246 1.45 -9.32 60.89
C THR G 246 0.59 -8.15 60.43
N THR G 247 1.20 -7.01 60.15
CA THR G 247 0.45 -5.89 59.59
C THR G 247 0.79 -5.63 58.13
N GLU G 248 -0.20 -5.74 57.26
CA GLU G 248 0.04 -5.70 55.82
C GLU G 248 -0.37 -4.38 55.18
N GLU G 249 0.48 -3.90 54.28
CA GLU G 249 0.19 -2.66 53.57
C GLU G 249 0.83 -2.59 52.18
N PHE G 250 0.00 -2.32 51.17
CA PHE G 250 0.38 -2.31 49.74
C PHE G 250 0.33 -3.70 49.16
N ILE G 251 1.46 -4.20 48.66
CA ILE G 251 1.49 -5.57 48.13
C ILE G 251 2.50 -6.47 48.81
N LEU G 252 2.07 -7.68 49.16
CA LEU G 252 3.01 -8.68 49.61
C LEU G 252 4.13 -8.72 48.60
N PRO G 253 5.36 -8.40 49.02
CA PRO G 253 6.52 -8.27 48.14
C PRO G 253 7.01 -9.58 47.51
N VAL G 254 6.39 -10.69 47.86
CA VAL G 254 6.75 -11.95 47.22
C VAL G 254 5.53 -12.71 46.75
N PHE G 255 5.77 -13.85 46.13
CA PHE G 255 4.70 -14.74 45.76
C PHE G 255 4.99 -16.02 46.51
N HIS G 256 4.03 -16.44 47.34
CA HIS G 256 4.30 -17.52 48.26
C HIS G 256 3.62 -18.85 47.90
N GLY G 257 4.47 -19.86 47.68
CA GLY G 257 3.99 -21.20 47.41
C GLY G 257 4.32 -22.03 48.63
N ASN G 258 3.37 -22.83 49.10
CA ASN G 258 3.55 -23.42 50.42
C ASN G 258 4.10 -24.83 50.37
N ASP G 259 4.84 -25.18 51.41
CA ASP G 259 5.30 -26.53 51.64
C ASP G 259 4.11 -27.33 52.07
N ARG G 260 3.07 -26.63 52.52
CA ARG G 260 2.03 -27.22 53.34
C ARG G 260 0.82 -26.30 53.37
N VAL G 261 -0.02 -26.44 54.38
CA VAL G 261 -1.25 -25.65 54.46
C VAL G 261 -1.12 -24.45 55.40
N GLU G 262 -1.42 -23.27 54.92
CA GLU G 262 -1.47 -22.07 55.76
C GLU G 262 -2.95 -21.82 56.02
N TRP G 263 -3.28 -21.11 57.09
CA TRP G 263 -4.61 -20.53 57.20
C TRP G 263 -4.50 -19.03 57.48
N PHE G 264 -5.40 -18.23 56.92
CA PHE G 264 -5.42 -16.82 57.22
C PHE G 264 -6.69 -16.49 57.97
N ILE G 265 -6.56 -15.53 58.89
CA ILE G 265 -7.68 -14.98 59.63
C ILE G 265 -7.52 -13.48 59.65
N GLN G 266 -8.38 -12.82 58.88
CA GLN G 266 -8.31 -11.38 58.76
C GLN G 266 -8.90 -10.80 60.02
N MET G 267 -8.15 -9.93 60.66
CA MET G 267 -8.62 -9.31 61.91
C MET G 267 -9.09 -7.86 61.79
N SER G 268 -8.74 -7.19 60.68
CA SER G 268 -9.27 -5.87 60.42
C SER G 268 -9.25 -5.51 58.92
N ASP G 269 -10.00 -4.46 58.59
CA ASP G 269 -10.08 -3.95 57.23
C ASP G 269 -10.20 -5.05 56.20
N GLU G 270 -9.44 -4.98 55.13
CA GLU G 270 -9.51 -6.08 54.16
C GLU G 270 -8.23 -6.31 53.36
N ILE G 271 -8.10 -7.54 52.86
CA ILE G 271 -7.02 -7.93 51.98
C ILE G 271 -7.62 -8.64 50.75
N VAL G 272 -6.97 -8.49 49.60
CA VAL G 272 -7.33 -9.25 48.41
C VAL G 272 -6.18 -10.14 48.00
N TRP G 273 -6.47 -11.42 47.80
CA TRP G 273 -5.44 -12.42 47.53
C TRP G 273 -5.47 -12.96 46.09
N ASP G 274 -4.35 -12.88 45.37
CA ASP G 274 -4.26 -13.51 44.06
C ASP G 274 -3.71 -14.92 44.18
N VAL G 275 -4.55 -15.91 43.93
CA VAL G 275 -4.14 -17.29 44.04
C VAL G 275 -3.86 -17.97 42.68
N GLY G 276 -2.66 -18.50 42.49
CA GLY G 276 -2.33 -19.15 41.25
C GLY G 276 -1.90 -20.57 41.52
N ASP G 277 -1.83 -21.41 40.50
CA ASP G 277 -1.24 -22.75 40.60
C ASP G 277 0.20 -22.56 41.06
N LYS G 278 0.80 -23.59 41.65
CA LYS G 278 2.19 -23.46 42.07
C LYS G 278 3.11 -23.81 40.92
N ASP G 279 2.76 -24.86 40.17
CA ASP G 279 3.54 -25.24 38.99
C ASP G 279 3.35 -24.27 37.80
N ASP G 280 2.13 -24.21 37.26
CA ASP G 280 1.79 -23.30 36.14
C ASP G 280 2.17 -21.84 36.43
N GLY G 281 1.46 -21.24 37.37
CA GLY G 281 1.57 -19.83 37.69
C GLY G 281 0.19 -19.23 37.47
N ASN G 282 -0.62 -19.99 36.73
CA ASN G 282 -1.94 -19.57 36.28
C ASN G 282 -2.88 -19.23 37.41
N PRO G 283 -3.74 -18.22 37.21
CA PRO G 283 -4.68 -17.89 38.29
C PRO G 283 -5.63 -19.05 38.54
N ARG G 284 -5.95 -19.30 39.80
CA ARG G 284 -6.94 -20.32 40.17
C ARG G 284 -8.11 -19.68 40.87
N ALA G 285 -7.87 -18.51 41.45
CA ALA G 285 -8.93 -17.82 42.18
C ALA G 285 -8.50 -16.45 42.71
N ARG G 286 -9.46 -15.72 43.25
CA ARG G 286 -9.18 -14.45 43.88
C ARG G 286 -10.02 -14.40 45.13
N ILE G 287 -9.38 -14.12 46.26
CA ILE G 287 -10.09 -14.11 47.52
C ILE G 287 -10.00 -12.75 48.17
N THR G 288 -11.14 -12.28 48.66
CA THR G 288 -11.20 -11.02 49.35
C THR G 288 -11.61 -11.35 50.77
N MET G 289 -10.74 -11.06 51.73
CA MET G 289 -11.06 -11.35 53.12
C MET G 289 -11.32 -10.07 53.84
N ARG G 290 -12.47 -10.00 54.48
CA ARG G 290 -12.81 -8.88 55.35
C ARG G 290 -12.62 -9.30 56.80
N ALA G 291 -12.75 -8.36 57.71
CA ALA G 291 -12.57 -8.63 59.13
C ALA G 291 -13.45 -9.78 59.57
N GLY G 292 -12.84 -10.85 60.07
CA GLY G 292 -13.57 -11.98 60.61
C GLY G 292 -13.44 -13.24 59.79
N ASP G 293 -12.96 -13.09 58.56
CA ASP G 293 -12.95 -14.17 57.58
C ASP G 293 -11.81 -15.12 57.85
N VAL G 294 -12.09 -16.40 57.63
CA VAL G 294 -11.13 -17.46 57.82
C VAL G 294 -10.95 -18.13 56.49
N CYS G 295 -9.71 -18.47 56.17
CA CYS G 295 -9.48 -19.01 54.84
C CYS G 295 -8.23 -19.86 54.79
N ALA G 296 -8.38 -21.09 54.32
CA ALA G 296 -7.27 -21.99 54.20
C ALA G 296 -6.63 -21.79 52.85
N MET G 297 -5.31 -21.78 52.79
CA MET G 297 -4.61 -21.71 51.51
C MET G 297 -4.01 -23.07 51.26
N PRO G 298 -4.57 -23.84 50.31
CA PRO G 298 -4.10 -25.19 50.00
C PRO G 298 -2.59 -25.23 49.75
N ALA G 299 -2.02 -26.44 49.72
CA ALA G 299 -0.58 -26.60 49.61
C ALA G 299 -0.09 -26.67 48.16
N ASP G 300 -0.99 -26.45 47.19
CA ASP G 300 -0.61 -26.53 45.79
C ASP G 300 -0.85 -25.22 45.08
N ILE G 301 -0.90 -24.14 45.83
CA ILE G 301 -1.07 -22.83 45.22
C ILE G 301 -0.05 -21.81 45.74
N ARG G 302 0.08 -20.69 45.03
CA ARG G 302 0.90 -19.59 45.49
C ARG G 302 0.07 -18.31 45.57
N HIS G 303 0.36 -17.46 46.53
CA HIS G 303 -0.48 -16.29 46.75
C HIS G 303 0.29 -14.98 46.83
N GLN G 304 -0.38 -13.88 46.54
CA GLN G 304 0.21 -12.57 46.74
C GLN G 304 -0.89 -11.69 47.24
N GLY G 305 -0.59 -10.84 48.22
CA GLY G 305 -1.64 -10.10 48.92
C GLY G 305 -1.68 -8.63 48.56
N TYR G 306 -2.89 -8.09 48.48
CA TYR G 306 -3.05 -6.69 48.17
C TYR G 306 -3.87 -6.09 49.28
N SER G 307 -3.33 -5.09 49.95
CA SER G 307 -4.05 -4.46 51.05
C SER G 307 -3.86 -2.98 50.98
N THR G 308 -4.94 -2.27 50.73
CA THR G 308 -4.83 -0.84 50.53
C THR G 308 -4.50 -0.15 51.83
N LYS G 309 -5.32 -0.39 52.84
CA LYS G 309 -5.00 0.09 54.18
C LYS G 309 -4.29 -0.95 55.03
N ARG G 310 -3.22 -0.52 55.68
CA ARG G 310 -2.54 -1.32 56.69
C ARG G 310 -3.59 -2.10 57.45
N SER G 311 -3.46 -3.42 57.46
CA SER G 311 -4.48 -4.24 58.07
C SER G 311 -3.83 -5.22 59.02
N MET G 312 -4.61 -5.81 59.91
CA MET G 312 -4.09 -6.81 60.83
C MET G 312 -4.49 -8.19 60.35
N LEU G 313 -3.52 -8.90 59.81
CA LEU G 313 -3.76 -10.26 59.38
C LEU G 313 -3.16 -11.19 60.41
N MET G 314 -3.81 -12.32 60.65
CA MET G 314 -3.21 -13.32 61.51
C MET G 314 -2.87 -14.53 60.68
N VAL G 315 -1.61 -14.97 60.72
CA VAL G 315 -1.20 -16.10 59.90
C VAL G 315 -0.87 -17.29 60.78
N TRP G 316 -1.55 -18.41 60.53
CA TRP G 316 -1.44 -19.56 61.40
C TRP G 316 -0.68 -20.67 60.71
N GLU G 317 0.45 -21.09 61.28
CA GLU G 317 1.28 -22.10 60.64
C GLU G 317 1.53 -23.36 61.45
N ASN G 318 1.76 -24.45 60.72
CA ASN G 318 2.11 -25.72 61.31
C ASN G 318 3.58 -26.01 61.03
N ALA G 319 4.43 -25.77 62.03
CA ALA G 319 5.87 -25.88 61.83
C ALA G 319 6.43 -27.30 61.94
N THR G 320 5.58 -28.31 61.85
CA THR G 320 5.98 -29.70 62.01
C THR G 320 6.96 -30.13 60.91
N PRO G 321 8.06 -30.75 61.30
CA PRO G 321 9.20 -31.09 60.44
C PRO G 321 9.04 -32.01 59.21
N ASN G 322 8.38 -33.16 59.29
CA ASN G 322 8.40 -34.05 58.11
C ASN G 322 7.34 -33.70 57.04
N LEU G 323 6.70 -32.54 57.18
CA LEU G 323 5.42 -32.26 56.52
C LEU G 323 5.45 -32.30 54.99
N PRO G 324 6.29 -31.46 54.36
CA PRO G 324 6.32 -31.36 52.91
C PRO G 324 6.40 -32.72 52.25
N HIS G 325 7.09 -33.66 52.87
CA HIS G 325 7.18 -34.98 52.26
C HIS G 325 5.78 -35.54 52.12
N LEU G 326 4.99 -35.40 53.17
CA LEU G 326 3.68 -35.99 53.22
C LEU G 326 2.79 -35.58 52.06
N TYR G 327 2.91 -34.32 51.64
CA TYR G 327 2.12 -33.81 50.53
C TYR G 327 2.72 -34.19 49.19
N GLU G 328 4.02 -33.97 49.02
CA GLU G 328 4.68 -34.34 47.78
C GLU G 328 4.58 -35.84 47.56
N SER G 329 4.37 -36.57 48.65
CA SER G 329 4.31 -38.02 48.63
C SER G 329 2.98 -38.51 48.06
N GLY G 330 1.96 -37.65 48.16
CA GLY G 330 0.61 -38.00 47.80
C GLY G 330 -0.18 -38.44 49.02
N GLU G 331 0.52 -38.78 50.09
CA GLU G 331 -0.13 -39.28 51.29
C GLU G 331 -1.22 -38.33 51.77
N LEU G 332 -0.95 -37.03 51.71
CA LEU G 332 -1.92 -36.00 52.12
C LEU G 332 -2.50 -35.26 50.92
N LYS G 333 -3.74 -34.79 51.03
CA LYS G 333 -4.35 -34.03 49.94
C LYS G 333 -4.07 -32.54 50.16
N PRO G 334 -3.85 -31.79 49.06
CA PRO G 334 -3.39 -30.39 49.10
C PRO G 334 -4.28 -29.47 49.91
N TYR G 335 -5.59 -29.63 49.82
CA TYR G 335 -6.51 -28.84 50.62
C TYR G 335 -6.81 -29.57 51.91
N PRO G 336 -7.14 -28.83 52.98
CA PRO G 336 -7.27 -29.38 54.33
C PRO G 336 -8.52 -30.22 54.55
N ILE G 337 -9.65 -29.88 53.94
CA ILE G 337 -10.90 -30.49 54.38
C ILE G 337 -11.85 -30.99 53.32
N GLU G 338 -12.31 -32.24 53.50
CA GLU G 338 -13.38 -32.82 52.68
C GLU G 338 -14.74 -32.56 53.32
N PHE G 339 -15.63 -31.94 52.56
CA PHE G 339 -16.98 -31.66 53.04
C PHE G 339 -17.87 -31.25 51.87
N ASP H 16 -1.38 -19.32 -62.71
CA ASP H 16 -2.00 -18.48 -61.68
C ASP H 16 -3.42 -18.96 -61.25
N ASP H 17 -3.48 -20.08 -60.54
CA ASP H 17 -4.76 -20.53 -60.02
C ASP H 17 -4.88 -20.18 -58.53
N VAL H 18 -5.72 -19.18 -58.26
CA VAL H 18 -5.91 -18.65 -56.92
C VAL H 18 -6.29 -19.73 -55.91
N GLN H 19 -5.64 -19.69 -54.75
CA GLN H 19 -5.97 -20.63 -53.69
C GLN H 19 -7.03 -20.05 -52.74
N ALA H 20 -8.30 -20.40 -52.97
CA ALA H 20 -9.43 -19.90 -52.16
C ALA H 20 -10.04 -20.95 -51.23
N SER H 21 -11.09 -20.54 -50.53
CA SER H 21 -11.78 -21.42 -49.60
C SER H 21 -13.27 -21.18 -49.73
N PRO H 22 -14.08 -22.08 -49.15
CA PRO H 22 -15.51 -21.84 -49.21
C PRO H 22 -15.81 -20.63 -48.33
N PRO H 23 -16.83 -19.85 -48.70
CA PRO H 23 -17.20 -18.68 -47.90
C PRO H 23 -17.48 -19.06 -46.47
N HIS H 24 -17.18 -18.16 -45.55
CA HIS H 24 -17.35 -18.44 -44.13
C HIS H 24 -18.83 -18.57 -43.74
N ALA H 25 -19.09 -19.54 -42.89
CA ALA H 25 -20.45 -19.86 -42.50
C ALA H 25 -21.20 -18.67 -41.88
N VAL H 26 -20.45 -17.71 -41.36
CA VAL H 26 -21.05 -16.57 -40.66
C VAL H 26 -20.68 -15.28 -41.40
N THR H 27 -19.38 -15.11 -41.55
CA THR H 27 -18.76 -13.97 -42.18
C THR H 27 -19.22 -13.85 -43.61
N GLY H 28 -19.28 -14.99 -44.30
CA GLY H 28 -19.65 -14.97 -45.70
C GLY H 28 -18.50 -14.72 -46.66
N TYR H 29 -17.39 -14.18 -46.15
CA TYR H 29 -16.22 -13.92 -46.98
C TYR H 29 -15.33 -15.15 -47.03
N ARG H 30 -14.42 -15.20 -47.99
CA ARG H 30 -13.55 -16.36 -48.17
C ARG H 30 -12.13 -16.01 -47.79
N SER H 31 -11.37 -17.00 -47.32
CA SER H 31 -9.95 -16.78 -47.06
C SER H 31 -9.16 -17.08 -48.32
N PHE H 32 -7.85 -16.82 -48.28
CA PHE H 32 -6.96 -17.00 -49.44
C PHE H 32 -5.53 -17.35 -49.04
N GLN H 33 -4.98 -18.38 -49.67
CA GLN H 33 -3.57 -18.64 -49.49
C GLN H 33 -2.81 -17.98 -50.62
N LEU H 34 -1.54 -17.78 -50.36
CA LEU H 34 -0.65 -17.16 -51.31
C LEU H 34 0.75 -17.39 -50.75
N GLY H 35 1.37 -18.49 -51.15
CA GLY H 35 2.65 -18.87 -50.57
C GLY H 35 2.38 -19.35 -49.18
N ALA H 36 2.79 -18.56 -48.20
CA ALA H 36 2.56 -18.90 -46.81
C ALA H 36 1.81 -17.79 -46.10
N PHE H 37 1.27 -16.85 -46.86
CA PHE H 37 0.42 -15.81 -46.31
C PHE H 37 -1.04 -16.23 -46.39
N GLU H 38 -1.71 -16.43 -45.25
CA GLU H 38 -3.16 -16.52 -45.26
C GLU H 38 -3.70 -15.12 -45.14
N LEU H 39 -4.71 -14.80 -45.93
CA LEU H 39 -5.33 -13.50 -45.85
C LEU H 39 -6.81 -13.69 -45.64
N SER H 40 -7.33 -13.15 -44.57
CA SER H 40 -8.74 -13.31 -44.31
C SER H 40 -9.36 -11.98 -43.92
N ARG H 41 -10.66 -12.02 -43.67
CA ARG H 41 -11.35 -10.83 -43.24
C ARG H 41 -12.60 -11.20 -42.48
N ASP H 42 -12.99 -10.32 -41.57
CA ASP H 42 -14.25 -10.46 -40.87
C ASP H 42 -14.96 -9.13 -40.92
N GLU H 43 -15.91 -8.95 -40.04
CA GLU H 43 -16.80 -7.81 -40.17
C GLU H 43 -16.04 -6.46 -40.04
N TYR H 44 -14.84 -6.45 -39.46
CA TYR H 44 -14.11 -5.21 -39.28
C TYR H 44 -12.69 -5.21 -39.83
N PHE H 45 -12.03 -6.35 -39.75
CA PHE H 45 -10.60 -6.37 -39.98
C PHE H 45 -10.17 -7.33 -41.08
N ALA H 46 -9.16 -6.93 -41.82
CA ALA H 46 -8.44 -7.87 -42.65
C ALA H 46 -7.33 -8.38 -41.77
N ARG H 47 -6.86 -9.57 -42.09
CA ARG H 47 -5.86 -10.18 -41.25
C ARG H 47 -4.90 -10.98 -42.09
N ILE H 48 -3.61 -10.71 -41.92
CA ILE H 48 -2.62 -11.44 -42.66
C ILE H 48 -1.87 -12.30 -41.68
N THR H 49 -1.45 -13.44 -42.16
CA THR H 49 -0.81 -14.42 -41.32
C THR H 49 0.41 -14.93 -42.06
N TRP H 50 1.53 -15.00 -41.37
CA TRP H 50 2.80 -15.36 -41.97
C TRP H 50 3.69 -16.09 -40.97
N PRO H 51 4.79 -16.66 -41.46
CA PRO H 51 5.68 -17.37 -40.54
C PRO H 51 7.02 -16.64 -40.38
N ALA H 52 7.44 -16.50 -39.13
CA ALA H 52 8.71 -15.89 -38.82
C ALA H 52 9.00 -16.15 -37.38
N LYS H 53 10.16 -16.75 -37.11
CA LYS H 53 10.59 -17.07 -35.75
C LYS H 53 10.13 -18.46 -35.32
N GLY H 54 9.66 -19.26 -36.27
CA GLY H 54 9.21 -20.61 -35.96
C GLY H 54 7.83 -20.63 -35.34
N GLU H 55 7.06 -19.58 -35.59
CA GLU H 55 5.68 -19.49 -35.12
C GLU H 55 4.92 -18.74 -36.18
N THR H 56 3.59 -18.84 -36.16
CA THR H 56 2.78 -18.00 -37.02
C THR H 56 2.46 -16.62 -36.41
N ARG H 57 2.82 -15.56 -37.13
CA ARG H 57 2.50 -14.24 -36.66
C ARG H 57 1.33 -13.63 -37.43
N SER H 58 0.64 -12.68 -36.80
CA SER H 58 -0.61 -12.10 -37.29
C SER H 58 -0.54 -10.58 -37.32
N HIS H 59 -1.36 -9.96 -38.15
CA HIS H 59 -1.52 -8.52 -38.10
C HIS H 59 -2.91 -8.19 -38.60
N LEU H 60 -3.59 -7.25 -37.94
CA LEU H 60 -4.95 -6.84 -38.34
C LEU H 60 -4.99 -5.45 -38.97
N ILE H 61 -5.67 -5.30 -40.09
CA ILE H 61 -5.86 -3.97 -40.64
C ILE H 61 -7.34 -3.67 -40.83
N PRO H 62 -7.82 -2.55 -40.28
CA PRO H 62 -9.24 -2.26 -40.46
C PRO H 62 -9.62 -2.49 -41.94
N ALA H 63 -10.70 -3.24 -42.18
CA ALA H 63 -11.08 -3.63 -43.53
C ALA H 63 -11.08 -2.47 -44.50
N ASP H 64 -11.48 -1.29 -44.03
CA ASP H 64 -11.55 -0.11 -44.91
C ASP H 64 -10.17 0.34 -45.42
N ILE H 65 -9.21 0.51 -44.50
CA ILE H 65 -7.82 0.82 -44.82
C ILE H 65 -7.26 -0.14 -45.85
N PHE H 66 -7.45 -1.43 -45.58
CA PHE H 66 -6.84 -2.51 -46.37
C PHE H 66 -7.31 -2.54 -47.79
N LEU H 67 -8.61 -2.35 -47.99
CA LEU H 67 -9.21 -2.40 -49.32
C LEU H 67 -8.77 -1.24 -50.19
N ARG H 68 -8.91 -0.01 -49.68
CA ARG H 68 -8.40 1.15 -50.41
C ARG H 68 -6.95 0.95 -50.86
N ALA H 69 -6.14 0.35 -50.00
CA ALA H 69 -4.73 0.14 -50.30
C ALA H 69 -4.54 -0.93 -51.35
N MET H 70 -5.19 -2.06 -51.19
CA MET H 70 -5.03 -3.10 -52.18
C MET H 70 -5.60 -2.62 -53.51
N MET H 71 -6.68 -1.85 -53.46
CA MET H 71 -7.31 -1.35 -54.66
C MET H 71 -6.29 -0.62 -55.51
N ARG H 72 -5.51 0.26 -54.90
CA ARG H 72 -4.48 1.00 -55.60
C ARG H 72 -3.36 0.08 -56.08
N ASP H 73 -2.88 -0.79 -55.20
CA ASP H 73 -1.77 -1.65 -55.60
C ASP H 73 -2.15 -2.41 -56.86
N VAL H 74 -3.40 -2.86 -56.92
CA VAL H 74 -3.94 -3.65 -58.03
C VAL H 74 -4.19 -2.81 -59.27
N ALA H 75 -4.84 -1.67 -59.08
CA ALA H 75 -5.10 -0.75 -60.16
C ALA H 75 -3.77 -0.30 -60.80
N TRP H 76 -2.72 -0.23 -60.01
CA TRP H 76 -1.45 0.35 -60.46
C TRP H 76 -0.47 -0.64 -61.08
N GLY H 77 -0.90 -1.89 -61.23
CA GLY H 77 -0.01 -2.91 -61.79
C GLY H 77 1.16 -3.14 -60.86
N PHE H 78 0.94 -2.79 -59.59
CA PHE H 78 1.92 -2.93 -58.52
C PHE H 78 2.95 -1.80 -58.53
N PHE H 79 2.71 -0.80 -59.36
CA PHE H 79 3.47 0.43 -59.30
C PHE H 79 4.99 0.26 -59.32
N TYR H 80 5.67 1.21 -58.67
CA TYR H 80 7.11 1.25 -58.65
C TYR H 80 7.56 1.02 -57.23
N GLY H 81 8.51 0.12 -57.05
CA GLY H 81 9.18 0.03 -55.76
C GLY H 81 8.27 -0.42 -54.65
N TRP H 82 8.32 0.26 -53.50
CA TRP H 82 7.58 -0.21 -52.33
C TRP H 82 6.17 0.41 -52.22
N VAL H 83 5.15 -0.43 -52.13
CA VAL H 83 3.80 0.04 -51.82
C VAL H 83 3.39 -0.49 -50.46
N ASN H 84 3.21 0.38 -49.49
CA ASN H 84 2.90 -0.06 -48.13
C ASN H 84 1.46 0.21 -47.78
N PHE H 85 0.74 -0.84 -47.40
CA PHE H 85 -0.65 -0.74 -47.01
C PHE H 85 -0.71 0.00 -45.68
N ASP H 86 0.26 -0.28 -44.83
CA ASP H 86 0.39 0.38 -43.55
C ASP H 86 1.75 0.04 -43.02
N HIS H 87 1.97 0.18 -41.73
CA HIS H 87 3.32 0.12 -41.23
C HIS H 87 3.96 -1.29 -41.24
N VAL H 88 3.14 -2.32 -41.36
CA VAL H 88 3.67 -3.68 -41.41
C VAL H 88 3.72 -4.26 -42.82
N ILE H 89 2.61 -4.12 -43.54
CA ILE H 89 2.36 -4.83 -44.79
C ILE H 89 2.61 -4.05 -46.09
N GLY H 90 3.12 -4.73 -47.11
CA GLY H 90 3.30 -4.09 -48.41
C GLY H 90 3.86 -4.99 -49.50
N THR H 91 4.11 -4.39 -50.66
CA THR H 91 4.64 -5.11 -51.82
C THR H 91 5.74 -4.35 -52.54
N ARG H 92 6.77 -5.07 -52.95
CA ARG H 92 7.81 -4.47 -53.77
C ARG H 92 7.78 -5.09 -55.15
N ASN H 93 7.64 -4.24 -56.17
CA ASN H 93 7.57 -4.70 -57.55
C ASN H 93 8.94 -4.81 -58.24
N TYR H 94 9.26 -6.01 -58.69
CA TYR H 94 10.50 -6.26 -59.43
C TYR H 94 10.19 -6.38 -60.92
N TYR H 95 9.03 -5.84 -61.30
CA TYR H 95 8.54 -5.86 -62.69
C TYR H 95 8.74 -7.25 -63.32
N GLY H 96 7.71 -8.09 -63.20
CA GLY H 96 7.80 -9.47 -63.64
C GLY H 96 7.70 -10.43 -62.47
N LYS H 97 8.29 -10.01 -61.34
CA LYS H 97 8.08 -10.67 -60.05
C LYS H 97 7.68 -9.62 -59.00
N VAL H 98 6.98 -10.05 -57.95
CA VAL H 98 6.59 -9.15 -56.87
C VAL H 98 6.92 -9.77 -55.52
N ASP H 99 7.31 -8.94 -54.56
CA ASP H 99 7.47 -9.38 -53.18
C ASP H 99 6.24 -8.95 -52.39
N LEU H 100 5.74 -9.87 -51.56
CA LEU H 100 4.71 -9.51 -50.58
C LEU H 100 5.44 -9.63 -49.27
N TYR H 101 5.36 -8.60 -48.43
CA TYR H 101 6.16 -8.63 -47.21
C TYR H 101 5.39 -8.25 -45.96
N ALA H 102 5.80 -8.80 -44.84
CA ALA H 102 5.26 -8.35 -43.58
C ALA H 102 6.41 -7.90 -42.69
N GLY H 103 6.44 -6.62 -42.39
CA GLY H 103 7.43 -6.13 -41.45
C GLY H 103 8.81 -5.90 -42.05
N THR H 104 9.13 -6.57 -43.15
CA THR H 104 10.46 -6.41 -43.73
C THR H 104 10.89 -4.94 -43.79
N PHE H 105 9.98 -4.04 -44.15
CA PHE H 105 10.34 -2.65 -44.32
C PHE H 105 10.21 -1.82 -43.05
N ASN H 106 9.50 -2.35 -42.07
CA ASN H 106 9.44 -1.72 -40.75
C ASN H 106 10.74 -2.07 -39.96
N GLY H 107 11.51 -1.04 -39.61
CA GLY H 107 12.79 -1.26 -38.95
C GLY H 107 12.72 -2.03 -37.64
N THR H 108 11.77 -1.67 -36.79
CA THR H 108 11.63 -2.35 -35.50
C THR H 108 11.20 -3.80 -35.64
N LEU H 109 10.26 -4.04 -36.54
CA LEU H 109 9.79 -5.39 -36.77
C LEU H 109 10.92 -6.24 -37.32
N LYS H 110 11.75 -5.65 -38.15
CA LYS H 110 12.85 -6.39 -38.73
C LYS H 110 13.84 -6.75 -37.64
N ALA H 111 14.20 -5.77 -36.81
CA ALA H 111 15.21 -5.94 -35.77
C ALA H 111 14.81 -6.99 -34.74
N ALA H 112 13.54 -7.35 -34.70
CA ALA H 112 13.07 -8.39 -33.80
C ALA H 112 13.01 -9.76 -34.50
N GLY H 113 13.20 -9.75 -35.82
CA GLY H 113 13.20 -10.98 -36.59
C GLY H 113 11.81 -11.54 -36.71
N VAL H 114 10.82 -10.67 -36.67
CA VAL H 114 9.43 -11.09 -36.81
C VAL H 114 8.90 -10.97 -38.25
N ASN H 115 9.79 -10.59 -39.17
CA ASN H 115 9.37 -10.26 -40.54
C ASN H 115 9.51 -11.39 -41.55
N TYR H 116 8.78 -11.25 -42.65
CA TYR H 116 8.78 -12.25 -43.72
C TYR H 116 8.59 -11.63 -45.12
N THR H 117 9.29 -12.19 -46.11
CA THR H 117 9.06 -11.76 -47.49
C THR H 117 8.94 -12.97 -48.43
N GLU H 118 7.96 -12.96 -49.29
CA GLU H 118 7.91 -13.99 -50.33
C GLU H 118 7.80 -13.39 -51.70
N ASN H 119 8.37 -14.09 -52.66
CA ASN H 119 8.45 -13.62 -54.03
C ASN H 119 7.53 -14.41 -54.95
N PHE H 120 6.70 -13.71 -55.72
CA PHE H 120 5.72 -14.35 -56.58
C PHE H 120 5.79 -13.87 -58.01
N GLU H 121 5.38 -14.73 -58.95
CA GLU H 121 5.21 -14.31 -60.32
C GLU H 121 4.06 -13.30 -60.41
N THR H 122 4.29 -12.16 -61.03
CA THR H 122 3.27 -11.10 -61.07
C THR H 122 1.82 -11.53 -61.37
N PRO H 123 1.61 -12.47 -62.30
CA PRO H 123 0.21 -12.79 -62.56
C PRO H 123 -0.47 -13.58 -61.45
N LEU H 124 0.27 -14.23 -60.57
CA LEU H 124 -0.39 -15.00 -59.51
C LEU H 124 -0.90 -14.07 -58.44
N ILE H 125 0.00 -13.25 -57.92
CA ILE H 125 -0.34 -12.29 -56.88
C ILE H 125 -1.46 -11.39 -57.39
N MET H 126 -1.40 -11.05 -58.68
CA MET H 126 -2.39 -10.15 -59.26
C MET H 126 -3.76 -10.78 -59.31
N ALA H 127 -3.77 -12.06 -59.62
CA ALA H 127 -5.03 -12.77 -59.74
C ALA H 127 -5.58 -13.00 -58.36
N THR H 128 -4.69 -13.08 -57.37
CA THR H 128 -5.12 -13.27 -56.00
C THR H 128 -5.71 -11.98 -55.46
N PHE H 129 -5.00 -10.86 -55.65
CA PHE H 129 -5.49 -9.59 -55.17
C PHE H 129 -6.79 -9.18 -55.85
N LYS H 130 -6.98 -9.64 -57.08
CA LYS H 130 -8.17 -9.25 -57.83
C LYS H 130 -9.35 -9.97 -57.22
N ALA H 131 -9.13 -11.25 -56.91
CA ALA H 131 -10.11 -12.12 -56.27
C ALA H 131 -10.50 -11.61 -54.92
N ILE H 132 -9.52 -11.08 -54.20
CA ILE H 132 -9.75 -10.62 -52.84
C ILE H 132 -10.57 -9.37 -52.94
N LEU H 133 -10.15 -8.44 -53.79
CA LEU H 133 -10.95 -7.24 -53.99
C LEU H 133 -12.39 -7.58 -54.32
N ARG H 134 -12.57 -8.50 -55.27
CA ARG H 134 -13.92 -8.85 -55.71
C ARG H 134 -14.77 -9.32 -54.55
N ASP H 135 -14.23 -10.25 -53.77
CA ASP H 135 -14.97 -10.90 -52.67
C ASP H 135 -15.15 -10.12 -51.36
N TRP H 136 -14.36 -9.06 -51.13
CA TRP H 136 -14.39 -8.35 -49.85
C TRP H 136 -14.98 -6.96 -49.96
N THR H 137 -15.19 -6.50 -51.19
CA THR H 137 -15.78 -5.18 -51.40
C THR H 137 -17.27 -5.35 -51.55
N ASN H 138 -18.00 -5.05 -50.48
CA ASN H 138 -19.45 -5.08 -50.49
C ASN H 138 -20.03 -4.05 -51.44
N ALA H 139 -21.25 -4.30 -51.89
CA ALA H 139 -21.94 -3.44 -52.84
C ALA H 139 -22.12 -2.00 -52.35
N THR H 140 -21.70 -1.75 -51.12
CA THR H 140 -21.91 -0.43 -50.55
C THR H 140 -20.59 0.34 -50.41
N PHE H 141 -19.49 -0.32 -50.75
CA PHE H 141 -18.16 0.26 -50.56
C PHE H 141 -17.37 0.51 -51.85
N ASP H 142 -16.98 1.77 -52.05
CA ASP H 142 -16.14 2.13 -53.16
C ASP H 142 -14.70 2.46 -52.74
N PRO H 143 -13.78 1.49 -52.87
CA PRO H 143 -12.34 1.57 -52.57
C PRO H 143 -11.60 2.76 -53.19
N PHE H 144 -12.05 3.21 -54.36
CA PHE H 144 -11.43 4.37 -55.00
C PHE H 144 -11.94 5.68 -54.43
N ALA H 145 -13.11 5.64 -53.79
CA ALA H 145 -13.73 6.87 -53.29
C ALA H 145 -13.25 7.33 -51.89
N ALA H 146 -13.40 8.62 -51.64
CA ALA H 146 -13.12 9.18 -50.33
C ALA H 146 -14.26 8.81 -49.37
N PRO H 147 -13.99 8.86 -48.07
CA PRO H 147 -14.97 8.46 -47.04
C PRO H 147 -16.35 9.09 -47.14
N GLU H 148 -16.44 10.41 -47.23
CA GLU H 148 -17.74 11.09 -47.35
C GLU H 148 -18.59 10.63 -48.55
N GLU H 149 -17.92 10.10 -49.58
CA GLU H 149 -18.50 9.73 -50.87
C GLU H 149 -19.01 8.29 -50.97
N THR H 150 -18.73 7.46 -49.98
CA THR H 150 -19.10 6.05 -50.08
C THR H 150 -19.59 5.50 -48.75
N GLY H 151 -19.80 4.20 -48.69
CA GLY H 151 -20.37 3.58 -47.51
C GLY H 151 -19.36 2.82 -46.69
N SER H 152 -19.84 1.86 -45.91
CA SER H 152 -18.97 1.18 -44.97
C SER H 152 -18.36 -0.12 -45.52
N ALA H 153 -17.10 -0.36 -45.17
CA ALA H 153 -16.40 -1.57 -45.55
C ALA H 153 -16.81 -2.68 -44.61
N PHE H 154 -17.60 -2.33 -43.61
CA PHE H 154 -17.81 -3.20 -42.46
C PHE H 154 -19.10 -3.98 -42.57
N GLY H 155 -19.17 -5.09 -41.84
CA GLY H 155 -20.35 -5.95 -41.83
C GLY H 155 -20.00 -7.29 -42.41
N ARG H 156 -21.02 -8.12 -42.63
CA ARG H 156 -20.81 -9.39 -43.29
C ARG H 156 -20.95 -9.26 -44.81
N LYS H 157 -20.57 -10.31 -45.55
CA LYS H 157 -20.57 -10.21 -47.01
C LYS H 157 -21.92 -9.76 -47.51
N ASN H 158 -21.92 -8.76 -48.38
CA ASN H 158 -23.14 -8.19 -48.93
C ASN H 158 -23.01 -7.80 -50.42
N GLY H 159 -23.16 -8.80 -51.30
CA GLY H 159 -23.15 -8.53 -52.73
C GLY H 159 -21.78 -8.05 -53.19
N GLU H 160 -21.67 -7.66 -54.45
CA GLU H 160 -20.40 -7.18 -54.98
C GLU H 160 -20.46 -5.72 -55.44
N ASN H 161 -19.36 -5.26 -55.99
CA ASN H 161 -19.32 -3.92 -56.54
C ASN H 161 -18.32 -3.87 -57.68
N LEU H 162 -18.59 -4.63 -58.74
CA LEU H 162 -17.67 -4.71 -59.86
C LEU H 162 -17.67 -3.42 -60.65
N GLU H 163 -18.78 -2.69 -60.59
CA GLU H 163 -18.86 -1.43 -61.32
C GLU H 163 -17.84 -0.42 -60.79
N CYS H 164 -17.18 -0.78 -59.69
CA CYS H 164 -16.24 0.12 -59.02
C CYS H 164 -14.81 -0.38 -58.94
N ILE H 165 -14.62 -1.68 -58.72
CA ILE H 165 -13.28 -2.23 -58.63
C ILE H 165 -12.84 -2.80 -59.96
N GLU H 166 -13.75 -2.76 -60.93
CA GLU H 166 -13.55 -3.36 -62.24
C GLU H 166 -13.71 -2.29 -63.32
N ARG H 167 -13.11 -1.11 -63.12
CA ARG H 167 -13.18 -0.06 -64.13
C ARG H 167 -12.26 -0.37 -65.29
N PHE H 168 -12.39 0.41 -66.37
CA PHE H 168 -11.62 0.23 -67.59
C PHE H 168 -11.10 1.58 -68.02
N ARG H 169 -9.80 1.63 -68.31
CA ARG H 169 -9.20 2.83 -68.87
C ARG H 169 -8.51 2.48 -70.16
N ILE H 170 -8.77 3.27 -71.19
CA ILE H 170 -8.00 3.14 -72.42
C ILE H 170 -6.64 3.79 -72.17
N ALA H 171 -5.59 2.97 -72.25
CA ALA H 171 -4.25 3.49 -72.04
C ALA H 171 -4.02 4.69 -72.96
N THR H 172 -3.71 5.83 -72.38
CA THR H 172 -3.31 7.00 -73.15
C THR H 172 -2.05 6.67 -73.94
N LYS H 173 -2.11 6.90 -75.26
CA LYS H 173 -0.97 6.67 -76.17
C LYS H 173 -0.16 7.96 -76.39
N ARG H 174 -0.85 9.08 -76.55
CA ARG H 174 -0.21 10.37 -76.79
C ARG H 174 -0.97 11.43 -76.03
N MET H 175 -2.28 11.49 -76.25
CA MET H 175 -3.12 12.45 -75.51
C MET H 175 -4.59 12.03 -75.55
N PRO H 176 -5.32 12.31 -74.48
CA PRO H 176 -6.78 12.18 -74.49
C PRO H 176 -7.41 13.17 -75.44
N GLY H 177 -8.41 12.74 -76.20
CA GLY H 177 -9.06 13.61 -77.17
C GLY H 177 -8.67 13.29 -78.60
N LEU H 178 -7.72 12.37 -78.76
CA LEU H 178 -7.24 11.94 -80.08
C LEU H 178 -8.02 10.72 -80.55
N GLN H 179 -8.10 10.56 -81.86
CA GLN H 179 -9.05 9.64 -82.50
C GLN H 179 -8.86 8.16 -82.15
N ASP H 180 -7.63 7.79 -81.83
CA ASP H 180 -7.31 6.41 -81.46
C ASP H 180 -6.98 6.28 -79.96
N ASP H 181 -7.04 7.39 -79.24
CA ASP H 181 -6.51 7.50 -77.89
C ASP H 181 -7.62 7.43 -76.84
N SER H 182 -7.23 7.48 -75.57
CA SER H 182 -8.20 7.51 -74.49
C SER H 182 -9.14 8.71 -74.67
N PRO H 183 -10.38 8.53 -74.22
CA PRO H 183 -11.46 9.51 -74.41
C PRO H 183 -11.40 10.64 -73.41
N LEU H 184 -12.02 11.76 -73.75
CA LEU H 184 -12.25 12.79 -72.74
C LEU H 184 -13.47 12.35 -71.94
N ARG H 185 -13.89 13.18 -70.99
CA ARG H 185 -14.91 12.78 -70.01
C ARG H 185 -16.15 13.66 -70.02
N ASN H 186 -16.73 13.88 -71.19
CA ASN H 186 -17.91 14.72 -71.26
C ASN H 186 -19.16 14.03 -70.69
N ASP H 187 -19.08 12.71 -70.57
CA ASP H 187 -20.20 11.87 -70.12
C ASP H 187 -20.12 11.54 -68.62
N LEU H 188 -19.46 12.41 -67.85
CA LEU H 188 -19.23 12.16 -66.43
C LEU H 188 -19.64 13.34 -65.58
N PRO H 189 -20.40 13.08 -64.52
CA PRO H 189 -20.73 14.23 -63.67
C PRO H 189 -19.47 14.90 -63.11
N VAL H 190 -19.58 16.20 -62.85
CA VAL H 190 -18.56 16.94 -62.12
C VAL H 190 -18.64 16.53 -60.66
N ASN H 191 -17.50 16.47 -59.98
CA ASN H 191 -17.49 16.09 -58.59
C ASN H 191 -17.88 17.25 -57.65
N ARG H 192 -18.63 16.95 -56.59
CA ARG H 192 -19.24 18.00 -55.76
C ARG H 192 -18.22 19.01 -55.23
N GLN H 193 -16.99 18.56 -54.98
CA GLN H 193 -16.00 19.47 -54.43
C GLN H 193 -15.30 20.28 -55.50
N PHE H 194 -15.66 20.03 -56.75
CA PHE H 194 -15.11 20.78 -57.86
C PHE H 194 -16.20 21.55 -58.56
N ALA H 195 -17.39 21.57 -57.96
CA ALA H 195 -18.55 22.19 -58.57
C ALA H 195 -18.20 23.53 -59.21
N ASP H 196 -17.31 24.28 -58.56
CA ASP H 196 -17.00 25.64 -58.98
C ASP H 196 -15.93 25.79 -60.08
N VAL H 197 -15.55 24.70 -60.75
CA VAL H 197 -14.53 24.75 -61.80
C VAL H 197 -15.10 24.87 -63.22
N SER H 198 -14.48 25.75 -64.04
CA SER H 198 -14.98 26.05 -65.39
C SER H 198 -15.01 24.87 -66.37
N GLN H 199 -16.18 24.68 -67.00
CA GLN H 199 -16.39 23.57 -67.92
C GLN H 199 -16.11 23.97 -69.37
N ASP H 200 -15.64 25.22 -69.54
CA ASP H 200 -15.32 25.79 -70.85
C ASP H 200 -14.11 25.11 -71.48
N GLU H 201 -14.27 24.64 -72.72
CA GLU H 201 -13.18 24.01 -73.46
C GLU H 201 -12.29 25.07 -74.12
N PRO H 202 -11.18 24.63 -74.75
CA PRO H 202 -10.43 25.65 -75.47
C PRO H 202 -11.06 25.90 -76.86
N GLU H 203 -10.59 26.93 -77.56
CA GLU H 203 -11.03 27.18 -78.93
C GLU H 203 -10.06 26.51 -79.88
N VAL H 204 -10.55 25.61 -80.74
CA VAL H 204 -9.65 24.97 -81.70
C VAL H 204 -9.98 25.32 -83.18
N HIS H 205 -9.29 26.33 -83.70
CA HIS H 205 -9.52 26.83 -85.06
C HIS H 205 -8.55 26.20 -86.09
N ALA H 206 -8.82 24.95 -86.46
CA ALA H 206 -8.02 24.23 -87.45
C ALA H 206 -8.06 24.93 -88.79
N ALA H 207 -6.90 25.29 -89.32
CA ALA H 207 -6.83 26.02 -90.58
C ALA H 207 -7.64 25.34 -91.68
N GLU H 208 -8.01 26.11 -92.69
CA GLU H 208 -8.74 25.59 -93.85
C GLU H 208 -8.00 24.45 -94.56
N GLY H 209 -8.64 23.28 -94.64
CA GLY H 209 -8.01 22.10 -95.20
C GLY H 209 -7.20 21.36 -94.15
N PHE H 210 -7.50 21.64 -92.89
CA PHE H 210 -6.73 21.06 -91.80
C PHE H 210 -7.58 20.69 -90.57
N GLU H 211 -8.90 20.72 -90.72
CA GLU H 211 -9.82 20.31 -89.65
C GLU H 211 -9.38 19.00 -88.98
N GLY H 212 -9.35 18.99 -87.64
CA GLY H 212 -9.01 17.80 -86.87
C GLY H 212 -7.53 17.44 -86.82
N GLU H 213 -6.67 18.45 -86.93
CA GLU H 213 -5.22 18.25 -86.94
C GLU H 213 -4.56 18.87 -85.69
N LEU H 214 -5.29 19.76 -85.02
CA LEU H 214 -4.85 20.38 -83.76
C LEU H 214 -5.63 19.80 -82.57
N HIS H 215 -4.95 19.52 -81.46
CA HIS H 215 -5.57 18.85 -80.32
C HIS H 215 -5.43 19.61 -78.98
N ALA H 216 -6.57 19.85 -78.32
CA ALA H 216 -6.61 20.58 -77.08
C ALA H 216 -7.88 20.25 -76.29
N PHE H 217 -7.80 20.37 -74.96
CA PHE H 217 -8.96 20.17 -74.08
C PHE H 217 -8.72 20.83 -72.74
N SER H 218 -9.76 20.87 -71.91
CA SER H 218 -9.63 21.42 -70.56
C SER H 218 -9.15 20.34 -69.58
N LEU H 219 -7.93 20.49 -69.08
CA LEU H 219 -7.38 19.55 -68.12
C LEU H 219 -8.02 19.75 -66.76
N PHE H 220 -8.57 20.94 -66.51
CA PHE H 220 -9.30 21.20 -65.27
C PHE H 220 -10.71 20.64 -65.31
N LYS H 221 -11.24 20.45 -66.51
CA LYS H 221 -12.54 19.83 -66.66
C LYS H 221 -12.38 18.33 -66.56
N TYR H 222 -11.32 17.82 -67.17
CA TYR H 222 -11.00 16.40 -67.15
C TYR H 222 -10.84 15.86 -65.73
N LEU H 223 -10.16 16.64 -64.87
CA LEU H 223 -9.93 16.25 -63.48
C LEU H 223 -11.18 16.57 -62.64
N SER H 224 -11.77 17.73 -62.90
CA SER H 224 -13.09 18.09 -62.42
C SER H 224 -14.08 16.92 -62.45
N ARG H 225 -13.77 15.92 -63.25
CA ARG H 225 -14.71 14.85 -63.48
C ARG H 225 -14.09 13.52 -63.11
N SER H 226 -12.98 13.57 -62.39
CA SER H 226 -12.36 12.35 -61.90
C SER H 226 -13.34 11.70 -60.93
N ASP H 227 -13.53 10.40 -61.09
CA ASP H 227 -14.48 9.62 -60.30
C ASP H 227 -13.72 8.82 -59.24
N VAL H 228 -12.40 8.86 -59.37
CA VAL H 228 -11.53 8.15 -58.48
C VAL H 228 -10.67 9.11 -57.68
N THR H 229 -9.93 8.55 -56.73
CA THR H 229 -9.21 9.35 -55.78
C THR H 229 -7.83 8.71 -55.57
N TRP H 230 -6.79 9.54 -55.66
CA TRP H 230 -5.43 9.05 -55.51
C TRP H 230 -5.12 8.01 -56.56
N ASN H 231 -5.22 8.40 -57.83
CA ASN H 231 -4.95 7.49 -58.94
C ASN H 231 -4.37 8.20 -60.14
N PRO H 232 -3.02 8.34 -60.19
CA PRO H 232 -2.33 8.90 -61.36
C PRO H 232 -2.74 8.18 -62.64
N SER H 233 -3.25 8.94 -63.59
CA SER H 233 -3.56 8.40 -64.91
C SER H 233 -2.95 9.33 -65.95
N VAL H 234 -2.41 8.75 -67.03
CA VAL H 234 -1.63 9.51 -68.01
C VAL H 234 -2.45 10.49 -68.86
N THR H 235 -1.96 11.73 -68.99
CA THR H 235 -2.58 12.71 -69.89
C THR H 235 -1.62 13.38 -70.87
N SER H 236 -0.47 12.75 -71.13
CA SER H 236 0.45 13.25 -72.14
C SER H 236 1.77 12.49 -72.11
N VAL H 237 2.15 11.99 -73.26
CA VAL H 237 3.36 11.20 -73.40
C VAL H 237 4.35 11.93 -74.26
N CYS H 238 5.62 11.79 -73.91
CA CYS H 238 6.66 12.45 -74.66
C CYS H 238 7.88 11.58 -74.46
N LYS H 239 8.05 10.61 -75.33
CA LYS H 239 8.99 9.54 -75.07
C LYS H 239 8.65 9.00 -73.68
N ALA H 240 9.65 8.82 -72.82
CA ALA H 240 9.39 8.25 -71.50
C ALA H 240 8.76 9.23 -70.47
N SER H 241 8.71 10.53 -70.80
CA SER H 241 8.11 11.55 -69.93
C SER H 241 6.58 11.51 -69.94
N LEU H 242 5.99 11.09 -68.82
CA LEU H 242 4.54 11.01 -68.70
C LEU H 242 4.00 12.03 -67.70
N PHE H 243 2.88 12.66 -68.04
CA PHE H 243 2.16 13.51 -67.09
C PHE H 243 0.96 12.72 -66.55
N CYS H 244 0.93 12.50 -65.25
CA CYS H 244 -0.16 11.74 -64.65
C CYS H 244 -0.87 12.56 -63.59
N PRO H 245 -1.83 13.40 -63.99
CA PRO H 245 -2.52 14.06 -62.89
C PRO H 245 -3.50 13.10 -62.21
N THR H 246 -4.06 13.57 -61.10
CA THR H 246 -5.02 12.81 -60.33
C THR H 246 -5.71 13.76 -59.36
N THR H 247 -6.89 13.38 -58.88
CA THR H 247 -7.59 14.17 -57.86
C THR H 247 -7.40 13.59 -56.46
N GLU H 248 -6.91 14.38 -55.50
CA GLU H 248 -6.60 13.86 -54.16
C GLU H 248 -7.55 14.33 -53.06
N GLU H 249 -7.94 13.42 -52.18
CA GLU H 249 -8.85 13.74 -51.09
C GLU H 249 -8.72 12.75 -49.94
N PHE H 250 -8.61 13.30 -48.73
CA PHE H 250 -8.40 12.55 -47.49
C PHE H 250 -6.93 12.13 -47.35
N ILE H 251 -6.70 10.82 -47.17
CA ILE H 251 -5.35 10.31 -46.97
C ILE H 251 -4.98 9.32 -48.07
N LEU H 252 -3.85 9.54 -48.72
CA LEU H 252 -3.35 8.59 -49.70
C LEU H 252 -3.31 7.20 -49.08
N PRO H 253 -4.07 6.26 -49.65
CA PRO H 253 -4.31 4.91 -49.12
C PRO H 253 -3.06 4.10 -48.82
N VAL H 254 -1.93 4.40 -49.45
CA VAL H 254 -0.69 3.73 -49.08
C VAL H 254 0.33 4.76 -48.66
N PHE H 255 1.43 4.34 -48.03
CA PHE H 255 2.61 5.22 -48.01
C PHE H 255 3.71 4.65 -48.89
N HIS H 256 4.08 5.46 -49.89
CA HIS H 256 4.89 5.01 -51.01
C HIS H 256 6.39 5.08 -50.74
N GLY H 257 7.07 3.98 -51.05
CA GLY H 257 8.51 3.91 -51.04
C GLY H 257 9.00 4.09 -52.46
N ASN H 258 9.84 5.10 -52.65
CA ASN H 258 10.30 5.48 -53.99
C ASN H 258 11.48 4.63 -54.48
N ASP H 259 11.47 4.27 -55.76
CA ASP H 259 12.62 3.58 -56.32
C ASP H 259 13.30 4.44 -57.38
N ARG H 260 12.93 5.72 -57.38
CA ARG H 260 13.42 6.67 -58.36
C ARG H 260 12.88 8.03 -57.95
N VAL H 261 13.15 9.05 -58.76
CA VAL H 261 12.72 10.38 -58.40
C VAL H 261 11.32 10.64 -58.97
N GLU H 262 10.38 10.99 -58.07
CA GLU H 262 9.03 11.43 -58.45
C GLU H 262 9.08 12.96 -58.41
N TRP H 263 8.32 13.63 -59.25
CA TRP H 263 8.19 15.08 -59.13
C TRP H 263 6.73 15.39 -58.98
N PHE H 264 6.38 16.42 -58.23
CA PHE H 264 4.98 16.77 -58.05
C PHE H 264 4.74 18.22 -58.43
N ILE H 265 3.61 18.49 -59.07
CA ILE H 265 3.16 19.88 -59.25
C ILE H 265 1.73 20.02 -58.82
N GLN H 266 1.53 20.69 -57.71
CA GLN H 266 0.19 20.92 -57.20
C GLN H 266 -0.46 21.92 -58.13
N MET H 267 -1.72 21.69 -58.48
CA MET H 267 -2.41 22.63 -59.34
C MET H 267 -3.55 23.33 -58.63
N SER H 268 -4.10 22.70 -57.60
CA SER H 268 -5.19 23.32 -56.86
C SER H 268 -5.19 22.97 -55.38
N ASP H 269 -5.69 23.90 -54.57
CA ASP H 269 -5.78 23.72 -53.12
C ASP H 269 -4.46 23.25 -52.58
N GLU H 270 -4.49 22.38 -51.57
CA GLU H 270 -3.24 21.93 -50.96
C GLU H 270 -3.21 20.48 -50.50
N ILE H 271 -2.00 20.00 -50.26
CA ILE H 271 -1.70 18.65 -49.83
C ILE H 271 -0.56 18.70 -48.83
N VAL H 272 -0.64 17.91 -47.76
CA VAL H 272 0.49 17.84 -46.84
C VAL H 272 1.15 16.49 -47.00
N TRP H 273 2.49 16.49 -47.02
CA TRP H 273 3.24 15.27 -47.25
C TRP H 273 4.12 14.95 -46.07
N ASP H 274 3.89 13.79 -45.48
CA ASP H 274 4.76 13.27 -44.44
C ASP H 274 5.80 12.40 -45.13
N VAL H 275 7.03 12.92 -45.19
CA VAL H 275 8.13 12.28 -45.90
C VAL H 275 9.11 11.69 -44.91
N GLY H 276 9.44 10.41 -45.07
CA GLY H 276 10.35 9.76 -44.14
C GLY H 276 11.36 8.76 -44.70
N ASP H 277 12.51 8.64 -44.03
CA ASP H 277 13.52 7.61 -44.35
C ASP H 277 12.86 6.39 -44.93
N LYS H 278 13.47 5.76 -45.92
CA LYS H 278 12.79 4.61 -46.52
C LYS H 278 12.83 3.38 -45.60
N ASP H 279 13.36 3.56 -44.38
CA ASP H 279 13.31 2.49 -43.37
C ASP H 279 13.16 2.92 -41.89
N ASP H 280 13.95 3.91 -41.47
CA ASP H 280 13.89 4.45 -40.12
C ASP H 280 12.55 5.14 -39.81
N GLY H 281 11.85 5.58 -40.85
CA GLY H 281 10.60 6.28 -40.68
C GLY H 281 10.94 7.70 -40.30
N ASN H 282 12.24 7.95 -40.24
CA ASN H 282 12.77 9.28 -39.93
C ASN H 282 11.84 10.39 -40.39
N PRO H 283 11.13 11.04 -39.46
CA PRO H 283 10.68 12.37 -39.85
C PRO H 283 11.81 13.02 -40.63
N ARG H 284 11.75 12.93 -41.96
CA ARG H 284 12.76 13.58 -42.78
C ARG H 284 12.23 14.99 -43.05
N ALA H 285 10.95 15.07 -43.37
CA ALA H 285 10.30 16.36 -43.56
C ALA H 285 8.79 16.29 -43.58
N ARG H 286 8.20 17.46 -43.50
CA ARG H 286 6.76 17.63 -43.58
C ARG H 286 6.45 18.75 -44.56
N ILE H 287 6.31 18.38 -45.84
CA ILE H 287 6.15 19.32 -46.93
C ILE H 287 4.70 19.70 -47.21
N THR H 288 4.43 21.00 -47.26
CA THR H 288 3.09 21.49 -47.52
C THR H 288 3.08 22.20 -48.86
N MET H 289 2.37 21.63 -49.83
CA MET H 289 2.28 22.23 -51.16
C MET H 289 1.00 23.00 -51.42
N ARG H 290 1.15 24.23 -51.87
CA ARG H 290 0.01 25.05 -52.28
C ARG H 290 -0.07 25.10 -53.81
N ALA H 291 -1.03 25.87 -54.33
CA ALA H 291 -1.23 25.93 -55.78
C ALA H 291 0.01 26.53 -56.42
N GLY H 292 0.60 25.76 -57.33
CA GLY H 292 1.74 26.22 -58.09
C GLY H 292 3.03 25.57 -57.62
N ASP H 293 2.99 24.97 -56.44
CA ASP H 293 4.21 24.45 -55.87
C ASP H 293 4.76 23.29 -56.65
N VAL H 294 6.10 23.24 -56.78
CA VAL H 294 6.75 22.13 -57.45
C VAL H 294 7.81 21.60 -56.53
N CYS H 295 7.97 20.28 -56.52
CA CYS H 295 8.89 19.64 -55.60
C CYS H 295 9.24 18.20 -55.98
N ALA H 296 10.46 17.80 -55.67
CA ALA H 296 10.97 16.47 -55.99
C ALA H 296 10.95 15.49 -54.80
N MET H 297 10.64 14.23 -55.08
CA MET H 297 10.65 13.18 -54.06
C MET H 297 11.84 12.27 -54.30
N PRO H 298 12.91 12.49 -53.54
CA PRO H 298 14.14 11.71 -53.54
C PRO H 298 13.81 10.25 -53.61
N ALA H 299 14.72 9.42 -54.09
CA ALA H 299 14.39 8.00 -54.19
C ALA H 299 14.67 7.26 -52.90
N ASP H 300 15.29 7.95 -51.94
CA ASP H 300 15.62 7.31 -50.66
C ASP H 300 14.53 7.46 -49.56
N ILE H 301 13.44 8.13 -49.89
CA ILE H 301 12.38 8.37 -48.92
C ILE H 301 11.05 7.75 -49.31
N ARG H 302 10.21 7.56 -48.29
CA ARG H 302 8.82 7.12 -48.43
C ARG H 302 7.89 8.30 -48.13
N HIS H 303 6.75 8.36 -48.80
CA HIS H 303 5.90 9.54 -48.68
C HIS H 303 4.43 9.22 -48.56
N GLN H 304 3.70 10.03 -47.80
CA GLN H 304 2.24 9.91 -47.76
C GLN H 304 1.54 11.26 -47.65
N GLY H 305 0.43 11.43 -48.37
CA GLY H 305 -0.20 12.73 -48.51
C GLY H 305 -1.51 12.95 -47.79
N TYR H 306 -1.76 14.20 -47.39
CA TYR H 306 -2.96 14.57 -46.64
C TYR H 306 -3.68 15.76 -47.29
N SER H 307 -4.90 15.50 -47.74
CA SER H 307 -5.58 16.51 -48.55
C SER H 307 -6.99 16.77 -48.07
N THR H 308 -7.17 17.82 -47.26
CA THR H 308 -8.48 18.10 -46.69
C THR H 308 -9.53 18.27 -47.78
N LYS H 309 -9.34 19.18 -48.70
CA LYS H 309 -10.26 19.26 -49.81
C LYS H 309 -9.71 18.58 -51.06
N ARG H 310 -10.61 17.90 -51.77
CA ARG H 310 -10.30 17.28 -53.06
C ARG H 310 -9.44 18.21 -53.91
N SER H 311 -8.35 17.69 -54.45
CA SER H 311 -7.33 18.55 -55.05
C SER H 311 -6.82 18.03 -56.39
N MET H 312 -6.14 18.90 -57.13
CA MET H 312 -5.55 18.53 -58.41
C MET H 312 -4.05 18.47 -58.33
N LEU H 313 -3.52 17.27 -58.49
CA LEU H 313 -2.09 17.06 -58.41
C LEU H 313 -1.56 16.57 -59.73
N MET H 314 -0.38 17.06 -60.10
CA MET H 314 0.30 16.49 -61.25
C MET H 314 1.46 15.67 -60.78
N VAL H 315 1.48 14.42 -61.18
CA VAL H 315 2.61 13.58 -60.90
C VAL H 315 3.35 13.39 -62.21
N TRP H 316 4.65 13.61 -62.17
CA TRP H 316 5.43 13.58 -63.39
C TRP H 316 6.38 12.39 -63.36
N GLU H 317 6.07 11.37 -64.16
CA GLU H 317 6.83 10.11 -64.16
C GLU H 317 7.92 10.07 -65.23
N ASN H 318 8.97 9.28 -65.02
CA ASN H 318 9.90 8.91 -66.08
C ASN H 318 9.91 7.39 -66.22
N ALA H 319 9.50 6.91 -67.40
CA ALA H 319 9.28 5.49 -67.64
C ALA H 319 10.46 4.77 -68.32
N THR H 320 11.64 5.37 -68.28
CA THR H 320 12.86 4.70 -68.73
C THR H 320 13.11 3.39 -67.94
N PRO H 321 13.30 2.29 -68.68
CA PRO H 321 13.31 0.88 -68.23
C PRO H 321 14.46 0.44 -67.32
N ASN H 322 15.53 1.22 -67.23
CA ASN H 322 16.63 0.77 -66.37
C ASN H 322 16.83 1.56 -65.05
N LEU H 323 16.12 2.70 -64.93
CA LEU H 323 16.23 3.60 -63.78
C LEU H 323 16.60 2.99 -62.42
N PRO H 324 15.83 2.00 -61.94
CA PRO H 324 16.10 1.44 -60.61
C PRO H 324 17.52 0.86 -60.42
N HIS H 325 18.08 0.12 -61.38
CA HIS H 325 19.47 -0.34 -61.26
C HIS H 325 20.42 0.83 -60.96
N LEU H 326 20.13 2.00 -61.52
CA LEU H 326 21.00 3.16 -61.36
C LEU H 326 21.11 3.64 -59.93
N TYR H 327 19.96 3.77 -59.27
CA TYR H 327 19.94 4.25 -57.89
C TYR H 327 20.42 3.16 -56.95
N GLU H 328 19.90 1.95 -57.16
CA GLU H 328 20.44 0.71 -56.56
C GLU H 328 21.97 0.69 -56.54
N SER H 329 22.58 0.60 -57.72
CA SER H 329 24.04 0.53 -57.83
C SER H 329 24.72 1.68 -57.10
N GLY H 330 24.04 2.82 -57.05
CA GLY H 330 24.62 4.05 -56.53
C GLY H 330 25.04 5.00 -57.65
N GLU H 331 25.00 4.52 -58.89
CA GLU H 331 25.39 5.34 -60.03
C GLU H 331 24.63 6.66 -60.03
N LEU H 332 23.45 6.68 -59.42
CA LEU H 332 22.64 7.89 -59.38
C LEU H 332 22.31 8.33 -57.96
N LYS H 333 22.50 9.62 -57.69
CA LYS H 333 22.18 10.20 -56.40
C LYS H 333 20.67 10.23 -56.17
N PRO H 334 20.25 9.97 -54.93
CA PRO H 334 18.84 9.94 -54.55
C PRO H 334 18.09 11.24 -54.83
N TYR H 335 18.65 12.39 -54.49
CA TYR H 335 18.04 13.66 -54.87
C TYR H 335 18.46 13.97 -56.29
N PRO H 336 17.66 14.81 -56.98
CA PRO H 336 17.78 14.95 -58.43
C PRO H 336 18.77 16.01 -58.88
N ILE H 337 18.86 17.11 -58.14
CA ILE H 337 19.69 18.24 -58.53
C ILE H 337 20.69 18.59 -57.45
N GLU H 338 21.86 19.04 -57.90
CA GLU H 338 22.90 19.57 -57.02
C GLU H 338 23.05 21.10 -57.21
N PHE H 339 22.80 21.84 -56.14
CA PHE H 339 22.89 23.30 -56.18
C PHE H 339 23.07 23.90 -54.78
FE FE I . -3.63 -0.48 -19.61
FE FE J . 6.00 -2.16 19.45
#